data_2KVV
#
_entry.id   2KVV
#
_entity_poly.entity_id   1
_entity_poly.type   'polypeptide(L)'
_entity_poly.pdbx_seq_one_letter_code
;MAQIIFNEEWMVEKALMVRTGLGARQIESYRQGAWIEGVHFKRVSPSGEKTLRGTTWYNYPEINKFIRDSLEHHHHHH
;
_entity_poly.pdbx_strand_id   A
#
# COMPACT_ATOMS: atom_id res chain seq x y z
N MET A 1 5.55 -14.26 23.23
CA MET A 1 4.94 -14.72 21.96
C MET A 1 3.61 -15.43 22.21
N ALA A 2 2.50 -14.73 21.98
CA ALA A 2 1.16 -15.30 22.13
C ALA A 2 0.77 -16.14 20.90
N GLN A 3 0.85 -15.53 19.73
CA GLN A 3 0.57 -16.22 18.46
C GLN A 3 1.07 -15.40 17.27
N ILE A 4 1.73 -16.05 16.31
CA ILE A 4 2.24 -15.38 15.12
C ILE A 4 1.10 -14.97 14.17
N ILE A 5 0.58 -13.77 14.37
CA ILE A 5 -0.48 -13.23 13.51
C ILE A 5 0.11 -12.32 12.42
N PHE A 6 -0.44 -12.42 11.21
CA PHE A 6 0.07 -11.64 10.07
C PHE A 6 -0.93 -10.56 9.64
N ASN A 7 -0.42 -9.40 9.22
CA ASN A 7 -1.26 -8.33 8.67
C ASN A 7 -1.69 -8.68 7.24
N GLU A 8 -2.87 -9.29 7.11
CA GLU A 8 -3.39 -9.69 5.80
C GLU A 8 -4.32 -8.63 5.19
N GLU A 9 -4.11 -7.37 5.55
CA GLU A 9 -4.86 -6.25 4.97
C GLU A 9 -4.32 -5.89 3.58
N TRP A 10 -4.28 -6.87 2.69
CA TRP A 10 -3.91 -6.67 1.29
C TRP A 10 -5.15 -6.34 0.46
N MET A 11 -5.09 -5.25 -0.30
CA MET A 11 -6.24 -4.82 -1.10
C MET A 11 -5.81 -4.11 -2.39
N VAL A 12 -6.62 -4.24 -3.43
CA VAL A 12 -6.33 -3.63 -4.74
C VAL A 12 -6.47 -2.09 -4.71
N GLU A 13 -6.15 -1.44 -5.83
CA GLU A 13 -6.14 0.02 -5.92
C GLU A 13 -7.49 0.64 -5.52
N LYS A 14 -8.56 0.24 -6.22
CA LYS A 14 -9.90 0.79 -5.97
C LYS A 14 -10.40 0.46 -4.55
N ALA A 15 -10.04 -0.71 -4.04
CA ALA A 15 -10.41 -1.07 -2.66
C ALA A 15 -9.64 -0.22 -1.63
N LEU A 16 -8.35 -0.02 -1.89
CA LEU A 16 -7.47 0.73 -0.99
C LEU A 16 -7.96 2.17 -0.79
N MET A 17 -8.29 2.86 -1.89
CA MET A 17 -8.76 4.25 -1.81
C MET A 17 -10.02 4.37 -0.94
N VAL A 18 -10.86 3.34 -0.96
CA VAL A 18 -12.08 3.31 -0.14
C VAL A 18 -11.76 3.05 1.35
N ARG A 19 -10.82 2.14 1.60
CA ARG A 19 -10.42 1.78 2.97
C ARG A 19 -9.61 2.89 3.65
N THR A 20 -8.85 3.65 2.87
CA THR A 20 -8.02 4.74 3.42
C THR A 20 -8.71 6.11 3.33
N GLY A 21 -9.56 6.29 2.31
CA GLY A 21 -10.23 7.57 2.10
C GLY A 21 -9.55 8.45 1.04
N LEU A 22 -8.56 7.89 0.35
CA LEU A 22 -7.81 8.62 -0.69
C LEU A 22 -8.46 8.45 -2.08
N GLY A 23 -7.91 9.16 -3.07
CA GLY A 23 -8.36 9.02 -4.46
C GLY A 23 -7.27 8.48 -5.37
N ALA A 24 -7.68 7.95 -6.53
CA ALA A 24 -6.73 7.34 -7.49
C ALA A 24 -5.56 8.27 -7.84
N ARG A 25 -5.86 9.55 -8.04
CA ARG A 25 -4.83 10.54 -8.39
C ARG A 25 -3.79 10.69 -7.26
N GLN A 26 -4.26 10.74 -6.02
CA GLN A 26 -3.37 10.92 -4.88
C GLN A 26 -2.48 9.67 -4.67
N ILE A 27 -3.06 8.50 -4.92
CA ILE A 27 -2.33 7.23 -4.79
C ILE A 27 -1.25 7.09 -5.88
N GLU A 28 -1.60 7.43 -7.12
CA GLU A 28 -0.63 7.35 -8.23
C GLU A 28 0.54 8.34 -7.99
N SER A 29 0.22 9.52 -7.47
CA SER A 29 1.25 10.49 -7.07
C SER A 29 2.17 9.90 -6.00
N TYR A 30 1.59 9.18 -5.05
CA TYR A 30 2.35 8.47 -4.02
C TYR A 30 3.21 7.35 -4.62
N ARG A 31 2.68 6.68 -5.67
CA ARG A 31 3.45 5.62 -6.35
C ARG A 31 4.63 6.22 -7.12
N GLN A 32 4.55 7.51 -7.43
CA GLN A 32 5.68 8.25 -7.98
C GLN A 32 6.61 8.75 -6.86
N GLY A 33 6.42 8.21 -5.64
CA GLY A 33 7.26 8.61 -4.50
C GLY A 33 7.29 7.59 -3.36
N ALA A 34 6.28 7.60 -2.50
CA ALA A 34 6.29 6.83 -1.24
C ALA A 34 5.96 5.33 -1.42
N TRP A 35 5.09 4.99 -2.35
CA TRP A 35 4.71 3.58 -2.59
C TRP A 35 5.87 2.82 -3.25
N ILE A 36 6.57 2.01 -2.47
CA ILE A 36 7.71 1.21 -2.96
C ILE A 36 7.30 -0.26 -3.20
N GLU A 37 7.62 -0.77 -4.38
CA GLU A 37 7.38 -2.18 -4.72
C GLU A 37 8.25 -3.10 -3.85
N GLY A 38 7.63 -4.13 -3.29
CA GLY A 38 8.33 -5.04 -2.38
C GLY A 38 8.21 -4.62 -0.90
N VAL A 39 7.97 -3.33 -0.67
CA VAL A 39 7.83 -2.79 0.70
C VAL A 39 6.36 -2.52 1.06
N HIS A 40 5.78 -1.47 0.45
CA HIS A 40 4.39 -1.09 0.76
C HIS A 40 3.37 -1.89 -0.06
N PHE A 41 3.84 -2.60 -1.10
CA PHE A 41 2.96 -3.45 -1.91
C PHE A 41 3.76 -4.53 -2.67
N LYS A 42 3.05 -5.50 -3.27
CA LYS A 42 3.70 -6.54 -4.07
C LYS A 42 2.87 -6.91 -5.31
N ARG A 43 3.43 -7.72 -6.21
CA ARG A 43 2.78 -8.04 -7.49
C ARG A 43 2.17 -9.45 -7.51
N VAL A 44 0.84 -9.53 -7.51
CA VAL A 44 0.13 -10.80 -7.50
C VAL A 44 -0.53 -11.09 -8.86
N SER A 45 0.04 -12.05 -9.60
CA SER A 45 -0.48 -12.43 -10.92
C SER A 45 -1.53 -13.55 -10.80
N PRO A 46 -2.51 -13.58 -11.73
CA PRO A 46 -3.51 -14.67 -11.82
C PRO A 46 -2.90 -16.01 -12.30
N SER A 47 -1.61 -16.19 -12.05
CA SER A 47 -0.87 -17.41 -12.43
C SER A 47 0.39 -17.53 -11.58
N GLY A 48 1.17 -18.59 -11.81
CA GLY A 48 2.41 -18.79 -11.04
C GLY A 48 3.64 -18.16 -11.71
N GLU A 49 3.55 -17.93 -13.02
CA GLU A 49 4.69 -17.43 -13.79
C GLU A 49 4.71 -15.89 -13.90
N LYS A 50 5.73 -15.38 -14.58
CA LYS A 50 5.92 -13.93 -14.76
C LYS A 50 4.93 -13.36 -15.79
N THR A 51 3.99 -12.53 -15.32
CA THR A 51 3.04 -11.84 -16.20
C THR A 51 2.91 -10.36 -15.81
N LEU A 52 2.79 -9.48 -16.81
CA LEU A 52 2.63 -8.05 -16.56
C LEU A 52 1.17 -7.71 -16.19
N ARG A 53 0.30 -8.71 -16.28
CA ARG A 53 -1.10 -8.58 -15.85
C ARG A 53 -1.24 -8.78 -14.33
N GLY A 54 -0.11 -8.86 -13.63
CA GLY A 54 -0.11 -9.09 -12.19
C GLY A 54 -0.72 -7.94 -11.38
N THR A 55 -1.86 -8.22 -10.74
CA THR A 55 -2.57 -7.22 -9.95
C THR A 55 -1.76 -6.80 -8.70
N THR A 56 -1.71 -5.50 -8.44
CA THR A 56 -0.94 -4.98 -7.30
C THR A 56 -1.80 -4.84 -6.04
N TRP A 57 -1.40 -5.55 -4.98
CA TRP A 57 -2.10 -5.48 -3.70
C TRP A 57 -1.31 -4.63 -2.69
N TYR A 58 -1.96 -3.60 -2.15
CA TYR A 58 -1.30 -2.65 -1.24
C TYR A 58 -1.52 -3.02 0.23
N ASN A 59 -0.55 -2.66 1.08
CA ASN A 59 -0.65 -2.93 2.52
C ASN A 59 -1.26 -1.75 3.29
N TYR A 60 -2.47 -1.97 3.82
CA TYR A 60 -3.18 -0.94 4.60
C TYR A 60 -2.34 -0.41 5.80
N PRO A 61 -1.77 -1.30 6.67
CA PRO A 61 -0.94 -0.86 7.81
C PRO A 61 0.24 0.04 7.39
N GLU A 62 0.90 -0.32 6.28
CA GLU A 62 2.02 0.47 5.74
C GLU A 62 1.56 1.88 5.33
N ILE A 63 0.42 1.95 4.65
CA ILE A 63 -0.11 3.20 4.14
C ILE A 63 -0.60 4.12 5.28
N ASN A 64 -1.37 3.56 6.22
CA ASN A 64 -1.81 4.32 7.40
C ASN A 64 -0.60 4.81 8.22
N LYS A 65 0.47 4.04 8.21
CA LYS A 65 1.72 4.43 8.88
C LYS A 65 2.32 5.68 8.19
N PHE A 66 2.30 5.68 6.86
CA PHE A 66 2.77 6.83 6.07
C PHE A 66 1.88 8.06 6.32
N ILE A 67 0.58 7.90 6.10
CA ILE A 67 -0.41 8.98 6.30
C ILE A 67 -0.29 9.57 7.73
N ARG A 68 0.04 8.72 8.69
CA ARG A 68 0.24 9.12 10.09
C ARG A 68 1.19 10.32 10.21
N ASP A 69 2.15 10.42 9.29
CA ASP A 69 3.13 11.53 9.28
C ASP A 69 2.42 12.89 9.13
N SER A 70 1.41 12.95 8.26
CA SER A 70 0.66 14.19 8.02
C SER A 70 -0.26 14.52 9.19
N LEU A 71 -0.85 13.48 9.80
CA LEU A 71 -1.67 13.65 11.01
C LEU A 71 -0.82 14.13 12.19
N GLU A 72 0.35 13.53 12.34
CA GLU A 72 1.33 13.96 13.33
C GLU A 72 2.11 15.18 12.81
N HIS A 73 1.38 16.27 12.56
CA HIS A 73 1.95 17.49 11.99
C HIS A 73 3.23 17.95 12.72
N HIS A 74 4.38 17.76 12.07
CA HIS A 74 5.65 18.22 12.62
C HIS A 74 6.49 18.96 11.56
N HIS A 75 6.99 20.13 11.93
CA HIS A 75 7.79 20.96 11.02
C HIS A 75 9.10 20.27 10.64
N HIS A 76 9.07 19.50 9.56
CA HIS A 76 10.22 18.70 9.12
C HIS A 76 11.13 19.45 8.15
N HIS A 77 10.56 20.43 7.43
CA HIS A 77 11.33 21.19 6.44
C HIS A 77 11.61 22.62 6.95
N HIS A 78 12.89 22.96 7.12
CA HIS A 78 13.27 24.28 7.62
C HIS A 78 13.17 25.39 6.54
N MET A 1 10.40 -16.08 20.14
CA MET A 1 9.99 -16.12 18.70
C MET A 1 8.69 -15.37 18.45
N ALA A 2 8.63 -14.65 17.33
CA ALA A 2 7.39 -13.99 16.88
C ALA A 2 6.68 -14.85 15.83
N GLN A 3 5.35 -14.94 15.92
CA GLN A 3 4.56 -15.76 14.98
C GLN A 3 3.56 -14.91 14.18
N ILE A 4 3.64 -14.98 12.86
CA ILE A 4 2.78 -14.19 11.97
C ILE A 4 1.33 -14.68 11.99
N ILE A 5 0.52 -14.13 12.89
CA ILE A 5 -0.92 -14.44 12.96
C ILE A 5 -1.75 -13.36 12.23
N PHE A 6 -2.02 -13.60 10.95
CA PHE A 6 -2.79 -12.65 10.11
C PHE A 6 -2.16 -11.25 10.11
N ASN A 7 -0.86 -11.20 10.39
CA ASN A 7 -0.11 -9.94 10.47
C ASN A 7 0.06 -9.27 9.10
N GLU A 8 0.20 -10.11 8.06
CA GLU A 8 0.38 -9.61 6.70
C GLU A 8 -0.95 -9.14 6.08
N GLU A 9 -1.28 -7.87 6.33
CA GLU A 9 -2.52 -7.28 5.80
C GLU A 9 -2.28 -6.66 4.41
N TRP A 10 -2.37 -7.49 3.37
CA TRP A 10 -2.18 -7.05 1.98
C TRP A 10 -3.52 -6.69 1.32
N MET A 11 -3.51 -5.69 0.43
CA MET A 11 -4.73 -5.26 -0.27
C MET A 11 -4.41 -4.47 -1.54
N VAL A 12 -5.37 -4.39 -2.46
CA VAL A 12 -5.22 -3.60 -3.69
C VAL A 12 -5.54 -2.12 -3.46
N GLU A 13 -5.12 -1.25 -4.39
CA GLU A 13 -5.32 0.21 -4.25
C GLU A 13 -6.78 0.58 -3.97
N LYS A 14 -7.71 -0.01 -4.74
CA LYS A 14 -9.14 0.26 -4.61
C LYS A 14 -9.65 -0.11 -3.21
N ALA A 15 -9.05 -1.13 -2.61
CA ALA A 15 -9.43 -1.57 -1.25
C ALA A 15 -8.70 -0.74 -0.18
N LEU A 16 -7.46 -0.35 -0.49
CA LEU A 16 -6.62 0.42 0.44
C LEU A 16 -7.29 1.76 0.81
N MET A 17 -7.73 2.51 -0.19
CA MET A 17 -8.40 3.79 0.04
C MET A 17 -9.66 3.61 0.91
N VAL A 18 -10.36 2.50 0.73
CA VAL A 18 -11.60 2.22 1.46
C VAL A 18 -11.33 1.88 2.95
N ARG A 19 -10.19 1.26 3.23
CA ARG A 19 -9.82 0.91 4.62
C ARG A 19 -9.10 2.07 5.35
N THR A 20 -8.34 2.87 4.61
CA THR A 20 -7.52 3.94 5.22
C THR A 20 -8.23 5.30 5.24
N GLY A 21 -9.10 5.54 4.27
CA GLY A 21 -9.79 6.83 4.18
C GLY A 21 -9.09 7.83 3.27
N LEU A 22 -8.02 7.39 2.60
CA LEU A 22 -7.32 8.23 1.62
C LEU A 22 -8.04 8.24 0.26
N GLY A 23 -7.83 9.30 -0.50
CA GLY A 23 -8.44 9.40 -1.82
C GLY A 23 -7.50 8.93 -2.94
N ALA A 24 -8.07 8.69 -4.13
CA ALA A 24 -7.29 8.24 -5.29
C ALA A 24 -6.07 9.14 -5.55
N ARG A 25 -6.28 10.45 -5.56
CA ARG A 25 -5.20 11.41 -5.84
C ARG A 25 -4.12 11.38 -4.75
N GLN A 26 -4.50 11.01 -3.53
CA GLN A 26 -3.54 10.82 -2.43
C GLN A 26 -2.62 9.63 -2.69
N ILE A 27 -3.21 8.46 -2.89
CA ILE A 27 -2.46 7.22 -3.06
C ILE A 27 -1.50 7.28 -4.26
N GLU A 28 -2.02 7.68 -5.43
CA GLU A 28 -1.20 7.76 -6.65
C GLU A 28 0.07 8.60 -6.45
N SER A 29 -0.06 9.71 -5.71
CA SER A 29 1.09 10.58 -5.43
C SER A 29 2.09 9.91 -4.49
N TYR A 30 1.57 9.26 -3.44
CA TYR A 30 2.42 8.56 -2.47
C TYR A 30 3.11 7.35 -3.10
N ARG A 31 2.47 6.75 -4.11
CA ARG A 31 3.05 5.62 -4.84
C ARG A 31 4.40 5.95 -5.48
N GLN A 32 4.62 7.23 -5.78
CA GLN A 32 5.86 7.67 -6.45
C GLN A 32 6.90 8.20 -5.45
N GLY A 33 6.67 8.01 -4.16
CA GLY A 33 7.59 8.54 -3.14
C GLY A 33 7.69 7.71 -1.87
N ALA A 34 6.55 7.44 -1.25
CA ALA A 34 6.53 6.72 0.04
C ALA A 34 6.59 5.19 -0.14
N TRP A 35 6.18 4.72 -1.31
CA TRP A 35 6.13 3.28 -1.60
C TRP A 35 7.54 2.68 -1.77
N ILE A 36 7.73 1.48 -1.23
CA ILE A 36 9.03 0.78 -1.27
C ILE A 36 8.82 -0.70 -1.66
N GLU A 37 9.53 -1.15 -2.70
CA GLU A 37 9.39 -2.53 -3.20
C GLU A 37 9.67 -3.56 -2.09
N GLY A 38 8.83 -4.58 -2.01
CA GLY A 38 8.98 -5.62 -0.98
C GLY A 38 8.50 -5.17 0.40
N VAL A 39 9.07 -4.07 0.89
CA VAL A 39 8.77 -3.55 2.24
C VAL A 39 7.32 -3.05 2.37
N HIS A 40 6.85 -2.27 1.40
CA HIS A 40 5.50 -1.69 1.46
C HIS A 40 4.55 -2.31 0.40
N PHE A 41 5.10 -2.94 -0.64
CA PHE A 41 4.26 -3.55 -1.69
C PHE A 41 4.99 -4.67 -2.44
N LYS A 42 4.22 -5.54 -3.11
CA LYS A 42 4.80 -6.65 -3.90
C LYS A 42 3.91 -6.99 -5.12
N ARG A 43 4.52 -7.49 -6.19
CA ARG A 43 3.78 -7.91 -7.38
C ARG A 43 3.39 -9.40 -7.29
N VAL A 44 2.09 -9.69 -7.40
CA VAL A 44 1.60 -11.07 -7.28
C VAL A 44 0.85 -11.53 -8.55
N SER A 45 1.38 -12.57 -9.21
CA SER A 45 0.72 -13.16 -10.38
C SER A 45 -0.26 -14.27 -9.96
N PRO A 46 -1.51 -14.26 -10.50
CA PRO A 46 -2.54 -15.23 -10.12
C PRO A 46 -2.16 -16.70 -10.44
N SER A 47 -2.23 -17.07 -11.72
CA SER A 47 -1.93 -18.45 -12.13
C SER A 47 -0.74 -18.49 -13.10
N GLY A 48 0.44 -18.77 -12.56
CA GLY A 48 1.65 -18.83 -13.37
C GLY A 48 2.25 -17.45 -13.65
N GLU A 49 3.57 -17.32 -13.48
CA GLU A 49 4.25 -16.03 -13.71
C GLU A 49 4.45 -15.75 -15.21
N LYS A 50 3.81 -16.54 -16.06
CA LYS A 50 3.83 -16.31 -17.52
C LYS A 50 2.79 -15.27 -17.94
N THR A 51 1.99 -14.81 -16.98
CA THR A 51 0.87 -13.88 -17.26
C THR A 51 1.35 -12.42 -17.43
N LEU A 52 0.47 -11.59 -18.00
CA LEU A 52 0.75 -10.16 -18.15
C LEU A 52 0.01 -9.34 -17.07
N ARG A 53 -0.67 -10.06 -16.17
CA ARG A 53 -1.47 -9.42 -15.10
C ARG A 53 -0.76 -9.53 -13.74
N GLY A 54 0.19 -8.62 -13.49
CA GLY A 54 0.92 -8.63 -12.21
C GLY A 54 0.28 -7.72 -11.17
N THR A 55 -0.78 -8.21 -10.52
CA THR A 55 -1.50 -7.44 -9.49
C THR A 55 -0.61 -7.11 -8.28
N THR A 56 -0.38 -5.82 -8.03
CA THR A 56 0.47 -5.39 -6.92
C THR A 56 -0.35 -5.13 -5.64
N TRP A 57 0.04 -5.81 -4.55
CA TRP A 57 -0.64 -5.67 -3.26
C TRP A 57 0.16 -4.75 -2.31
N TYR A 58 -0.55 -4.02 -1.45
CA TYR A 58 0.08 -3.06 -0.53
C TYR A 58 -0.09 -3.49 0.94
N ASN A 59 0.89 -3.11 1.77
CA ASN A 59 0.86 -3.43 3.22
C ASN A 59 0.14 -2.34 4.03
N TYR A 60 -0.98 -2.69 4.64
CA TYR A 60 -1.74 -1.76 5.49
C TYR A 60 -0.91 -1.28 6.72
N PRO A 61 -0.28 -2.22 7.49
CA PRO A 61 0.52 -1.83 8.67
C PRO A 61 1.65 -0.84 8.34
N GLU A 62 2.21 -0.98 7.14
CA GLU A 62 3.27 -0.09 6.67
C GLU A 62 2.71 1.29 6.29
N ILE A 63 1.63 1.29 5.50
CA ILE A 63 0.96 2.54 5.12
C ILE A 63 0.38 3.26 6.36
N ASN A 64 -0.04 2.48 7.35
CA ASN A 64 -0.53 3.02 8.62
C ASN A 64 0.56 3.88 9.29
N LYS A 65 1.80 3.38 9.27
CA LYS A 65 2.95 4.14 9.76
C LYS A 65 3.12 5.44 8.94
N PHE A 66 2.98 5.33 7.63
CA PHE A 66 3.07 6.50 6.75
C PHE A 66 1.96 7.52 7.05
N ILE A 67 0.78 7.05 7.46
CA ILE A 67 -0.33 7.93 7.86
C ILE A 67 0.13 8.89 8.97
N ARG A 68 0.95 8.39 9.89
CA ARG A 68 1.52 9.21 10.98
C ARG A 68 2.41 10.33 10.39
N ASP A 69 3.06 10.02 9.27
CA ASP A 69 3.96 10.96 8.59
C ASP A 69 3.16 11.98 7.74
N SER A 70 2.12 11.48 7.06
CA SER A 70 1.22 12.34 6.26
C SER A 70 0.35 13.22 7.17
N LEU A 71 0.18 12.77 8.42
CA LEU A 71 -0.52 13.56 9.45
C LEU A 71 0.26 14.85 9.74
N GLU A 72 1.59 14.73 9.81
CA GLU A 72 2.46 15.88 10.02
C GLU A 72 2.55 16.73 8.75
N HIS A 73 2.52 18.06 8.90
CA HIS A 73 2.46 18.97 7.76
C HIS A 73 3.57 20.04 7.79
N HIS A 74 4.48 19.99 6.81
CA HIS A 74 5.51 21.03 6.67
C HIS A 74 5.65 21.49 5.20
N HIS A 75 4.60 21.28 4.41
CA HIS A 75 4.57 21.73 3.01
C HIS A 75 3.13 21.82 2.48
N HIS A 76 2.58 23.03 2.43
CA HIS A 76 1.17 23.23 2.06
C HIS A 76 0.96 23.34 0.54
N HIS A 77 2.05 23.27 -0.23
CA HIS A 77 1.95 23.29 -1.69
C HIS A 77 2.66 22.07 -2.32
N HIS A 78 3.97 21.96 -2.11
CA HIS A 78 4.75 20.81 -2.59
C HIS A 78 6.17 20.81 -2.00
N MET A 1 6.25 -20.13 11.77
CA MET A 1 4.80 -20.29 12.03
C MET A 1 4.28 -19.27 13.06
N ALA A 2 4.98 -19.15 14.19
CA ALA A 2 4.59 -18.20 15.24
C ALA A 2 5.41 -16.90 15.17
N GLN A 3 4.85 -15.87 14.54
CA GLN A 3 5.52 -14.57 14.38
C GLN A 3 4.63 -13.41 14.88
N ILE A 4 5.26 -12.37 15.42
CA ILE A 4 4.52 -11.19 15.87
C ILE A 4 3.93 -10.38 14.70
N ILE A 5 2.73 -10.78 14.27
CA ILE A 5 2.02 -10.09 13.20
C ILE A 5 0.98 -9.11 13.77
N PHE A 6 1.03 -7.87 13.30
CA PHE A 6 0.11 -6.83 13.76
C PHE A 6 -1.16 -6.83 12.90
N ASN A 7 -1.01 -6.48 11.62
CA ASN A 7 -2.11 -6.53 10.65
C ASN A 7 -1.58 -6.22 9.23
N GLU A 8 -2.13 -6.91 8.23
CA GLU A 8 -1.73 -6.68 6.84
C GLU A 8 -2.95 -6.73 5.90
N GLU A 9 -3.45 -5.56 5.53
CA GLU A 9 -4.62 -5.46 4.68
C GLU A 9 -4.24 -5.21 3.21
N TRP A 10 -4.04 -6.30 2.47
CA TRP A 10 -3.72 -6.21 1.04
C TRP A 10 -4.99 -5.98 0.22
N MET A 11 -5.04 -4.87 -0.52
CA MET A 11 -6.23 -4.53 -1.30
C MET A 11 -5.86 -3.91 -2.66
N VAL A 12 -6.75 -4.05 -3.64
CA VAL A 12 -6.55 -3.47 -4.97
C VAL A 12 -6.78 -1.95 -4.96
N GLU A 13 -6.36 -1.27 -6.02
CA GLU A 13 -6.46 0.19 -6.13
C GLU A 13 -7.89 0.70 -5.83
N LYS A 14 -8.89 0.03 -6.40
CA LYS A 14 -10.30 0.42 -6.23
C LYS A 14 -10.69 0.40 -4.73
N ALA A 15 -10.40 -0.71 -4.05
CA ALA A 15 -10.71 -0.83 -2.63
C ALA A 15 -9.86 0.14 -1.78
N LEU A 16 -8.60 0.30 -2.17
CA LEU A 16 -7.66 1.14 -1.44
C LEU A 16 -8.13 2.60 -1.38
N MET A 17 -8.54 3.16 -2.52
CA MET A 17 -9.00 4.55 -2.56
C MET A 17 -10.22 4.77 -1.65
N VAL A 18 -11.05 3.73 -1.51
CA VAL A 18 -12.23 3.80 -0.63
C VAL A 18 -11.82 3.73 0.85
N ARG A 19 -10.80 2.92 1.16
CA ARG A 19 -10.31 2.76 2.53
C ARG A 19 -9.48 3.96 3.00
N THR A 20 -8.85 4.66 2.05
CA THR A 20 -8.00 5.82 2.38
C THR A 20 -8.74 7.15 2.18
N GLY A 21 -9.67 7.19 1.22
CA GLY A 21 -10.38 8.43 0.90
C GLY A 21 -9.75 9.21 -0.25
N LEU A 22 -8.73 8.62 -0.88
CA LEU A 22 -8.02 9.25 -2.00
C LEU A 22 -8.73 9.00 -3.35
N GLY A 23 -8.43 9.83 -4.34
CA GLY A 23 -8.94 9.63 -5.69
C GLY A 23 -7.92 8.99 -6.60
N ALA A 24 -8.37 8.32 -7.66
CA ALA A 24 -7.48 7.62 -8.60
C ALA A 24 -6.33 8.52 -9.10
N ARG A 25 -6.65 9.76 -9.47
CA ARG A 25 -5.65 10.71 -9.98
C ARG A 25 -4.60 11.07 -8.91
N GLN A 26 -4.97 10.88 -7.64
CA GLN A 26 -4.05 11.16 -6.53
C GLN A 26 -3.14 9.96 -6.27
N ILE A 27 -3.74 8.76 -6.25
CA ILE A 27 -2.98 7.53 -6.03
C ILE A 27 -1.93 7.32 -7.14
N GLU A 28 -2.37 7.43 -8.40
CA GLU A 28 -1.46 7.25 -9.54
C GLU A 28 -0.26 8.21 -9.47
N SER A 29 -0.47 9.38 -8.89
CA SER A 29 0.61 10.36 -8.67
C SER A 29 1.69 9.77 -7.74
N TYR A 30 1.25 9.20 -6.63
CA TYR A 30 2.17 8.60 -5.65
C TYR A 30 2.81 7.30 -6.17
N ARG A 31 2.06 6.58 -7.00
CA ARG A 31 2.56 5.32 -7.59
C ARG A 31 3.83 5.53 -8.44
N GLN A 32 4.07 6.78 -8.86
CA GLN A 32 5.21 7.10 -9.73
C GLN A 32 6.52 7.24 -8.93
N GLY A 33 6.43 7.37 -7.61
CA GLY A 33 7.63 7.60 -6.80
C GLY A 33 7.48 7.21 -5.33
N ALA A 34 6.40 7.64 -4.68
CA ALA A 34 6.19 7.38 -3.25
C ALA A 34 5.95 5.88 -2.98
N TRP A 35 5.26 5.20 -3.90
CA TRP A 35 5.02 3.77 -3.78
C TRP A 35 6.30 2.97 -4.10
N ILE A 36 6.94 2.44 -3.05
CA ILE A 36 8.16 1.64 -3.21
C ILE A 36 7.84 0.16 -3.48
N GLU A 37 8.54 -0.45 -4.45
CA GLU A 37 8.35 -1.86 -4.79
C GLU A 37 8.67 -2.78 -3.61
N GLY A 38 7.85 -3.81 -3.43
CA GLY A 38 8.04 -4.76 -2.34
C GLY A 38 7.56 -4.23 -0.98
N VAL A 39 7.93 -2.99 -0.67
CA VAL A 39 7.61 -2.38 0.63
C VAL A 39 6.11 -2.01 0.74
N HIS A 40 5.63 -1.15 -0.16
CA HIS A 40 4.22 -0.70 -0.12
C HIS A 40 3.31 -1.58 -0.99
N PHE A 41 3.88 -2.18 -2.04
CA PHE A 41 3.13 -3.07 -2.93
C PHE A 41 4.06 -4.11 -3.57
N LYS A 42 3.50 -5.25 -4.00
CA LYS A 42 4.31 -6.29 -4.65
C LYS A 42 3.53 -6.99 -5.76
N ARG A 43 4.25 -7.73 -6.61
CA ARG A 43 3.66 -8.38 -7.80
C ARG A 43 2.99 -9.71 -7.42
N VAL A 44 1.69 -9.82 -7.74
CA VAL A 44 0.93 -11.04 -7.45
C VAL A 44 0.46 -11.71 -8.76
N SER A 45 0.90 -12.95 -8.98
CA SER A 45 0.46 -13.73 -10.13
C SER A 45 -0.80 -14.55 -9.80
N PRO A 46 -1.75 -14.66 -10.75
CA PRO A 46 -2.99 -15.45 -10.55
C PRO A 46 -2.75 -16.97 -10.67
N SER A 47 -1.52 -17.41 -10.41
CA SER A 47 -1.15 -18.82 -10.54
C SER A 47 0.25 -19.08 -9.96
N GLY A 48 0.62 -20.35 -9.84
CA GLY A 48 1.98 -20.70 -9.42
C GLY A 48 3.01 -20.36 -10.49
N GLU A 49 2.53 -20.20 -11.73
CA GLU A 49 3.37 -19.80 -12.86
C GLU A 49 3.57 -18.28 -12.90
N LYS A 50 4.62 -17.87 -13.61
CA LYS A 50 5.04 -16.46 -13.64
C LYS A 50 4.61 -15.79 -14.95
N THR A 51 3.32 -15.50 -15.08
CA THR A 51 2.77 -14.85 -16.28
C THR A 51 3.18 -13.37 -16.33
N LEU A 52 3.22 -12.80 -17.54
CA LEU A 52 3.62 -11.40 -17.73
C LEU A 52 2.59 -10.41 -17.15
N ARG A 53 1.43 -10.93 -16.74
CA ARG A 53 0.38 -10.11 -16.13
C ARG A 53 0.47 -10.19 -14.60
N GLY A 54 1.18 -9.24 -14.01
CA GLY A 54 1.33 -9.19 -12.56
C GLY A 54 0.33 -8.26 -11.89
N THR A 55 -0.66 -8.83 -11.20
CA THR A 55 -1.64 -8.04 -10.44
C THR A 55 -0.97 -7.32 -9.27
N THR A 56 -1.37 -6.07 -9.00
CA THR A 56 -0.70 -5.25 -7.99
C THR A 56 -1.59 -4.98 -6.76
N TRP A 57 -1.25 -5.62 -5.64
CA TRP A 57 -1.98 -5.42 -4.37
C TRP A 57 -1.21 -4.46 -3.45
N TYR A 58 -1.93 -3.53 -2.83
CA TYR A 58 -1.33 -2.51 -1.95
C TYR A 58 -1.61 -2.79 -0.47
N ASN A 59 -0.60 -2.62 0.38
CA ASN A 59 -0.74 -2.82 1.83
C ASN A 59 -1.21 -1.52 2.52
N TYR A 60 -2.43 -1.55 3.05
CA TYR A 60 -3.08 -0.37 3.64
C TYR A 60 -2.20 0.35 4.70
N PRO A 61 -1.70 -0.35 5.74
CA PRO A 61 -0.84 0.28 6.78
C PRO A 61 0.35 1.06 6.19
N GLU A 62 0.94 0.52 5.13
CA GLU A 62 2.10 1.15 4.46
C GLU A 62 1.73 2.50 3.82
N ILE A 63 0.45 2.66 3.47
CA ILE A 63 -0.03 3.91 2.87
C ILE A 63 -0.44 4.92 3.95
N ASN A 64 -1.03 4.44 5.06
CA ASN A 64 -1.27 5.30 6.23
C ASN A 64 0.04 5.95 6.70
N LYS A 65 1.11 5.17 6.65
CA LYS A 65 2.46 5.66 6.94
C LYS A 65 2.77 6.94 6.13
N PHE A 66 2.42 6.90 4.85
CA PHE A 66 2.62 8.04 3.94
C PHE A 66 1.70 9.22 4.31
N ILE A 67 0.45 8.92 4.67
CA ILE A 67 -0.54 9.94 5.03
C ILE A 67 -0.04 10.82 6.19
N ARG A 68 0.67 10.21 7.15
CA ARG A 68 1.25 10.98 8.27
C ARG A 68 2.59 11.61 7.85
N ASP A 69 3.36 10.90 7.04
CA ASP A 69 4.69 11.37 6.61
C ASP A 69 4.62 12.72 5.90
N SER A 70 3.82 12.82 4.84
CA SER A 70 3.72 14.04 4.02
C SER A 70 3.18 15.24 4.82
N LEU A 71 2.25 15.00 5.73
CA LEU A 71 1.64 16.08 6.53
C LEU A 71 2.47 16.42 7.78
N GLU A 72 3.27 15.46 8.25
CA GLU A 72 4.12 15.64 9.43
C GLU A 72 3.32 15.97 10.69
N HIS A 73 2.95 17.25 10.84
CA HIS A 73 2.25 17.79 12.03
C HIS A 73 2.87 17.33 13.38
N HIS A 74 2.70 16.06 13.72
CA HIS A 74 3.25 15.52 14.98
C HIS A 74 4.25 14.38 14.67
N HIS A 75 5.54 14.69 14.76
CA HIS A 75 6.59 13.70 14.45
C HIS A 75 6.62 12.57 15.50
N HIS A 76 5.89 11.50 15.20
CA HIS A 76 5.76 10.36 16.10
C HIS A 76 7.09 9.57 16.23
N HIS A 77 7.80 9.80 17.33
CA HIS A 77 8.99 9.02 17.66
C HIS A 77 8.82 8.31 19.03
N HIS A 78 7.57 8.20 19.47
CA HIS A 78 7.22 7.41 20.67
C HIS A 78 6.20 6.31 20.32
N MET A 1 12.42 -14.19 20.81
CA MET A 1 11.94 -12.90 21.36
C MET A 1 11.08 -12.14 20.32
N ALA A 2 10.86 -10.84 20.58
CA ALA A 2 9.99 -10.01 19.73
C ALA A 2 10.42 -10.01 18.24
N GLN A 3 9.42 -10.05 17.36
CA GLN A 3 9.64 -9.98 15.90
C GLN A 3 8.33 -9.69 15.17
N ILE A 4 8.37 -8.77 14.20
CA ILE A 4 7.16 -8.35 13.47
C ILE A 4 6.59 -9.49 12.60
N ILE A 5 5.59 -10.19 13.15
CA ILE A 5 4.94 -11.31 12.47
C ILE A 5 3.40 -11.14 12.52
N PHE A 6 2.72 -11.53 11.44
CA PHE A 6 1.25 -11.42 11.34
C PHE A 6 0.78 -9.95 11.34
N ASN A 7 1.64 -9.05 10.90
CA ASN A 7 1.33 -7.61 10.86
C ASN A 7 1.16 -7.12 9.41
N GLU A 8 1.05 -8.05 8.47
CA GLU A 8 0.95 -7.72 7.05
C GLU A 8 -0.49 -7.42 6.62
N GLU A 9 -0.79 -6.14 6.42
CA GLU A 9 -2.12 -5.71 5.96
C GLU A 9 -2.10 -5.39 4.46
N TRP A 10 -2.95 -6.08 3.69
CA TRP A 10 -2.99 -5.92 2.23
C TRP A 10 -4.39 -5.51 1.75
N MET A 11 -4.46 -4.61 0.77
CA MET A 11 -5.74 -4.24 0.15
C MET A 11 -5.55 -3.62 -1.24
N VAL A 12 -6.65 -3.36 -1.94
CA VAL A 12 -6.60 -2.66 -3.23
C VAL A 12 -6.58 -1.13 -3.03
N GLU A 13 -6.37 -0.38 -4.10
CA GLU A 13 -6.25 1.08 -4.03
C GLU A 13 -7.52 1.72 -3.44
N LYS A 14 -8.69 1.23 -3.85
CA LYS A 14 -9.98 1.73 -3.34
C LYS A 14 -10.03 1.66 -1.81
N ALA A 15 -9.66 0.51 -1.26
CA ALA A 15 -9.64 0.33 0.19
C ALA A 15 -8.49 1.12 0.83
N LEU A 16 -7.35 1.17 0.14
CA LEU A 16 -6.16 1.87 0.63
C LEU A 16 -6.46 3.34 0.93
N MET A 17 -7.10 4.04 -0.02
CA MET A 17 -7.45 5.45 0.16
C MET A 17 -8.43 5.64 1.34
N VAL A 18 -9.34 4.68 1.52
CA VAL A 18 -10.30 4.72 2.64
C VAL A 18 -9.60 4.48 3.99
N ARG A 19 -8.59 3.61 3.98
CA ARG A 19 -7.82 3.28 5.19
C ARG A 19 -6.85 4.41 5.59
N THR A 20 -6.25 5.06 4.59
CA THR A 20 -5.21 6.08 4.84
C THR A 20 -5.79 7.50 4.90
N GLY A 21 -6.87 7.75 4.16
CA GLY A 21 -7.46 9.09 4.09
C GLY A 21 -7.16 9.81 2.78
N LEU A 22 -6.37 9.17 1.91
CA LEU A 22 -6.01 9.75 0.60
C LEU A 22 -7.13 9.59 -0.43
N GLY A 23 -6.85 9.99 -1.69
CA GLY A 23 -7.80 9.84 -2.77
C GLY A 23 -7.15 9.32 -4.06
N ALA A 24 -7.96 8.95 -5.04
CA ALA A 24 -7.45 8.38 -6.30
C ALA A 24 -6.43 9.31 -6.99
N ARG A 25 -6.78 10.59 -7.14
CA ARG A 25 -5.89 11.57 -7.79
C ARG A 25 -4.58 11.75 -7.01
N GLN A 26 -4.61 11.44 -5.72
CA GLN A 26 -3.45 11.57 -4.85
C GLN A 26 -2.51 10.36 -4.98
N ILE A 27 -3.07 9.16 -4.81
CA ILE A 27 -2.29 7.92 -4.82
C ILE A 27 -1.56 7.70 -6.15
N GLU A 28 -2.23 7.96 -7.27
CA GLU A 28 -1.64 7.75 -8.59
C GLU A 28 -0.37 8.57 -8.80
N SER A 29 -0.28 9.72 -8.12
CA SER A 29 0.92 10.56 -8.20
C SER A 29 2.12 9.87 -7.52
N TYR A 30 1.84 9.16 -6.43
CA TYR A 30 2.87 8.38 -5.73
C TYR A 30 3.16 7.07 -6.48
N ARG A 31 2.14 6.53 -7.16
CA ARG A 31 2.28 5.30 -7.95
C ARG A 31 3.31 5.45 -9.08
N GLN A 32 3.55 6.67 -9.52
CA GLN A 32 4.51 6.94 -10.58
C GLN A 32 5.90 7.33 -10.02
N GLY A 33 6.10 7.13 -8.71
CA GLY A 33 7.36 7.49 -8.07
C GLY A 33 7.74 6.61 -6.89
N ALA A 34 7.23 6.95 -5.70
CA ALA A 34 7.61 6.26 -4.46
C ALA A 34 7.12 4.80 -4.41
N TRP A 35 6.11 4.48 -5.22
CA TRP A 35 5.57 3.12 -5.26
C TRP A 35 6.54 2.16 -5.98
N ILE A 36 7.23 1.33 -5.19
CA ILE A 36 8.15 0.32 -5.71
C ILE A 36 7.51 -1.07 -5.65
N GLU A 37 7.62 -1.84 -6.73
CA GLU A 37 7.04 -3.19 -6.77
C GLU A 37 7.71 -4.11 -5.73
N GLY A 38 6.91 -4.97 -5.10
CA GLY A 38 7.42 -5.84 -4.04
C GLY A 38 7.54 -5.13 -2.68
N VAL A 39 8.05 -3.90 -2.70
CA VAL A 39 8.27 -3.13 -1.46
C VAL A 39 7.00 -2.38 -1.00
N HIS A 40 6.37 -1.63 -1.92
CA HIS A 40 5.20 -0.81 -1.57
C HIS A 40 3.90 -1.34 -2.23
N PHE A 41 4.03 -2.16 -3.26
CA PHE A 41 2.87 -2.83 -3.87
C PHE A 41 3.29 -4.12 -4.59
N LYS A 42 2.44 -5.15 -4.55
CA LYS A 42 2.76 -6.45 -5.16
C LYS A 42 1.74 -6.85 -6.23
N ARG A 43 2.16 -7.71 -7.15
CA ARG A 43 1.27 -8.26 -8.18
C ARG A 43 0.70 -9.62 -7.77
N VAL A 44 -0.56 -9.88 -8.11
CA VAL A 44 -1.20 -11.17 -7.81
C VAL A 44 -1.99 -11.70 -9.02
N SER A 45 -1.41 -12.65 -9.74
CA SER A 45 -2.09 -13.29 -10.88
C SER A 45 -2.86 -14.54 -10.43
N PRO A 46 -4.21 -14.50 -10.45
CA PRO A 46 -5.06 -15.62 -9.98
C PRO A 46 -4.83 -16.92 -10.78
N SER A 47 -4.47 -16.77 -12.06
CA SER A 47 -4.20 -17.92 -12.93
C SER A 47 -2.77 -18.46 -12.74
N GLY A 48 -1.91 -17.67 -12.07
CA GLY A 48 -0.53 -18.07 -11.87
C GLY A 48 0.25 -18.24 -13.17
N GLU A 49 -0.19 -17.56 -14.23
CA GLU A 49 0.43 -17.70 -15.55
C GLU A 49 1.67 -16.81 -15.72
N LYS A 50 2.15 -16.22 -14.62
CA LYS A 50 3.37 -15.38 -14.60
C LYS A 50 3.14 -14.00 -15.23
N THR A 51 2.32 -13.95 -16.27
CA THR A 51 1.95 -12.70 -16.93
C THR A 51 1.20 -11.77 -15.95
N LEU A 52 1.14 -10.47 -16.25
CA LEU A 52 0.56 -9.49 -15.33
C LEU A 52 -0.99 -9.56 -15.27
N ARG A 53 -1.56 -10.69 -15.66
CA ARG A 53 -3.02 -10.87 -15.65
C ARG A 53 -3.52 -11.11 -14.22
N GLY A 54 -3.69 -10.05 -13.44
CA GLY A 54 -4.19 -10.21 -12.07
C GLY A 54 -4.39 -8.91 -11.30
N THR A 55 -4.57 -9.04 -9.98
CA THR A 55 -4.86 -7.90 -9.10
C THR A 55 -3.57 -7.31 -8.52
N THR A 56 -3.56 -6.00 -8.32
CA THR A 56 -2.40 -5.31 -7.72
C THR A 56 -2.71 -4.85 -6.29
N TRP A 57 -2.09 -5.51 -5.31
CA TRP A 57 -2.33 -5.21 -3.90
C TRP A 57 -1.31 -4.23 -3.33
N TYR A 58 -1.77 -3.23 -2.60
CA TYR A 58 -0.92 -2.19 -2.04
C TYR A 58 -0.56 -2.49 -0.57
N ASN A 59 0.70 -2.24 -0.21
CA ASN A 59 1.20 -2.51 1.14
C ASN A 59 0.80 -1.38 2.11
N TYR A 60 -0.31 -1.57 2.84
CA TYR A 60 -0.79 -0.56 3.79
C TYR A 60 0.27 -0.20 4.87
N PRO A 61 0.90 -1.19 5.53
CA PRO A 61 1.94 -0.92 6.55
C PRO A 61 3.11 -0.08 6.01
N GLU A 62 3.32 -0.12 4.69
CA GLU A 62 4.37 0.66 4.02
C GLU A 62 3.87 2.06 3.62
N ILE A 63 2.68 2.12 3.04
CA ILE A 63 2.09 3.39 2.61
C ILE A 63 1.75 4.28 3.82
N ASN A 64 1.07 3.70 4.80
CA ASN A 64 0.79 4.41 6.06
C ASN A 64 2.09 4.89 6.72
N LYS A 65 3.06 3.99 6.80
CA LYS A 65 4.40 4.30 7.31
C LYS A 65 5.05 5.47 6.54
N PHE A 66 4.91 5.46 5.22
CA PHE A 66 5.45 6.53 4.37
C PHE A 66 4.80 7.89 4.71
N ILE A 67 3.47 7.89 4.81
CA ILE A 67 2.73 9.11 5.17
C ILE A 67 3.13 9.64 6.56
N ARG A 68 3.09 8.76 7.56
CA ARG A 68 3.43 9.13 8.93
C ARG A 68 4.91 9.51 9.08
N ASP A 69 5.75 8.97 8.19
CA ASP A 69 7.20 9.25 8.19
C ASP A 69 7.48 10.73 7.89
N SER A 70 6.93 11.23 6.78
CA SER A 70 7.16 12.63 6.36
C SER A 70 6.22 13.62 7.07
N LEU A 71 4.92 13.37 7.00
CA LEU A 71 3.91 14.31 7.54
C LEU A 71 4.02 14.43 9.09
N GLU A 72 4.10 13.29 9.77
CA GLU A 72 4.27 13.24 11.23
C GLU A 72 3.09 13.91 11.98
N HIS A 73 1.96 14.11 11.31
CA HIS A 73 0.80 14.75 11.93
C HIS A 73 0.10 13.79 12.91
N HIS A 74 -0.36 14.31 14.05
CA HIS A 74 -0.97 13.49 15.11
C HIS A 74 -2.06 12.54 14.57
N HIS A 75 -2.37 11.51 15.37
CA HIS A 75 -3.35 10.49 14.99
C HIS A 75 -4.72 11.11 14.66
N HIS A 76 -5.36 10.64 13.59
CA HIS A 76 -6.63 11.21 13.12
C HIS A 76 -7.83 10.41 13.67
N HIS A 77 -8.94 11.10 13.93
CA HIS A 77 -10.15 10.45 14.44
C HIS A 77 -11.19 10.22 13.32
N HIS A 78 -11.81 9.03 13.34
CA HIS A 78 -12.86 8.69 12.36
C HIS A 78 -13.48 7.31 12.69
N MET A 1 11.47 -9.83 22.85
CA MET A 1 11.90 -10.01 21.45
C MET A 1 10.70 -10.16 20.52
N ALA A 2 10.48 -9.15 19.66
CA ALA A 2 9.24 -9.06 18.88
C ALA A 2 9.44 -9.31 17.38
N GLN A 3 8.83 -10.39 16.87
CA GLN A 3 8.68 -10.60 15.44
C GLN A 3 7.20 -10.41 15.06
N ILE A 4 6.94 -9.64 14.01
CA ILE A 4 5.57 -9.26 13.65
C ILE A 4 4.90 -10.29 12.73
N ILE A 5 3.87 -10.96 13.25
CA ILE A 5 3.08 -11.90 12.44
C ILE A 5 2.00 -11.14 11.64
N PHE A 6 2.20 -11.03 10.33
CA PHE A 6 1.27 -10.30 9.46
C PHE A 6 -0.03 -11.09 9.25
N ASN A 7 -1.16 -10.39 9.36
CA ASN A 7 -2.49 -11.02 9.18
C ASN A 7 -2.80 -11.29 7.70
N GLU A 8 -1.81 -11.11 6.83
CA GLU A 8 -1.98 -11.31 5.38
C GLU A 8 -3.06 -10.39 4.79
N GLU A 9 -3.18 -9.19 5.35
CA GLU A 9 -4.15 -8.20 4.86
C GLU A 9 -3.66 -7.57 3.54
N TRP A 10 -3.67 -8.37 2.47
CA TRP A 10 -3.24 -7.93 1.14
C TRP A 10 -4.45 -7.57 0.28
N MET A 11 -4.48 -6.36 -0.28
CA MET A 11 -5.61 -5.91 -1.10
C MET A 11 -5.17 -5.06 -2.29
N VAL A 12 -5.96 -5.09 -3.36
CA VAL A 12 -5.66 -4.29 -4.56
C VAL A 12 -5.91 -2.79 -4.34
N GLU A 13 -5.36 -1.96 -5.22
CA GLU A 13 -5.43 -0.49 -5.09
C GLU A 13 -6.85 0.03 -4.80
N LYS A 14 -7.84 -0.41 -5.59
CA LYS A 14 -9.23 0.03 -5.42
C LYS A 14 -9.78 -0.36 -4.04
N ALA A 15 -9.46 -1.56 -3.58
CA ALA A 15 -9.89 -2.01 -2.25
C ALA A 15 -9.15 -1.27 -1.13
N LEU A 16 -7.88 -0.97 -1.39
CA LEU A 16 -7.01 -0.29 -0.42
C LEU A 16 -7.57 1.09 -0.03
N MET A 17 -7.90 1.90 -1.05
CA MET A 17 -8.43 3.25 -0.79
C MET A 17 -9.73 3.20 0.04
N VAL A 18 -10.53 2.15 -0.16
CA VAL A 18 -11.79 1.99 0.55
C VAL A 18 -11.56 1.64 2.04
N ARG A 19 -10.61 0.75 2.29
CA ARG A 19 -10.34 0.27 3.65
C ARG A 19 -9.38 1.19 4.43
N THR A 20 -8.80 2.18 3.76
CA THR A 20 -7.89 3.13 4.42
C THR A 20 -8.51 4.55 4.50
N GLY A 21 -9.36 4.89 3.54
CA GLY A 21 -9.95 6.22 3.49
C GLY A 21 -9.20 7.18 2.56
N LEU A 22 -8.05 6.71 2.03
CA LEU A 22 -7.24 7.51 1.10
C LEU A 22 -7.89 7.58 -0.29
N GLY A 23 -7.53 8.61 -1.05
CA GLY A 23 -8.04 8.77 -2.41
C GLY A 23 -7.09 8.25 -3.47
N ALA A 24 -7.63 8.00 -4.67
CA ALA A 24 -6.83 7.48 -5.79
C ALA A 24 -5.57 8.32 -6.03
N ARG A 25 -5.73 9.65 -6.07
CA ARG A 25 -4.60 10.56 -6.31
C ARG A 25 -3.58 10.54 -5.15
N GLN A 26 -4.06 10.22 -3.95
CA GLN A 26 -3.19 10.18 -2.77
C GLN A 26 -2.34 8.91 -2.77
N ILE A 27 -2.91 7.81 -3.23
CA ILE A 27 -2.20 6.53 -3.31
C ILE A 27 -1.10 6.57 -4.38
N GLU A 28 -1.45 6.97 -5.61
CA GLU A 28 -0.48 7.06 -6.71
C GLU A 28 0.73 7.93 -6.33
N SER A 29 0.47 9.00 -5.58
CA SER A 29 1.54 9.86 -5.06
C SER A 29 2.53 9.05 -4.20
N TYR A 30 2.00 8.33 -3.21
CA TYR A 30 2.82 7.54 -2.30
C TYR A 30 3.54 6.38 -3.03
N ARG A 31 2.91 5.85 -4.08
CA ARG A 31 3.49 4.77 -4.89
C ARG A 31 4.82 5.21 -5.54
N GLN A 32 5.01 6.52 -5.70
CA GLN A 32 6.19 7.05 -6.38
C GLN A 32 7.37 7.35 -5.43
N GLY A 33 7.15 7.29 -4.12
CA GLY A 33 8.22 7.64 -3.18
C GLY A 33 8.13 7.01 -1.79
N ALA A 34 7.22 6.07 -1.60
CA ALA A 34 7.07 5.41 -0.29
C ALA A 34 6.83 3.90 -0.44
N TRP A 35 6.24 3.50 -1.55
CA TRP A 35 5.91 2.09 -1.79
C TRP A 35 7.17 1.24 -2.08
N ILE A 36 7.25 0.09 -1.42
CA ILE A 36 8.40 -0.83 -1.54
C ILE A 36 7.91 -2.29 -1.59
N GLU A 37 8.33 -3.04 -2.62
CA GLU A 37 7.93 -4.45 -2.72
C GLU A 37 8.63 -5.29 -1.65
N GLY A 38 7.89 -6.24 -1.08
CA GLY A 38 8.38 -6.99 0.07
C GLY A 38 8.03 -6.33 1.40
N VAL A 39 7.64 -5.05 1.35
CA VAL A 39 7.30 -4.28 2.55
C VAL A 39 5.87 -3.69 2.48
N HIS A 40 5.69 -2.66 1.65
CA HIS A 40 4.38 -1.99 1.52
C HIS A 40 3.47 -2.69 0.48
N PHE A 41 4.05 -3.61 -0.29
CA PHE A 41 3.30 -4.41 -1.26
C PHE A 41 4.18 -5.54 -1.81
N LYS A 42 3.64 -6.37 -2.70
CA LYS A 42 4.45 -7.37 -3.40
C LYS A 42 3.79 -7.81 -4.71
N ARG A 43 4.61 -8.18 -5.69
CA ARG A 43 4.11 -8.56 -7.03
C ARG A 43 3.56 -10.00 -7.04
N VAL A 44 2.24 -10.11 -7.04
CA VAL A 44 1.57 -11.43 -7.07
C VAL A 44 1.10 -11.77 -8.50
N SER A 45 1.17 -13.03 -8.86
CA SER A 45 0.77 -13.48 -10.20
C SER A 45 -0.76 -13.50 -10.36
N PRO A 46 -1.27 -13.13 -11.55
CA PRO A 46 -2.70 -13.18 -11.85
C PRO A 46 -3.14 -14.56 -12.36
N SER A 47 -4.41 -14.71 -12.71
CA SER A 47 -4.92 -15.98 -13.25
C SER A 47 -4.35 -16.24 -14.65
N GLY A 48 -3.14 -16.79 -14.69
CA GLY A 48 -2.44 -16.98 -15.96
C GLY A 48 -1.62 -15.75 -16.36
N GLU A 49 -0.97 -15.82 -17.52
CA GLU A 49 -0.13 -14.71 -18.00
C GLU A 49 -0.95 -13.61 -18.67
N LYS A 50 -2.11 -13.28 -18.09
CA LYS A 50 -3.06 -12.33 -18.68
C LYS A 50 -2.68 -10.86 -18.39
N THR A 51 -1.55 -10.65 -17.71
CA THR A 51 -1.09 -9.30 -17.36
C THR A 51 0.44 -9.22 -17.38
N LEU A 52 0.98 -8.03 -17.67
CA LEU A 52 2.43 -7.83 -17.76
C LEU A 52 3.09 -7.80 -16.37
N ARG A 53 2.67 -6.85 -15.53
CA ARG A 53 3.25 -6.70 -14.18
C ARG A 53 2.52 -7.60 -13.16
N GLY A 54 1.52 -8.36 -13.63
CA GLY A 54 0.75 -9.24 -12.77
C GLY A 54 -0.34 -8.51 -11.98
N THR A 55 -0.34 -8.69 -10.67
CA THR A 55 -1.30 -8.02 -9.78
C THR A 55 -0.62 -7.57 -8.49
N THR A 56 -0.64 -6.26 -8.23
CA THR A 56 0.01 -5.71 -7.04
C THR A 56 -0.93 -5.73 -5.82
N TRP A 57 -0.67 -6.65 -4.90
CA TRP A 57 -1.40 -6.72 -3.63
C TRP A 57 -0.68 -5.89 -2.56
N TYR A 58 -1.38 -4.90 -2.00
CA TYR A 58 -0.79 -3.95 -1.05
C TYR A 58 -0.89 -4.43 0.42
N ASN A 59 0.13 -4.11 1.21
CA ASN A 59 0.19 -4.47 2.63
C ASN A 59 -0.54 -3.42 3.49
N TYR A 60 -1.80 -3.70 3.82
CA TYR A 60 -2.63 -2.76 4.60
C TYR A 60 -1.94 -2.29 5.91
N PRO A 61 -1.45 -3.23 6.78
CA PRO A 61 -0.73 -2.86 8.02
C PRO A 61 0.44 -1.88 7.78
N GLU A 62 1.30 -2.19 6.82
CA GLU A 62 2.47 -1.35 6.52
C GLU A 62 2.08 -0.02 5.86
N ILE A 63 0.97 -0.01 5.12
CA ILE A 63 0.46 1.25 4.55
C ILE A 63 -0.10 2.15 5.65
N ASN A 64 -0.82 1.56 6.61
CA ASN A 64 -1.30 2.30 7.79
C ASN A 64 -0.10 2.88 8.57
N LYS A 65 1.01 2.13 8.57
CA LYS A 65 2.27 2.60 9.17
C LYS A 65 2.76 3.89 8.51
N PHE A 66 2.46 4.05 7.22
CA PHE A 66 2.79 5.30 6.50
C PHE A 66 1.68 6.35 6.69
N ILE A 67 0.44 5.90 6.81
CA ILE A 67 -0.70 6.80 7.01
C ILE A 67 -0.55 7.62 8.30
N ARG A 68 -0.02 7.00 9.35
CA ARG A 68 0.24 7.71 10.61
C ARG A 68 1.15 8.93 10.39
N ASP A 69 2.09 8.81 9.43
CA ASP A 69 2.91 9.96 9.01
C ASP A 69 2.02 11.02 8.34
N SER A 70 1.12 10.57 7.48
CA SER A 70 0.24 11.46 6.71
C SER A 70 -0.66 12.32 7.62
N LEU A 71 -0.90 11.85 8.84
CA LEU A 71 -1.69 12.63 9.82
C LEU A 71 -0.83 13.67 10.55
N GLU A 72 0.48 13.47 10.57
CA GLU A 72 1.41 14.39 11.26
C GLU A 72 1.58 15.71 10.49
N HIS A 73 2.48 16.56 10.99
CA HIS A 73 2.68 17.90 10.41
C HIS A 73 3.55 17.84 9.14
N HIS A 74 2.95 18.22 8.00
CA HIS A 74 3.63 18.17 6.70
C HIS A 74 3.44 19.48 5.91
N HIS A 75 4.45 19.87 5.14
CA HIS A 75 4.37 21.08 4.33
C HIS A 75 4.65 20.80 2.84
N HIS A 76 3.59 20.44 2.12
CA HIS A 76 3.62 20.30 0.65
C HIS A 76 2.37 20.95 0.05
N HIS A 77 1.22 20.56 0.57
CA HIS A 77 -0.07 21.17 0.22
C HIS A 77 -1.02 21.12 1.43
N HIS A 78 -1.66 22.24 1.76
CA HIS A 78 -2.64 22.30 2.85
C HIS A 78 -4.00 21.74 2.40
N MET A 1 8.30 -20.08 20.52
CA MET A 1 9.15 -18.92 20.16
C MET A 1 8.68 -18.26 18.84
N ALA A 2 7.88 -18.99 18.05
CA ALA A 2 7.34 -18.46 16.80
C ALA A 2 6.26 -17.39 17.06
N GLN A 3 6.45 -16.20 16.50
CA GLN A 3 5.51 -15.09 16.71
C GLN A 3 4.36 -15.11 15.69
N ILE A 4 3.21 -15.65 16.09
CA ILE A 4 2.01 -15.61 15.24
C ILE A 4 1.36 -14.23 15.30
N ILE A 5 1.84 -13.32 14.44
CA ILE A 5 1.37 -11.93 14.44
C ILE A 5 0.39 -11.66 13.29
N PHE A 6 -0.65 -10.89 13.55
CA PHE A 6 -1.61 -10.47 12.52
C PHE A 6 -1.65 -8.93 12.40
N ASN A 7 -1.55 -8.43 11.17
CA ASN A 7 -1.54 -6.97 10.91
C ASN A 7 -1.63 -6.65 9.41
N GLU A 8 -1.04 -7.52 8.59
CA GLU A 8 -0.97 -7.33 7.14
C GLU A 8 -2.33 -6.92 6.50
N GLU A 9 -2.37 -5.72 5.93
CA GLU A 9 -3.53 -5.26 5.16
C GLU A 9 -3.20 -5.21 3.66
N TRP A 10 -3.54 -6.30 2.96
CA TRP A 10 -3.37 -6.38 1.51
C TRP A 10 -4.67 -5.98 0.79
N MET A 11 -4.57 -5.14 -0.23
CA MET A 11 -5.75 -4.69 -0.97
C MET A 11 -5.39 -4.23 -2.40
N VAL A 12 -6.37 -4.32 -3.30
CA VAL A 12 -6.19 -3.85 -4.68
C VAL A 12 -6.28 -2.32 -4.74
N GLU A 13 -5.94 -1.73 -5.89
CA GLU A 13 -5.88 -0.27 -6.04
C GLU A 13 -7.23 0.41 -5.70
N LYS A 14 -8.32 -0.15 -6.21
CA LYS A 14 -9.67 0.38 -5.95
C LYS A 14 -10.01 0.32 -4.44
N ALA A 15 -9.58 -0.75 -3.77
CA ALA A 15 -9.80 -0.89 -2.33
C ALA A 15 -8.91 0.08 -1.53
N LEU A 16 -7.67 0.23 -2.00
CA LEU A 16 -6.68 1.11 -1.37
C LEU A 16 -7.17 2.56 -1.36
N MET A 17 -7.63 3.06 -2.51
CA MET A 17 -8.10 4.43 -2.63
C MET A 17 -9.30 4.72 -1.71
N VAL A 18 -10.09 3.69 -1.40
CA VAL A 18 -11.22 3.82 -0.48
C VAL A 18 -10.75 3.84 0.99
N ARG A 19 -9.91 2.86 1.35
CA ARG A 19 -9.38 2.75 2.72
C ARG A 19 -8.48 3.95 3.09
N THR A 20 -7.86 4.59 2.10
CA THR A 20 -6.98 5.75 2.35
C THR A 20 -7.70 7.07 2.09
N GLY A 21 -8.65 7.09 1.15
CA GLY A 21 -9.35 8.31 0.81
C GLY A 21 -8.87 8.94 -0.51
N LEU A 22 -7.71 8.48 -0.98
CA LEU A 22 -7.12 8.99 -2.23
C LEU A 22 -7.96 8.61 -3.46
N GLY A 23 -7.76 9.35 -4.55
CA GLY A 23 -8.40 9.02 -5.82
C GLY A 23 -7.41 8.39 -6.81
N ALA A 24 -7.95 7.69 -7.81
CA ALA A 24 -7.12 7.02 -8.83
C ALA A 24 -6.10 7.99 -9.46
N ARG A 25 -6.56 9.21 -9.76
CA ARG A 25 -5.72 10.25 -10.37
C ARG A 25 -4.52 10.59 -9.48
N GLN A 26 -4.70 10.49 -8.16
CA GLN A 26 -3.65 10.81 -7.20
C GLN A 26 -2.69 9.62 -6.99
N ILE A 27 -3.24 8.40 -7.05
CA ILE A 27 -2.43 7.19 -6.93
C ILE A 27 -1.48 7.04 -8.12
N GLU A 28 -2.01 7.15 -9.34
CA GLU A 28 -1.20 7.05 -10.55
C GLU A 28 -0.10 8.13 -10.56
N SER A 29 -0.33 9.21 -9.81
CA SER A 29 0.69 10.25 -9.63
C SER A 29 1.88 9.70 -8.83
N TYR A 30 1.60 9.18 -7.63
CA TYR A 30 2.67 8.65 -6.75
C TYR A 30 3.35 7.41 -7.36
N ARG A 31 2.65 6.69 -8.21
CA ARG A 31 3.21 5.52 -8.90
C ARG A 31 4.43 5.89 -9.76
N GLN A 32 4.67 7.19 -9.96
CA GLN A 32 5.81 7.68 -10.73
C GLN A 32 7.16 7.29 -10.09
N GLY A 33 7.14 7.02 -8.77
CA GLY A 33 8.39 6.68 -8.08
C GLY A 33 8.25 6.53 -6.56
N ALA A 34 7.15 7.03 -5.99
CA ALA A 34 6.93 6.93 -4.53
C ALA A 34 6.64 5.49 -4.09
N TRP A 35 6.02 4.72 -4.98
CA TRP A 35 5.70 3.31 -4.71
C TRP A 35 6.96 2.43 -4.71
N ILE A 36 7.40 2.02 -3.52
CA ILE A 36 8.59 1.18 -3.36
C ILE A 36 8.22 -0.33 -3.46
N GLU A 37 8.81 -1.02 -4.43
CA GLU A 37 8.56 -2.47 -4.64
C GLU A 37 8.96 -3.29 -3.41
N GLY A 38 8.23 -4.39 -3.18
CA GLY A 38 8.52 -5.28 -2.05
C GLY A 38 8.08 -4.72 -0.70
N VAL A 39 8.41 -3.46 -0.44
CA VAL A 39 8.09 -2.79 0.82
C VAL A 39 6.63 -2.31 0.84
N HIS A 40 6.29 -1.36 -0.03
CA HIS A 40 4.95 -0.77 -0.05
C HIS A 40 3.96 -1.58 -0.91
N PHE A 41 4.49 -2.42 -1.80
CA PHE A 41 3.69 -3.34 -2.61
C PHE A 41 4.59 -4.38 -3.28
N LYS A 42 4.12 -5.62 -3.40
CA LYS A 42 4.94 -6.68 -3.99
C LYS A 42 4.23 -7.42 -5.12
N ARG A 43 5.02 -8.11 -5.95
CA ARG A 43 4.49 -8.94 -7.04
C ARG A 43 3.87 -10.24 -6.49
N VAL A 44 2.69 -10.60 -6.98
CA VAL A 44 2.00 -11.83 -6.57
C VAL A 44 1.61 -12.67 -7.79
N SER A 45 1.59 -14.01 -7.61
CA SER A 45 1.29 -14.94 -8.70
C SER A 45 0.01 -14.55 -9.46
N PRO A 46 0.01 -14.68 -10.81
CA PRO A 46 -1.14 -14.28 -11.65
C PRO A 46 -2.47 -14.90 -11.20
N SER A 47 -3.50 -14.06 -11.06
CA SER A 47 -4.85 -14.55 -10.73
C SER A 47 -5.32 -15.59 -11.75
N GLY A 48 -5.02 -15.34 -13.03
CA GLY A 48 -5.28 -16.32 -14.08
C GLY A 48 -4.07 -17.22 -14.33
N GLU A 49 -4.25 -18.27 -15.12
CA GLU A 49 -3.16 -19.22 -15.40
C GLU A 49 -2.03 -18.58 -16.21
N LYS A 50 -2.37 -17.62 -17.06
CA LYS A 50 -1.38 -17.01 -17.96
C LYS A 50 -1.57 -15.49 -18.10
N THR A 51 -1.88 -14.82 -16.99
CA THR A 51 -1.96 -13.35 -16.99
C THR A 51 -0.56 -12.74 -17.18
N LEU A 52 -0.50 -11.62 -17.89
CA LEU A 52 0.78 -11.02 -18.28
C LEU A 52 1.54 -10.42 -17.08
N ARG A 53 0.93 -9.43 -16.43
CA ARG A 53 1.59 -8.73 -15.31
C ARG A 53 1.29 -9.38 -13.95
N GLY A 54 0.67 -10.56 -13.98
CA GLY A 54 0.35 -11.26 -12.75
C GLY A 54 -0.68 -10.54 -11.89
N THR A 55 -0.42 -10.46 -10.58
CA THR A 55 -1.33 -9.78 -9.64
C THR A 55 -0.53 -8.87 -8.69
N THR A 56 -1.04 -7.66 -8.45
CA THR A 56 -0.33 -6.69 -7.59
C THR A 56 -1.20 -6.24 -6.41
N TRP A 57 -0.72 -6.48 -5.19
CA TRP A 57 -1.42 -6.05 -3.97
C TRP A 57 -0.66 -4.91 -3.27
N TYR A 58 -1.41 -3.93 -2.76
CA TYR A 58 -0.81 -2.79 -2.05
C TYR A 58 -0.87 -2.96 -0.52
N ASN A 59 0.20 -2.57 0.16
CA ASN A 59 0.26 -2.62 1.63
C ASN A 59 -0.30 -1.33 2.24
N TYR A 60 -1.51 -1.42 2.81
CA TYR A 60 -2.16 -0.24 3.45
C TYR A 60 -1.25 0.45 4.49
N PRO A 61 -0.68 -0.29 5.47
CA PRO A 61 0.19 0.32 6.51
C PRO A 61 1.43 1.03 5.91
N GLU A 62 1.90 0.52 4.77
CA GLU A 62 3.08 1.07 4.11
C GLU A 62 2.75 2.34 3.30
N ILE A 63 1.59 2.34 2.64
CA ILE A 63 1.12 3.54 1.94
C ILE A 63 0.67 4.61 2.95
N ASN A 64 0.08 4.18 4.06
CA ASN A 64 -0.25 5.08 5.17
C ASN A 64 1.03 5.73 5.72
N LYS A 65 2.11 4.95 5.80
CA LYS A 65 3.43 5.46 6.20
C LYS A 65 3.85 6.66 5.34
N PHE A 66 3.46 6.63 4.06
CA PHE A 66 3.72 7.74 3.14
C PHE A 66 2.70 8.88 3.35
N ILE A 67 1.42 8.53 3.35
CA ILE A 67 0.34 9.52 3.43
C ILE A 67 0.29 10.22 4.81
N ARG A 68 0.86 9.60 5.84
CA ARG A 68 0.83 10.18 7.20
C ARG A 68 1.37 11.62 7.21
N ASP A 69 2.34 11.90 6.33
CA ASP A 69 2.88 13.26 6.19
C ASP A 69 1.83 14.22 5.64
N SER A 70 0.95 13.71 4.78
CA SER A 70 -0.14 14.53 4.19
C SER A 70 -1.27 14.74 5.21
N LEU A 71 -1.39 13.83 6.18
CA LEU A 71 -2.33 14.03 7.29
C LEU A 71 -1.86 15.18 8.18
N GLU A 72 -0.54 15.32 8.33
CA GLU A 72 0.06 16.40 9.14
C GLU A 72 -0.53 16.38 10.56
N HIS A 73 -0.75 15.17 11.08
CA HIS A 73 -1.45 14.96 12.36
C HIS A 73 -0.98 15.92 13.46
N HIS A 74 -1.94 16.65 14.03
CA HIS A 74 -1.68 17.66 15.06
C HIS A 74 -0.93 17.08 16.27
N HIS A 75 0.18 17.73 16.63
CA HIS A 75 0.95 17.35 17.81
C HIS A 75 0.22 17.73 19.10
N HIS A 76 -0.34 16.73 19.80
CA HIS A 76 -0.89 16.96 21.14
C HIS A 76 0.25 17.24 22.14
N HIS A 77 1.41 16.66 21.83
CA HIS A 77 2.65 16.92 22.57
C HIS A 77 3.80 17.18 21.59
N HIS A 78 4.91 17.72 22.08
CA HIS A 78 6.07 18.03 21.22
C HIS A 78 6.55 16.80 20.41
N MET A 1 9.91 -1.50 24.99
CA MET A 1 10.66 -2.72 25.39
C MET A 1 10.61 -3.83 24.31
N ALA A 2 9.76 -3.64 23.31
CA ALA A 2 9.61 -4.64 22.23
C ALA A 2 8.99 -4.03 20.97
N GLN A 3 9.50 -4.43 19.81
CA GLN A 3 8.98 -3.95 18.53
C GLN A 3 7.76 -4.79 18.09
N ILE A 4 6.57 -4.23 18.26
CA ILE A 4 5.33 -4.91 17.87
C ILE A 4 4.64 -4.17 16.71
N ILE A 5 5.28 -4.21 15.54
CA ILE A 5 4.73 -3.60 14.32
C ILE A 5 4.81 -4.57 13.13
N PHE A 6 3.66 -4.99 12.61
CA PHE A 6 3.61 -5.86 11.43
C PHE A 6 2.18 -5.95 10.87
N ASN A 7 2.06 -6.15 9.56
CA ASN A 7 0.76 -6.33 8.91
C ASN A 7 0.91 -6.98 7.51
N GLU A 8 -0.17 -7.57 7.01
CA GLU A 8 -0.13 -8.31 5.74
C GLU A 8 -1.36 -8.02 4.85
N GLU A 9 -1.94 -6.82 4.99
CA GLU A 9 -3.10 -6.43 4.18
C GLU A 9 -2.70 -6.10 2.72
N TRP A 10 -2.90 -7.06 1.82
CA TRP A 10 -2.69 -6.83 0.38
C TRP A 10 -4.00 -6.38 -0.30
N MET A 11 -3.94 -5.36 -1.16
CA MET A 11 -5.13 -4.83 -1.81
C MET A 11 -4.80 -4.06 -3.11
N VAL A 12 -5.64 -4.20 -4.12
CA VAL A 12 -5.44 -3.51 -5.42
C VAL A 12 -5.78 -2.01 -5.32
N GLU A 13 -5.48 -1.26 -6.39
CA GLU A 13 -5.69 0.20 -6.42
C GLU A 13 -7.09 0.62 -5.90
N LYS A 14 -8.14 0.08 -6.52
CA LYS A 14 -9.53 0.41 -6.16
C LYS A 14 -9.80 0.18 -4.67
N ALA A 15 -9.23 -0.88 -4.11
CA ALA A 15 -9.39 -1.18 -2.69
C ALA A 15 -8.53 -0.25 -1.82
N LEU A 16 -7.29 -0.03 -2.26
CA LEU A 16 -6.33 0.80 -1.53
C LEU A 16 -6.86 2.22 -1.30
N MET A 17 -7.38 2.84 -2.35
CA MET A 17 -7.92 4.21 -2.25
C MET A 17 -9.04 4.31 -1.20
N VAL A 18 -9.84 3.24 -1.08
CA VAL A 18 -10.92 3.20 -0.10
C VAL A 18 -10.38 3.03 1.34
N ARG A 19 -9.44 2.10 1.50
CA ARG A 19 -8.86 1.77 2.81
C ARG A 19 -7.98 2.91 3.36
N THR A 20 -7.37 3.69 2.46
CA THR A 20 -6.47 4.79 2.85
C THR A 20 -7.15 6.16 2.79
N GLY A 21 -8.11 6.31 1.88
CA GLY A 21 -8.76 7.61 1.70
C GLY A 21 -8.23 8.37 0.47
N LEU A 22 -7.20 7.80 -0.17
CA LEU A 22 -6.62 8.40 -1.38
C LEU A 22 -7.53 8.19 -2.60
N GLY A 23 -7.02 8.57 -3.77
CA GLY A 23 -7.77 8.40 -5.02
C GLY A 23 -6.85 8.10 -6.20
N ALA A 24 -7.43 7.71 -7.33
CA ALA A 24 -6.66 7.31 -8.51
C ALA A 24 -5.63 8.37 -8.92
N ARG A 25 -6.07 9.63 -9.03
CA ARG A 25 -5.20 10.73 -9.46
C ARG A 25 -4.03 10.95 -8.48
N GLN A 26 -4.28 10.72 -7.20
CA GLN A 26 -3.25 10.87 -6.17
C GLN A 26 -2.31 9.65 -6.14
N ILE A 27 -2.86 8.45 -6.29
CA ILE A 27 -2.06 7.22 -6.27
C ILE A 27 -1.11 7.15 -7.47
N GLU A 28 -1.60 7.49 -8.65
CA GLU A 28 -0.76 7.50 -9.87
C GLU A 28 0.45 8.43 -9.67
N SER A 29 0.23 9.55 -8.99
CA SER A 29 1.31 10.49 -8.68
C SER A 29 2.39 9.82 -7.80
N TYR A 30 1.96 9.16 -6.74
CA TYR A 30 2.89 8.41 -5.87
C TYR A 30 3.58 7.26 -6.62
N ARG A 31 2.90 6.70 -7.63
CA ARG A 31 3.49 5.63 -8.45
C ARG A 31 4.63 6.15 -9.34
N GLN A 32 4.74 7.47 -9.45
CA GLN A 32 5.80 8.09 -10.26
C GLN A 32 7.08 8.31 -9.43
N GLY A 33 7.08 7.88 -8.16
CA GLY A 33 8.26 8.09 -7.31
C GLY A 33 8.28 7.23 -6.04
N ALA A 34 7.20 7.28 -5.26
CA ALA A 34 7.18 6.65 -3.92
C ALA A 34 6.93 5.12 -3.97
N TRP A 35 6.06 4.67 -4.87
CA TRP A 35 5.72 3.24 -4.97
C TRP A 35 6.88 2.42 -5.56
N ILE A 36 7.23 1.31 -4.87
CA ILE A 36 8.34 0.45 -5.30
C ILE A 36 7.90 -1.04 -5.33
N GLU A 37 8.12 -1.70 -6.48
CA GLU A 37 7.76 -3.12 -6.61
C GLU A 37 8.67 -4.01 -5.75
N GLY A 38 8.15 -5.14 -5.29
CA GLY A 38 8.88 -5.99 -4.36
C GLY A 38 8.75 -5.53 -2.91
N VAL A 39 8.78 -4.22 -2.70
CA VAL A 39 8.69 -3.64 -1.35
C VAL A 39 7.26 -3.18 -1.00
N HIS A 40 6.76 -2.17 -1.73
CA HIS A 40 5.42 -1.62 -1.45
C HIS A 40 4.30 -2.29 -2.27
N PHE A 41 4.67 -3.09 -3.26
CA PHE A 41 3.68 -3.83 -4.08
C PHE A 41 4.38 -4.84 -5.00
N LYS A 42 3.60 -5.66 -5.71
CA LYS A 42 4.15 -6.57 -6.72
C LYS A 42 3.06 -7.20 -7.61
N ARG A 43 3.51 -7.95 -8.62
CA ARG A 43 2.61 -8.62 -9.57
C ARG A 43 2.15 -9.99 -9.05
N VAL A 44 0.84 -10.15 -8.90
CA VAL A 44 0.24 -11.43 -8.49
C VAL A 44 -0.51 -12.08 -9.66
N SER A 45 -0.57 -13.41 -9.68
CA SER A 45 -1.21 -14.18 -10.76
C SER A 45 -2.68 -13.79 -10.94
N PRO A 46 -3.17 -13.73 -12.20
CA PRO A 46 -4.59 -13.45 -12.50
C PRO A 46 -5.50 -14.66 -12.17
N SER A 47 -6.81 -14.42 -12.09
CA SER A 47 -7.77 -15.47 -11.71
C SER A 47 -8.09 -16.41 -12.88
N GLY A 48 -8.72 -15.86 -13.93
CA GLY A 48 -9.21 -16.69 -15.03
C GLY A 48 -8.12 -17.15 -16.00
N GLU A 49 -7.41 -16.20 -16.60
CA GLU A 49 -6.41 -16.54 -17.62
C GLU A 49 -5.03 -15.93 -17.32
N LYS A 50 -3.98 -16.64 -17.71
CA LYS A 50 -2.60 -16.19 -17.47
C LYS A 50 -2.15 -15.17 -18.53
N THR A 51 -1.90 -13.94 -18.11
CA THR A 51 -1.51 -12.86 -19.04
C THR A 51 -0.12 -12.31 -18.72
N LEU A 52 0.42 -11.50 -19.62
CA LEU A 52 1.68 -10.80 -19.40
C LEU A 52 1.46 -9.54 -18.54
N ARG A 53 0.19 -9.20 -18.33
CA ARG A 53 -0.19 -8.04 -17.53
C ARG A 53 -0.27 -8.37 -16.03
N GLY A 54 -0.93 -9.48 -15.70
CA GLY A 54 -1.06 -9.90 -14.31
C GLY A 54 -1.99 -9.00 -13.48
N THR A 55 -1.96 -9.16 -12.16
CA THR A 55 -2.75 -8.32 -11.25
C THR A 55 -1.86 -7.73 -10.15
N THR A 56 -1.74 -6.41 -10.12
CA THR A 56 -0.84 -5.74 -9.17
C THR A 56 -1.53 -5.42 -7.84
N TRP A 57 -1.06 -6.05 -6.77
CA TRP A 57 -1.60 -5.80 -5.42
C TRP A 57 -0.65 -4.89 -4.61
N TYR A 58 -1.21 -3.89 -3.95
CA TYR A 58 -0.43 -2.95 -3.14
C TYR A 58 -0.44 -3.35 -1.66
N ASN A 59 0.69 -3.14 -0.98
CA ASN A 59 0.81 -3.43 0.45
C ASN A 59 0.25 -2.29 1.31
N TYR A 60 -0.92 -2.50 1.90
CA TYR A 60 -1.52 -1.51 2.80
C TYR A 60 -0.59 -1.18 3.98
N PRO A 61 0.05 -2.19 4.64
CA PRO A 61 1.03 -1.93 5.73
C PRO A 61 2.12 -0.92 5.34
N GLU A 62 2.63 -1.03 4.11
CA GLU A 62 3.67 -0.12 3.62
C GLU A 62 3.16 1.32 3.49
N ILE A 63 2.00 1.48 2.87
CA ILE A 63 1.41 2.80 2.67
C ILE A 63 0.89 3.40 4.00
N ASN A 64 0.34 2.54 4.85
CA ASN A 64 -0.10 2.93 6.20
C ASN A 64 1.12 3.40 7.02
N LYS A 65 2.21 2.64 6.91
CA LYS A 65 3.49 3.01 7.53
C LYS A 65 3.94 4.40 7.07
N PHE A 66 3.72 4.71 5.79
CA PHE A 66 4.00 6.04 5.25
C PHE A 66 3.09 7.11 5.88
N ILE A 67 1.78 6.84 5.92
CA ILE A 67 0.81 7.76 6.52
C ILE A 67 1.15 8.07 7.98
N ARG A 68 1.48 7.03 8.74
CA ARG A 68 1.89 7.19 10.14
C ARG A 68 3.22 7.97 10.25
N ASP A 69 4.25 7.45 9.59
CA ASP A 69 5.60 8.02 9.69
C ASP A 69 5.68 9.50 9.28
N SER A 70 4.92 9.88 8.24
CA SER A 70 4.95 11.24 7.71
C SER A 70 4.06 12.20 8.52
N LEU A 71 2.75 11.96 8.51
CA LEU A 71 1.79 12.86 9.18
C LEU A 71 1.83 12.70 10.71
N GLU A 72 1.88 11.45 11.18
CA GLU A 72 1.86 11.13 12.61
C GLU A 72 0.64 11.72 13.34
N HIS A 73 -0.51 11.09 13.16
CA HIS A 73 -1.68 11.38 13.99
C HIS A 73 -1.53 10.66 15.34
N HIS A 74 -1.22 11.42 16.37
CA HIS A 74 -0.82 10.85 17.67
C HIS A 74 -1.89 9.92 18.24
N HIS A 75 -1.79 8.64 17.90
CA HIS A 75 -2.81 7.66 18.27
C HIS A 75 -2.87 7.40 19.79
N HIS A 76 -1.82 7.78 20.52
CA HIS A 76 -1.86 7.70 21.99
C HIS A 76 -2.85 8.73 22.58
N HIS A 77 -3.43 9.55 21.70
CA HIS A 77 -4.56 10.42 22.06
C HIS A 77 -5.75 10.18 21.12
N HIS A 78 -5.52 10.30 19.80
CA HIS A 78 -6.57 10.14 18.80
C HIS A 78 -6.33 8.89 17.90
N MET A 1 12.16 -17.29 19.77
CA MET A 1 10.77 -17.79 19.86
C MET A 1 9.76 -16.64 19.96
N ALA A 2 9.04 -16.37 18.87
CA ALA A 2 8.07 -15.26 18.83
C ALA A 2 7.17 -15.31 17.60
N GLN A 3 5.89 -14.96 17.77
CA GLN A 3 4.95 -14.83 16.65
C GLN A 3 4.79 -13.36 16.24
N ILE A 4 5.29 -13.03 15.05
CA ILE A 4 5.18 -11.67 14.52
C ILE A 4 3.73 -11.36 14.11
N ILE A 5 2.97 -10.75 15.03
CA ILE A 5 1.56 -10.45 14.80
C ILE A 5 1.36 -9.01 14.28
N PHE A 6 1.14 -8.88 12.98
CA PHE A 6 0.82 -7.58 12.35
C PHE A 6 -0.38 -7.72 11.40
N ASN A 7 -1.34 -6.80 11.52
CA ASN A 7 -2.51 -6.80 10.64
C ASN A 7 -2.13 -6.33 9.22
N GLU A 8 -1.53 -7.22 8.44
CA GLU A 8 -1.08 -6.90 7.09
C GLU A 8 -2.26 -6.91 6.10
N GLU A 9 -3.00 -5.79 6.05
CA GLU A 9 -4.13 -5.63 5.15
C GLU A 9 -3.67 -5.39 3.70
N TRP A 10 -3.42 -6.48 2.98
CA TRP A 10 -3.07 -6.40 1.55
C TRP A 10 -4.34 -6.18 0.70
N MET A 11 -4.29 -5.20 -0.20
CA MET A 11 -5.44 -4.90 -1.06
C MET A 11 -5.01 -4.25 -2.39
N VAL A 12 -5.69 -4.60 -3.48
CA VAL A 12 -5.38 -4.04 -4.80
C VAL A 12 -5.67 -2.53 -4.86
N GLU A 13 -5.17 -1.87 -5.90
CA GLU A 13 -5.35 -0.41 -6.07
C GLU A 13 -6.83 0.00 -5.97
N LYS A 14 -7.70 -0.74 -6.66
CA LYS A 14 -9.13 -0.47 -6.66
C LYS A 14 -9.73 -0.56 -5.24
N ALA A 15 -9.24 -1.51 -4.44
CA ALA A 15 -9.70 -1.65 -3.06
C ALA A 15 -9.10 -0.58 -2.15
N LEU A 16 -7.84 -0.25 -2.39
CA LEU A 16 -7.11 0.74 -1.58
C LEU A 16 -7.72 2.14 -1.75
N MET A 17 -8.05 2.52 -2.98
CA MET A 17 -8.67 3.83 -3.25
C MET A 17 -10.01 3.98 -2.51
N VAL A 18 -10.69 2.86 -2.27
CA VAL A 18 -11.93 2.85 -1.48
C VAL A 18 -11.63 3.21 -0.01
N ARG A 19 -10.64 2.54 0.56
CA ARG A 19 -10.26 2.76 1.97
C ARG A 19 -9.71 4.19 2.20
N THR A 20 -8.87 4.66 1.28
CA THR A 20 -8.16 5.95 1.47
C THR A 20 -8.89 7.14 0.85
N GLY A 21 -9.64 6.90 -0.22
CA GLY A 21 -10.36 7.99 -0.90
C GLY A 21 -9.54 8.62 -2.04
N LEU A 22 -8.40 8.02 -2.36
CA LEU A 22 -7.56 8.50 -3.46
C LEU A 22 -8.09 8.02 -4.84
N GLY A 23 -7.68 8.71 -5.90
CA GLY A 23 -8.03 8.28 -7.26
C GLY A 23 -6.82 7.67 -7.99
N ALA A 24 -7.08 6.79 -8.94
CA ALA A 24 -6.01 6.10 -9.69
C ALA A 24 -4.98 7.08 -10.27
N ARG A 25 -5.48 8.20 -10.82
CA ARG A 25 -4.61 9.23 -11.41
C ARG A 25 -3.69 9.87 -10.35
N GLN A 26 -4.12 9.85 -9.09
CA GLN A 26 -3.29 10.36 -7.98
C GLN A 26 -2.34 9.26 -7.46
N ILE A 27 -2.84 8.04 -7.37
CA ILE A 27 -2.06 6.90 -6.87
C ILE A 27 -0.79 6.66 -7.71
N GLU A 28 -0.89 6.80 -9.03
CA GLU A 28 0.29 6.65 -9.91
C GLU A 28 1.34 7.72 -9.61
N SER A 29 0.89 8.92 -9.22
CA SER A 29 1.81 10.01 -8.83
C SER A 29 2.62 9.61 -7.59
N TYR A 30 2.05 8.74 -6.76
CA TYR A 30 2.76 8.19 -5.60
C TYR A 30 3.56 6.92 -5.98
N ARG A 31 3.04 6.16 -6.94
CA ARG A 31 3.71 4.92 -7.40
C ARG A 31 5.07 5.21 -8.06
N GLN A 32 5.27 6.45 -8.51
CA GLN A 32 6.53 6.82 -9.18
C GLN A 32 7.68 7.07 -8.19
N GLY A 33 7.38 7.10 -6.89
CA GLY A 33 8.43 7.36 -5.90
C GLY A 33 8.08 6.96 -4.47
N ALA A 34 6.90 7.37 -4.00
CA ALA A 34 6.49 7.11 -2.61
C ALA A 34 6.25 5.62 -2.33
N TRP A 35 5.65 4.92 -3.28
CA TRP A 35 5.38 3.47 -3.16
C TRP A 35 6.67 2.65 -3.27
N ILE A 36 7.14 2.12 -2.15
CA ILE A 36 8.32 1.24 -2.13
C ILE A 36 7.91 -0.24 -2.13
N GLU A 37 8.52 -1.05 -3.01
CA GLU A 37 8.23 -2.49 -3.09
C GLU A 37 8.68 -3.21 -1.80
N GLY A 38 7.94 -4.26 -1.43
CA GLY A 38 8.23 -4.98 -0.20
C GLY A 38 7.70 -4.28 1.05
N VAL A 39 7.93 -2.97 1.13
CA VAL A 39 7.49 -2.15 2.27
C VAL A 39 6.02 -1.73 2.15
N HIS A 40 5.69 -0.94 1.12
CA HIS A 40 4.32 -0.42 0.95
C HIS A 40 3.45 -1.30 0.04
N PHE A 41 4.07 -2.13 -0.81
CA PHE A 41 3.31 -3.08 -1.65
C PHE A 41 4.15 -4.30 -2.01
N LYS A 42 3.50 -5.34 -2.56
CA LYS A 42 4.23 -6.54 -3.01
C LYS A 42 3.73 -7.01 -4.38
N ARG A 43 4.52 -7.89 -5.01
CA ARG A 43 4.12 -8.54 -6.26
C ARG A 43 3.30 -9.81 -5.96
N VAL A 44 2.22 -10.01 -6.71
CA VAL A 44 1.34 -11.17 -6.48
C VAL A 44 1.15 -11.99 -7.77
N SER A 45 0.98 -13.30 -7.60
CA SER A 45 0.80 -14.22 -8.74
C SER A 45 -0.54 -13.98 -9.47
N PRO A 46 -0.55 -14.09 -10.82
CA PRO A 46 -1.77 -13.94 -11.62
C PRO A 46 -2.66 -15.20 -11.62
N SER A 47 -2.50 -16.04 -10.58
CA SER A 47 -3.31 -17.25 -10.38
C SER A 47 -3.07 -18.31 -11.47
N GLY A 48 -3.65 -18.11 -12.66
CA GLY A 48 -3.52 -19.08 -13.75
C GLY A 48 -3.10 -18.45 -15.08
N GLU A 49 -3.28 -17.15 -15.20
CA GLU A 49 -2.93 -16.44 -16.45
C GLU A 49 -1.48 -15.94 -16.42
N LYS A 50 -0.60 -16.65 -17.12
CA LYS A 50 0.83 -16.28 -17.18
C LYS A 50 1.03 -14.86 -17.75
N THR A 51 1.17 -13.87 -16.89
CA THR A 51 1.37 -12.48 -17.32
C THR A 51 2.79 -11.98 -17.02
N LEU A 52 3.17 -10.89 -17.68
CA LEU A 52 4.44 -10.20 -17.40
C LEU A 52 4.21 -9.03 -16.44
N ARG A 53 3.03 -9.02 -15.80
CA ARG A 53 2.64 -7.97 -14.87
C ARG A 53 2.30 -8.56 -13.49
N GLY A 54 3.22 -8.43 -12.54
CA GLY A 54 2.97 -8.89 -11.18
C GLY A 54 1.85 -8.11 -10.49
N THR A 55 0.74 -8.79 -10.20
CA THR A 55 -0.42 -8.16 -9.56
C THR A 55 0.00 -7.41 -8.28
N THR A 56 -0.18 -6.09 -8.29
CA THR A 56 0.35 -5.24 -7.22
C THR A 56 -0.68 -5.01 -6.09
N TRP A 57 -0.42 -5.61 -4.92
CA TRP A 57 -1.27 -5.41 -3.73
C TRP A 57 -0.60 -4.46 -2.73
N TYR A 58 -1.33 -3.44 -2.30
CA TYR A 58 -0.82 -2.44 -1.36
C TYR A 58 -1.09 -2.83 0.11
N ASN A 59 -0.29 -2.27 1.03
CA ASN A 59 -0.57 -2.40 2.46
C ASN A 59 -1.35 -1.18 2.97
N TYR A 60 -2.62 -1.38 3.33
CA TYR A 60 -3.45 -0.29 3.86
C TYR A 60 -2.76 0.43 5.05
N PRO A 61 -2.26 -0.31 6.08
CA PRO A 61 -1.54 0.30 7.22
C PRO A 61 -0.37 1.20 6.78
N GLU A 62 0.40 0.76 5.78
CA GLU A 62 1.56 1.51 5.31
C GLU A 62 1.19 2.79 4.56
N ILE A 63 0.09 2.75 3.81
CA ILE A 63 -0.39 3.93 3.09
C ILE A 63 -1.13 4.90 4.03
N ASN A 64 -1.95 4.35 4.93
CA ASN A 64 -2.60 5.15 5.97
C ASN A 64 -1.54 5.84 6.86
N LYS A 65 -0.48 5.10 7.18
CA LYS A 65 0.68 5.65 7.90
C LYS A 65 1.32 6.80 7.11
N PHE A 66 1.49 6.59 5.80
CA PHE A 66 2.06 7.62 4.91
C PHE A 66 1.22 8.90 4.93
N ILE A 67 -0.11 8.75 4.83
CA ILE A 67 -1.04 9.87 4.91
C ILE A 67 -0.89 10.60 6.26
N ARG A 68 -0.90 9.84 7.34
CA ARG A 68 -0.73 10.39 8.70
C ARG A 68 0.56 11.23 8.80
N ASP A 69 1.68 10.64 8.39
CA ASP A 69 3.00 11.28 8.48
C ASP A 69 3.10 12.50 7.53
N SER A 70 2.55 12.35 6.32
CA SER A 70 2.54 13.45 5.33
C SER A 70 1.73 14.64 5.82
N LEU A 71 0.50 14.38 6.28
CA LEU A 71 -0.37 15.42 6.84
C LEU A 71 0.28 16.08 8.08
N GLU A 72 0.84 15.26 8.96
CA GLU A 72 1.56 15.78 10.13
C GLU A 72 2.50 14.73 10.75
N HIS A 73 3.80 14.92 10.55
CA HIS A 73 4.80 14.07 11.23
C HIS A 73 5.06 14.56 12.66
N HIS A 74 3.98 14.72 13.44
CA HIS A 74 4.09 15.14 14.85
C HIS A 74 4.25 13.94 15.78
N HIS A 75 5.01 14.13 16.86
CA HIS A 75 5.25 13.08 17.85
C HIS A 75 4.90 13.55 19.28
N HIS A 76 3.65 13.32 19.69
CA HIS A 76 3.19 13.75 21.01
C HIS A 76 3.61 12.73 22.10
N HIS A 77 4.84 12.89 22.56
CA HIS A 77 5.41 12.06 23.64
C HIS A 77 6.86 12.49 23.90
N HIS A 78 7.59 12.73 22.82
CA HIS A 78 8.94 13.31 22.89
C HIS A 78 8.93 14.73 22.28
N MET A 1 15.30 -16.34 20.21
CA MET A 1 15.06 -16.84 18.82
C MET A 1 13.56 -16.94 18.52
N ALA A 2 12.95 -15.81 18.14
CA ALA A 2 11.52 -15.79 17.80
C ALA A 2 11.05 -14.41 17.32
N GLN A 3 10.35 -14.39 16.18
CA GLN A 3 9.71 -13.16 15.70
C GLN A 3 8.37 -13.51 15.00
N ILE A 4 7.27 -12.97 15.52
CA ILE A 4 5.93 -13.24 14.97
C ILE A 4 5.34 -11.98 14.31
N ILE A 5 5.40 -11.93 12.97
CA ILE A 5 4.93 -10.75 12.23
C ILE A 5 3.51 -10.97 11.65
N PHE A 6 2.52 -10.34 12.28
CA PHE A 6 1.16 -10.33 11.73
C PHE A 6 0.78 -8.91 11.26
N ASN A 7 1.78 -8.04 11.17
CA ASN A 7 1.58 -6.66 10.72
C ASN A 7 1.45 -6.58 9.19
N GLU A 8 0.43 -7.23 8.66
CA GLU A 8 0.16 -7.22 7.21
C GLU A 8 -1.29 -6.82 6.90
N GLU A 9 -1.44 -5.71 6.19
CA GLU A 9 -2.75 -5.26 5.71
C GLU A 9 -2.68 -4.91 4.22
N TRP A 10 -2.97 -5.91 3.38
CA TRP A 10 -2.92 -5.74 1.93
C TRP A 10 -4.31 -5.38 1.37
N MET A 11 -4.37 -4.34 0.55
CA MET A 11 -5.64 -3.87 0.00
C MET A 11 -5.49 -3.35 -1.44
N VAL A 12 -6.60 -3.27 -2.16
CA VAL A 12 -6.60 -2.73 -3.52
C VAL A 12 -6.43 -1.20 -3.53
N GLU A 13 -6.22 -0.64 -4.72
CA GLU A 13 -5.94 0.80 -4.88
C GLU A 13 -7.09 1.67 -4.34
N LYS A 14 -8.33 1.35 -4.73
CA LYS A 14 -9.49 2.12 -4.30
C LYS A 14 -9.72 2.00 -2.78
N ALA A 15 -9.32 0.87 -2.20
CA ALA A 15 -9.43 0.67 -0.76
C ALA A 15 -8.38 1.50 0.00
N LEU A 16 -7.16 1.51 -0.54
CA LEU A 16 -6.04 2.26 0.08
C LEU A 16 -6.38 3.75 0.21
N MET A 17 -6.93 4.35 -0.85
CA MET A 17 -7.28 5.78 -0.83
C MET A 17 -8.35 6.08 0.25
N VAL A 18 -9.28 5.14 0.45
CA VAL A 18 -10.34 5.32 1.45
C VAL A 18 -9.77 5.16 2.89
N ARG A 19 -8.88 4.19 3.06
CA ARG A 19 -8.23 3.95 4.36
C ARG A 19 -7.32 5.12 4.79
N THR A 20 -6.58 5.67 3.84
CA THR A 20 -5.59 6.73 4.14
C THR A 20 -6.15 8.15 3.98
N GLY A 21 -7.10 8.32 3.07
CA GLY A 21 -7.64 9.64 2.78
C GLY A 21 -7.12 10.23 1.48
N LEU A 22 -6.18 9.52 0.84
CA LEU A 22 -5.61 9.94 -0.44
C LEU A 22 -6.58 9.70 -1.61
N GLY A 23 -6.12 10.05 -2.82
CA GLY A 23 -6.88 9.78 -4.03
C GLY A 23 -6.03 9.14 -5.12
N ALA A 24 -6.69 8.65 -6.18
CA ALA A 24 -6.01 7.90 -7.25
C ALA A 24 -4.82 8.68 -7.85
N ARG A 25 -5.05 9.96 -8.16
CA ARG A 25 -4.04 10.78 -8.85
C ARG A 25 -2.89 11.20 -7.91
N GLN A 26 -3.11 11.12 -6.59
CA GLN A 26 -2.02 11.35 -5.65
C GLN A 26 -1.22 10.06 -5.42
N ILE A 27 -1.90 8.92 -5.39
CA ILE A 27 -1.24 7.62 -5.23
C ILE A 27 -0.31 7.33 -6.43
N GLU A 28 -0.83 7.47 -7.65
CA GLU A 28 -0.02 7.25 -8.86
C GLU A 28 1.17 8.21 -8.90
N SER A 29 0.99 9.40 -8.34
CA SER A 29 2.08 10.38 -8.21
C SER A 29 3.21 9.80 -7.34
N TYR A 30 2.87 9.27 -6.17
CA TYR A 30 3.86 8.65 -5.28
C TYR A 30 4.45 7.37 -5.90
N ARG A 31 3.71 6.74 -6.82
CA ARG A 31 4.18 5.54 -7.51
C ARG A 31 5.42 5.80 -8.39
N GLN A 32 5.78 7.07 -8.57
CA GLN A 32 6.98 7.42 -9.34
C GLN A 32 8.28 7.06 -8.59
N GLY A 33 8.20 6.94 -7.26
CA GLY A 33 9.39 6.66 -6.46
C GLY A 33 9.10 6.23 -5.02
N ALA A 34 8.15 6.92 -4.37
CA ALA A 34 7.79 6.62 -2.98
C ALA A 34 7.25 5.18 -2.83
N TRP A 35 6.30 4.80 -3.68
CA TRP A 35 5.77 3.43 -3.68
C TRP A 35 6.79 2.48 -4.34
N ILE A 36 7.47 1.70 -3.51
CA ILE A 36 8.41 0.70 -4.00
C ILE A 36 7.71 -0.64 -4.29
N GLU A 37 7.88 -1.17 -5.50
CA GLU A 37 7.25 -2.44 -5.88
C GLU A 37 7.68 -3.59 -4.93
N GLY A 38 6.79 -4.54 -4.73
CA GLY A 38 7.05 -5.63 -3.78
C GLY A 38 6.85 -5.22 -2.32
N VAL A 39 7.46 -4.09 -1.94
CA VAL A 39 7.37 -3.61 -0.55
C VAL A 39 6.05 -2.85 -0.27
N HIS A 40 5.84 -1.74 -1.00
CA HIS A 40 4.64 -0.90 -0.79
C HIS A 40 3.46 -1.37 -1.68
N PHE A 41 3.77 -2.07 -2.77
CA PHE A 41 2.74 -2.70 -3.62
C PHE A 41 3.35 -3.81 -4.48
N LYS A 42 2.77 -5.01 -4.42
CA LYS A 42 3.28 -6.15 -5.18
C LYS A 42 2.24 -6.73 -6.14
N ARG A 43 2.69 -7.20 -7.30
CA ARG A 43 1.79 -7.76 -8.31
C ARG A 43 1.29 -9.15 -7.88
N VAL A 44 0.04 -9.21 -7.41
CA VAL A 44 -0.57 -10.46 -6.97
C VAL A 44 -1.42 -11.09 -8.09
N SER A 45 -0.85 -12.08 -8.77
CA SER A 45 -1.58 -12.80 -9.82
C SER A 45 -2.38 -13.97 -9.23
N PRO A 46 -3.67 -14.09 -9.62
CA PRO A 46 -4.56 -15.16 -9.11
C PRO A 46 -4.15 -16.56 -9.59
N SER A 47 -3.19 -16.60 -10.52
CA SER A 47 -2.67 -17.87 -11.06
C SER A 47 -1.15 -17.97 -10.94
N GLY A 48 -0.62 -19.19 -10.98
CA GLY A 48 0.81 -19.40 -11.04
C GLY A 48 1.32 -19.56 -12.46
N GLU A 49 0.42 -19.42 -13.42
CA GLU A 49 0.75 -19.52 -14.84
C GLU A 49 1.29 -18.21 -15.40
N LYS A 50 2.12 -18.31 -16.43
CA LYS A 50 2.69 -17.14 -17.11
C LYS A 50 1.59 -16.25 -17.72
N THR A 51 1.04 -15.36 -16.91
CA THR A 51 -0.06 -14.47 -17.34
C THR A 51 0.22 -13.01 -16.97
N LEU A 52 -0.38 -12.09 -17.72
CA LEU A 52 -0.20 -10.64 -17.49
C LEU A 52 -1.23 -10.10 -16.49
N ARG A 53 -1.90 -11.00 -15.77
CA ARG A 53 -2.98 -10.64 -14.84
C ARG A 53 -2.43 -10.29 -13.44
N GLY A 54 -1.19 -9.80 -13.40
CA GLY A 54 -0.60 -9.40 -12.12
C GLY A 54 -1.25 -8.17 -11.52
N THR A 55 -2.40 -8.36 -10.85
CA THR A 55 -3.09 -7.28 -10.15
C THR A 55 -2.34 -6.89 -8.88
N THR A 56 -1.85 -5.66 -8.80
CA THR A 56 -1.01 -5.25 -7.66
C THR A 56 -1.85 -4.87 -6.43
N TRP A 57 -1.39 -5.31 -5.26
CA TRP A 57 -2.04 -4.98 -3.99
C TRP A 57 -1.13 -4.08 -3.14
N TYR A 58 -1.73 -3.06 -2.53
CA TYR A 58 -0.98 -2.07 -1.75
C TYR A 58 -0.82 -2.47 -0.28
N ASN A 59 0.36 -2.23 0.27
CA ASN A 59 0.66 -2.54 1.67
C ASN A 59 0.37 -1.33 2.57
N TYR A 60 -0.77 -1.37 3.27
CA TYR A 60 -1.22 -0.25 4.11
C TYR A 60 -0.15 0.18 5.15
N PRO A 61 0.39 -0.76 5.96
CA PRO A 61 1.47 -0.43 6.93
C PRO A 61 2.63 0.37 6.31
N GLU A 62 3.14 -0.11 5.17
CA GLU A 62 4.25 0.56 4.48
C GLU A 62 3.89 1.98 4.01
N ILE A 63 2.67 2.13 3.48
CA ILE A 63 2.19 3.44 3.00
C ILE A 63 1.89 4.39 4.17
N ASN A 64 1.14 3.90 5.15
CA ASN A 64 0.81 4.68 6.35
C ASN A 64 2.10 5.14 7.07
N LYS A 65 3.11 4.27 7.08
CA LYS A 65 4.42 4.60 7.65
C LYS A 65 5.01 5.84 6.95
N PHE A 66 5.04 5.79 5.61
CA PHE A 66 5.54 6.89 4.78
C PHE A 66 4.81 8.20 5.09
N ILE A 67 3.48 8.15 5.12
CA ILE A 67 2.65 9.32 5.40
C ILE A 67 2.91 9.86 6.81
N ARG A 68 3.05 8.96 7.77
CA ARG A 68 3.27 9.32 9.18
C ARG A 68 4.53 10.17 9.38
N ASP A 69 5.56 9.94 8.56
CA ASP A 69 6.81 10.70 8.65
C ASP A 69 6.59 12.20 8.38
N SER A 70 5.89 12.51 7.30
CA SER A 70 5.67 13.91 6.90
C SER A 70 4.47 14.53 7.63
N LEU A 71 3.37 13.79 7.73
CA LEU A 71 2.14 14.28 8.36
C LEU A 71 2.32 14.46 9.88
N GLU A 72 2.96 13.48 10.53
CA GLU A 72 3.20 13.49 11.98
C GLU A 72 1.89 13.34 12.79
N HIS A 73 1.07 14.37 12.76
CA HIS A 73 -0.15 14.45 13.58
C HIS A 73 -1.41 14.02 12.80
N HIS A 74 -2.28 13.24 13.46
CA HIS A 74 -3.54 12.80 12.86
C HIS A 74 -4.62 13.90 12.96
N HIS A 75 -5.07 14.40 11.81
CA HIS A 75 -6.13 15.40 11.76
C HIS A 75 -7.44 14.85 12.35
N HIS A 76 -8.07 15.65 13.21
CA HIS A 76 -9.33 15.24 13.86
C HIS A 76 -10.53 15.45 12.92
N HIS A 77 -11.32 14.39 12.73
CA HIS A 77 -12.53 14.44 11.89
C HIS A 77 -13.77 14.76 12.76
N HIS A 78 -14.63 15.64 12.26
CA HIS A 78 -15.87 16.01 12.96
C HIS A 78 -17.05 16.13 11.98
N MET A 1 11.85 -15.67 20.51
CA MET A 1 10.95 -16.78 20.07
C MET A 1 9.81 -16.25 19.19
N ALA A 2 8.93 -17.15 18.75
CA ALA A 2 7.84 -16.76 17.84
C ALA A 2 6.72 -15.98 18.56
N GLN A 3 6.85 -14.65 18.57
CA GLN A 3 5.80 -13.77 19.10
C GLN A 3 4.76 -13.48 18.01
N ILE A 4 3.48 -13.51 18.39
CA ILE A 4 2.40 -13.28 17.43
C ILE A 4 2.35 -11.81 16.95
N ILE A 5 3.24 -11.46 16.03
CA ILE A 5 3.29 -10.11 15.46
C ILE A 5 3.58 -10.15 13.94
N PHE A 6 2.51 -10.21 13.14
CA PHE A 6 2.63 -10.21 11.67
C PHE A 6 1.25 -10.14 11.01
N ASN A 7 1.06 -9.19 10.11
CA ASN A 7 -0.21 -9.02 9.40
C ASN A 7 -0.03 -8.32 8.04
N GLU A 8 -0.35 -9.04 6.97
CA GLU A 8 -0.28 -8.50 5.61
C GLU A 8 -1.66 -8.00 5.15
N GLU A 9 -1.88 -6.68 5.24
CA GLU A 9 -3.14 -6.07 4.83
C GLU A 9 -3.14 -5.70 3.35
N TRP A 10 -3.53 -6.65 2.50
CA TRP A 10 -3.57 -6.43 1.04
C TRP A 10 -4.97 -6.03 0.57
N MET A 11 -5.04 -4.99 -0.25
CA MET A 11 -6.31 -4.57 -0.85
C MET A 11 -6.08 -3.98 -2.26
N VAL A 12 -7.11 -4.04 -3.10
CA VAL A 12 -7.02 -3.52 -4.47
C VAL A 12 -7.08 -1.99 -4.50
N GLU A 13 -6.84 -1.40 -5.67
CA GLU A 13 -6.82 0.06 -5.85
C GLU A 13 -8.09 0.73 -5.30
N LYS A 14 -9.25 0.30 -5.80
CA LYS A 14 -10.55 0.85 -5.36
C LYS A 14 -10.71 0.77 -3.83
N ALA A 15 -10.42 -0.38 -3.25
CA ALA A 15 -10.52 -0.56 -1.80
C ALA A 15 -9.54 0.34 -1.04
N LEU A 16 -8.32 0.43 -1.55
CA LEU A 16 -7.25 1.22 -0.93
C LEU A 16 -7.64 2.71 -0.82
N MET A 17 -8.07 3.30 -1.93
CA MET A 17 -8.42 4.72 -1.96
C MET A 17 -9.55 5.05 -0.97
N VAL A 18 -10.54 4.16 -0.88
CA VAL A 18 -11.66 4.35 0.05
C VAL A 18 -11.23 4.16 1.51
N ARG A 19 -10.41 3.14 1.76
CA ARG A 19 -9.91 2.86 3.12
C ARG A 19 -8.98 3.97 3.63
N THR A 20 -8.18 4.57 2.74
CA THR A 20 -7.21 5.60 3.14
C THR A 20 -7.77 7.02 3.02
N GLY A 21 -8.69 7.24 2.09
CA GLY A 21 -9.24 8.57 1.85
C GLY A 21 -8.59 9.26 0.65
N LEU A 22 -7.81 8.51 -0.12
CA LEU A 22 -7.17 9.03 -1.33
C LEU A 22 -8.03 8.79 -2.58
N GLY A 23 -7.60 9.34 -3.70
CA GLY A 23 -8.29 9.11 -4.96
C GLY A 23 -7.34 8.65 -6.06
N ALA A 24 -7.89 8.06 -7.13
CA ALA A 24 -7.10 7.55 -8.25
C ALA A 24 -6.10 8.60 -8.78
N ARG A 25 -6.59 9.84 -8.96
CA ARG A 25 -5.74 10.93 -9.47
C ARG A 25 -4.54 11.22 -8.55
N GLN A 26 -4.70 10.95 -7.25
CA GLN A 26 -3.61 11.15 -6.29
C GLN A 26 -2.68 9.92 -6.24
N ILE A 27 -3.28 8.73 -6.20
CA ILE A 27 -2.52 7.48 -6.11
C ILE A 27 -1.65 7.24 -7.35
N GLU A 28 -2.19 7.56 -8.53
CA GLU A 28 -1.46 7.34 -9.79
C GLU A 28 -0.11 8.10 -9.81
N SER A 29 -0.09 9.28 -9.17
CA SER A 29 1.16 10.05 -9.05
C SER A 29 2.20 9.30 -8.21
N TYR A 30 1.74 8.69 -7.11
CA TYR A 30 2.63 7.90 -6.25
C TYR A 30 3.16 6.67 -6.99
N ARG A 31 2.35 6.11 -7.88
CA ARG A 31 2.78 4.96 -8.70
C ARG A 31 3.96 5.33 -9.61
N GLN A 32 4.09 6.62 -9.95
CA GLN A 32 5.13 7.10 -10.86
C GLN A 32 6.54 6.99 -10.26
N GLY A 33 6.66 7.23 -8.95
CA GLY A 33 7.99 7.18 -8.32
C GLY A 33 7.96 7.10 -6.80
N ALA A 34 6.98 6.37 -6.25
CA ALA A 34 6.92 6.12 -4.80
C ALA A 34 6.55 4.67 -4.49
N TRP A 35 6.02 3.95 -5.48
CA TRP A 35 5.61 2.55 -5.30
C TRP A 35 6.79 1.57 -5.51
N ILE A 36 7.20 0.92 -4.42
CA ILE A 36 8.26 -0.09 -4.46
C ILE A 36 7.66 -1.50 -4.21
N GLU A 37 7.97 -2.46 -5.07
CA GLU A 37 7.46 -3.83 -4.92
C GLU A 37 8.09 -4.51 -3.70
N GLY A 38 7.27 -5.22 -2.93
CA GLY A 38 7.73 -5.81 -1.68
C GLY A 38 7.50 -4.90 -0.48
N VAL A 39 7.74 -3.59 -0.67
CA VAL A 39 7.56 -2.60 0.40
C VAL A 39 6.14 -2.02 0.41
N HIS A 40 5.75 -1.32 -0.65
CA HIS A 40 4.44 -0.65 -0.71
C HIS A 40 3.37 -1.53 -1.39
N PHE A 41 3.76 -2.25 -2.44
CA PHE A 41 2.81 -3.12 -3.16
C PHE A 41 3.48 -4.44 -3.58
N LYS A 42 2.71 -5.34 -4.16
CA LYS A 42 3.26 -6.54 -4.77
C LYS A 42 2.46 -6.94 -6.03
N ARG A 43 3.18 -7.25 -7.11
CA ARG A 43 2.53 -7.76 -8.32
C ARG A 43 2.25 -9.26 -8.18
N VAL A 44 0.99 -9.58 -7.92
CA VAL A 44 0.55 -10.94 -7.64
C VAL A 44 0.17 -11.71 -8.91
N SER A 45 0.80 -12.87 -9.09
CA SER A 45 0.45 -13.77 -10.21
C SER A 45 -0.78 -14.62 -9.85
N PRO A 46 -1.84 -14.63 -10.69
CA PRO A 46 -3.05 -15.42 -10.42
C PRO A 46 -2.76 -16.93 -10.31
N SER A 47 -1.64 -17.38 -10.86
CA SER A 47 -1.22 -18.78 -10.77
C SER A 47 0.28 -18.89 -10.46
N GLY A 48 0.61 -19.25 -9.22
CA GLY A 48 1.99 -19.41 -8.83
C GLY A 48 2.79 -18.10 -8.89
N GLU A 49 3.72 -18.01 -9.85
CA GLU A 49 4.58 -16.83 -9.99
C GLU A 49 4.85 -16.48 -11.46
N LYS A 50 5.45 -15.30 -11.67
CA LYS A 50 5.92 -14.85 -12.99
C LYS A 50 4.86 -14.94 -14.10
N THR A 51 3.58 -14.85 -13.74
CA THR A 51 2.50 -14.86 -14.73
C THR A 51 2.48 -13.53 -15.53
N LEU A 52 1.84 -13.55 -16.70
CA LEU A 52 1.75 -12.34 -17.54
C LEU A 52 0.61 -11.41 -17.06
N ARG A 53 0.20 -11.57 -15.81
CA ARG A 53 -0.85 -10.75 -15.20
C ARG A 53 -0.47 -10.35 -13.76
N GLY A 54 0.37 -9.33 -13.64
CA GLY A 54 0.80 -8.87 -12.32
C GLY A 54 -0.27 -8.05 -11.61
N THR A 55 -1.21 -8.74 -10.95
CA THR A 55 -2.28 -8.07 -10.20
C THR A 55 -1.71 -7.38 -8.95
N THR A 56 -1.76 -6.05 -8.92
CA THR A 56 -1.12 -5.29 -7.85
C THR A 56 -2.00 -5.11 -6.61
N TRP A 57 -1.56 -5.69 -5.50
CA TRP A 57 -2.20 -5.47 -4.20
C TRP A 57 -1.34 -4.53 -3.33
N TYR A 58 -1.98 -3.63 -2.60
CA TYR A 58 -1.27 -2.60 -1.82
C TYR A 58 -1.29 -2.88 -0.31
N ASN A 59 -0.19 -2.54 0.38
CA ASN A 59 -0.11 -2.65 1.83
C ASN A 59 -0.77 -1.44 2.52
N TYR A 60 -1.90 -1.67 3.19
CA TYR A 60 -2.61 -0.60 3.91
C TYR A 60 -1.68 0.13 4.93
N PRO A 61 -1.01 -0.61 5.85
CA PRO A 61 -0.18 0.03 6.90
C PRO A 61 1.08 0.74 6.36
N GLU A 62 1.50 0.39 5.15
CA GLU A 62 2.67 1.03 4.53
C GLU A 62 2.30 2.35 3.84
N ILE A 63 1.13 2.38 3.22
CA ILE A 63 0.63 3.61 2.61
C ILE A 63 0.22 4.62 3.69
N ASN A 64 -0.46 4.14 4.74
CA ASN A 64 -0.75 4.96 5.92
C ASN A 64 0.55 5.53 6.53
N LYS A 65 1.61 4.71 6.53
CA LYS A 65 2.94 5.17 6.96
C LYS A 65 3.42 6.34 6.11
N PHE A 66 3.34 6.18 4.78
CA PHE A 66 3.75 7.24 3.84
C PHE A 66 2.93 8.53 4.07
N ILE A 67 1.64 8.37 4.29
CA ILE A 67 0.75 9.51 4.57
C ILE A 67 1.17 10.25 5.86
N ARG A 68 1.27 9.50 6.96
CA ARG A 68 1.68 10.09 8.24
C ARG A 68 3.14 10.58 8.22
N ASP A 69 3.96 9.96 7.38
CA ASP A 69 5.35 10.37 7.19
C ASP A 69 5.40 11.74 6.47
N SER A 70 4.54 11.92 5.47
CA SER A 70 4.44 13.19 4.76
C SER A 70 3.78 14.27 5.64
N LEU A 71 2.88 13.84 6.52
CA LEU A 71 2.12 14.76 7.37
C LEU A 71 2.92 15.22 8.61
N GLU A 72 3.39 14.26 9.40
CA GLU A 72 4.11 14.51 10.68
C GLU A 72 3.18 15.05 11.78
N HIS A 73 2.19 15.85 11.41
CA HIS A 73 1.27 16.46 12.38
C HIS A 73 0.64 15.42 13.32
N HIS A 74 0.64 15.74 14.61
CA HIS A 74 0.01 14.92 15.66
C HIS A 74 0.87 13.69 16.04
N HIS A 75 2.13 13.65 15.57
CA HIS A 75 3.09 12.65 16.05
C HIS A 75 3.65 13.07 17.42
N HIS A 76 2.99 12.66 18.50
CA HIS A 76 3.40 13.04 19.85
C HIS A 76 4.60 12.20 20.31
N HIS A 77 5.65 12.87 20.77
CA HIS A 77 6.88 12.21 21.23
C HIS A 77 7.02 12.35 22.76
N HIS A 78 7.65 11.36 23.40
CA HIS A 78 7.94 11.44 24.85
C HIS A 78 9.45 11.66 25.12
N MET A 1 3.77 -14.44 28.33
CA MET A 1 5.22 -14.08 28.37
C MET A 1 5.78 -13.81 26.97
N ALA A 2 5.26 -14.52 25.96
CA ALA A 2 5.73 -14.34 24.57
C ALA A 2 4.81 -13.42 23.75
N GLN A 3 5.35 -12.89 22.66
CA GLN A 3 4.57 -12.03 21.75
C GLN A 3 4.99 -12.25 20.28
N ILE A 4 4.03 -12.63 19.43
CA ILE A 4 4.30 -12.82 17.99
C ILE A 4 4.00 -11.53 17.20
N ILE A 5 5.02 -10.99 16.52
CA ILE A 5 4.86 -9.77 15.72
C ILE A 5 4.76 -10.10 14.22
N PHE A 6 3.56 -9.99 13.66
CA PHE A 6 3.33 -10.24 12.23
C PHE A 6 1.98 -9.65 11.79
N ASN A 7 2.00 -8.51 11.11
CA ASN A 7 0.76 -7.82 10.73
C ASN A 7 0.99 -6.69 9.70
N GLU A 8 0.77 -7.00 8.42
CA GLU A 8 0.75 -5.97 7.37
C GLU A 8 -0.54 -6.06 6.54
N GLU A 9 -1.19 -4.93 6.33
CA GLU A 9 -2.48 -4.90 5.62
C GLU A 9 -2.29 -4.87 4.09
N TRP A 10 -2.56 -6.01 3.44
CA TRP A 10 -2.50 -6.08 1.98
C TRP A 10 -3.86 -5.72 1.36
N MET A 11 -3.84 -4.92 0.29
CA MET A 11 -5.08 -4.56 -0.42
C MET A 11 -4.79 -4.11 -1.87
N VAL A 12 -5.78 -4.28 -2.74
CA VAL A 12 -5.66 -3.89 -4.15
C VAL A 12 -5.95 -2.38 -4.34
N GLU A 13 -5.77 -1.89 -5.56
CA GLU A 13 -5.91 -0.45 -5.85
C GLU A 13 -7.33 0.08 -5.51
N LYS A 14 -8.36 -0.62 -6.01
CA LYS A 14 -9.74 -0.21 -5.75
C LYS A 14 -10.06 -0.24 -4.25
N ALA A 15 -9.52 -1.23 -3.53
CA ALA A 15 -9.69 -1.31 -2.08
C ALA A 15 -8.89 -0.20 -1.38
N LEU A 16 -7.70 0.07 -1.89
CA LEU A 16 -6.79 1.05 -1.30
C LEU A 16 -7.43 2.44 -1.23
N MET A 17 -8.03 2.88 -2.34
CA MET A 17 -8.72 4.18 -2.37
C MET A 17 -9.86 4.24 -1.35
N VAL A 18 -10.55 3.11 -1.14
CA VAL A 18 -11.67 3.03 -0.19
C VAL A 18 -11.17 2.97 1.27
N ARG A 19 -9.96 2.44 1.48
CA ARG A 19 -9.39 2.30 2.84
C ARG A 19 -8.50 3.49 3.23
N THR A 20 -8.11 4.31 2.26
CA THR A 20 -7.29 5.51 2.53
C THR A 20 -8.07 6.82 2.37
N GLY A 21 -9.06 6.81 1.48
CA GLY A 21 -9.81 8.03 1.18
C GLY A 21 -9.33 8.72 -0.09
N LEU A 22 -8.31 8.14 -0.73
CA LEU A 22 -7.77 8.68 -1.99
C LEU A 22 -8.65 8.33 -3.19
N GLY A 23 -8.25 8.81 -4.37
CA GLY A 23 -8.95 8.49 -5.61
C GLY A 23 -8.09 7.67 -6.58
N ALA A 24 -8.71 7.13 -7.62
CA ALA A 24 -7.99 6.29 -8.60
C ALA A 24 -6.83 7.04 -9.26
N ARG A 25 -7.09 8.29 -9.68
CA ARG A 25 -6.06 9.10 -10.33
C ARG A 25 -4.91 9.43 -9.37
N GLN A 26 -5.26 9.74 -8.12
CA GLN A 26 -4.26 10.06 -7.10
C GLN A 26 -3.35 8.85 -6.80
N ILE A 27 -3.94 7.65 -6.73
CA ILE A 27 -3.16 6.42 -6.52
C ILE A 27 -2.19 6.16 -7.67
N GLU A 28 -2.71 6.12 -8.91
CA GLU A 28 -1.87 5.90 -10.09
C GLU A 28 -0.79 6.99 -10.22
N SER A 29 -1.10 8.19 -9.74
CA SER A 29 -0.12 9.28 -9.71
C SER A 29 1.06 8.95 -8.81
N TYR A 30 0.78 8.45 -7.60
CA TYR A 30 1.84 8.00 -6.69
C TYR A 30 2.55 6.75 -7.22
N ARG A 31 1.81 5.93 -8.00
CA ARG A 31 2.39 4.79 -8.70
C ARG A 31 3.46 5.25 -9.71
N GLN A 32 3.31 6.48 -10.22
CA GLN A 32 4.26 7.04 -11.19
C GLN A 32 5.61 7.43 -10.55
N GLY A 33 5.57 7.87 -9.29
CA GLY A 33 6.82 8.33 -8.64
C GLY A 33 6.76 8.35 -7.12
N ALA A 34 6.54 7.19 -6.52
CA ALA A 34 6.52 7.04 -5.06
C ALA A 34 6.43 5.57 -4.66
N TRP A 35 5.76 4.79 -5.51
CA TRP A 35 5.62 3.35 -5.30
C TRP A 35 6.95 2.61 -5.56
N ILE A 36 7.34 1.75 -4.62
CA ILE A 36 8.61 1.00 -4.70
C ILE A 36 8.38 -0.49 -4.39
N GLU A 37 8.94 -1.37 -5.22
CA GLU A 37 8.82 -2.82 -5.02
C GLU A 37 9.39 -3.25 -3.65
N GLY A 38 8.73 -4.21 -3.01
CA GLY A 38 9.18 -4.70 -1.71
C GLY A 38 8.79 -3.80 -0.54
N VAL A 39 9.05 -2.50 -0.70
CA VAL A 39 8.76 -1.52 0.37
C VAL A 39 7.28 -1.13 0.40
N HIS A 40 6.78 -0.56 -0.71
CA HIS A 40 5.39 -0.07 -0.76
C HIS A 40 4.44 -1.08 -1.41
N PHE A 41 4.93 -1.87 -2.37
CA PHE A 41 4.10 -2.88 -3.04
C PHE A 41 4.96 -4.04 -3.58
N LYS A 42 4.30 -5.12 -4.01
CA LYS A 42 5.00 -6.24 -4.65
C LYS A 42 4.04 -7.04 -5.54
N ARG A 43 4.58 -7.69 -6.58
CA ARG A 43 3.77 -8.46 -7.52
C ARG A 43 3.37 -9.83 -6.93
N VAL A 44 2.09 -10.16 -7.02
CA VAL A 44 1.56 -11.43 -6.51
C VAL A 44 1.04 -12.30 -7.67
N SER A 45 0.93 -13.60 -7.43
CA SER A 45 0.44 -14.55 -8.43
C SER A 45 -0.91 -14.10 -9.04
N PRO A 46 -1.03 -14.10 -10.38
CA PRO A 46 -2.27 -13.70 -11.06
C PRO A 46 -3.47 -14.59 -10.67
N SER A 47 -4.44 -14.01 -9.99
CA SER A 47 -5.64 -14.75 -9.54
C SER A 47 -6.70 -14.88 -10.65
N GLY A 48 -6.33 -14.50 -11.87
CA GLY A 48 -7.26 -14.60 -13.00
C GLY A 48 -6.55 -14.63 -14.33
N GLU A 49 -6.58 -13.52 -15.06
CA GLU A 49 -5.89 -13.40 -16.35
C GLU A 49 -4.37 -13.38 -16.17
N LYS A 50 -3.69 -14.33 -16.81
CA LYS A 50 -2.22 -14.42 -16.74
C LYS A 50 -1.59 -13.38 -17.67
N THR A 51 -1.13 -12.27 -17.09
CA THR A 51 -0.55 -11.16 -17.87
C THR A 51 0.81 -10.74 -17.28
N LEU A 52 1.67 -10.13 -18.11
CA LEU A 52 3.04 -9.78 -17.70
C LEU A 52 3.07 -8.75 -16.55
N ARG A 53 1.94 -8.10 -16.29
CA ARG A 53 1.84 -7.15 -15.17
C ARG A 53 1.62 -7.87 -13.83
N GLY A 54 0.94 -9.02 -13.88
CA GLY A 54 0.62 -9.77 -12.67
C GLY A 54 -0.47 -9.09 -11.82
N THR A 55 -0.73 -9.65 -10.63
CA THR A 55 -1.70 -9.06 -9.70
C THR A 55 -0.96 -8.30 -8.59
N THR A 56 -1.13 -6.98 -8.55
CA THR A 56 -0.38 -6.12 -7.62
C THR A 56 -1.14 -5.85 -6.33
N TRP A 57 -0.50 -6.14 -5.19
CA TRP A 57 -1.06 -5.82 -3.87
C TRP A 57 -0.19 -4.77 -3.16
N TYR A 58 -0.84 -3.81 -2.49
CA TYR A 58 -0.15 -2.68 -1.85
C TYR A 58 -0.15 -2.81 -0.32
N ASN A 59 0.92 -2.30 0.31
CA ASN A 59 1.02 -2.29 1.78
C ASN A 59 0.31 -1.06 2.38
N TYR A 60 -0.89 -1.26 2.89
CA TYR A 60 -1.68 -0.19 3.52
C TYR A 60 -0.89 0.57 4.62
N PRO A 61 -0.19 -0.15 5.54
CA PRO A 61 0.64 0.51 6.57
C PRO A 61 1.65 1.52 5.99
N GLU A 62 2.37 1.10 4.94
CA GLU A 62 3.35 1.98 4.30
C GLU A 62 2.70 3.15 3.56
N ILE A 63 1.56 2.91 2.92
CA ILE A 63 0.83 3.97 2.23
C ILE A 63 0.25 4.99 3.23
N ASN A 64 -0.33 4.48 4.31
CA ASN A 64 -0.80 5.33 5.41
C ASN A 64 0.36 6.13 6.02
N LYS A 65 1.50 5.45 6.17
CA LYS A 65 2.75 6.09 6.62
C LYS A 65 3.17 7.23 5.67
N PHE A 66 3.09 6.97 4.36
CA PHE A 66 3.44 7.97 3.33
C PHE A 66 2.49 9.18 3.39
N ILE A 67 1.20 8.92 3.48
CA ILE A 67 0.18 9.98 3.56
C ILE A 67 0.26 10.74 4.88
N ARG A 68 0.34 10.00 5.99
CA ARG A 68 0.35 10.59 7.33
C ARG A 68 1.56 11.52 7.53
N ASP A 69 2.68 11.14 6.90
CA ASP A 69 3.91 11.95 6.94
C ASP A 69 3.68 13.37 6.38
N SER A 70 2.71 13.49 5.47
CA SER A 70 2.35 14.79 4.88
C SER A 70 1.57 15.66 5.89
N LEU A 71 0.93 15.01 6.86
CA LEU A 71 0.18 15.72 7.90
C LEU A 71 1.07 16.15 9.08
N GLU A 72 1.99 15.27 9.48
CA GLU A 72 2.89 15.54 10.62
C GLU A 72 2.15 15.83 11.94
N HIS A 73 0.86 15.49 12.01
CA HIS A 73 0.02 15.81 13.18
C HIS A 73 0.07 14.72 14.26
N HIS A 74 0.82 15.02 15.34
CA HIS A 74 0.96 14.14 16.52
C HIS A 74 0.87 12.63 16.23
N HIS A 75 2.02 12.03 15.92
CA HIS A 75 2.11 10.59 15.73
C HIS A 75 1.92 9.87 17.08
N HIS A 76 0.71 9.37 17.32
CA HIS A 76 0.40 8.64 18.57
C HIS A 76 0.54 7.13 18.39
N HIS A 77 1.24 6.48 19.33
CA HIS A 77 1.46 5.02 19.28
C HIS A 77 2.22 4.53 20.54
N HIS A 78 1.55 3.72 21.34
CA HIS A 78 2.18 3.14 22.54
C HIS A 78 2.64 1.69 22.30
N MET A 1 3.42 -11.18 25.80
CA MET A 1 4.69 -11.97 25.88
C MET A 1 5.32 -12.16 24.49
N ALA A 2 4.58 -12.75 23.56
CA ALA A 2 5.11 -13.06 22.23
C ALA A 2 5.06 -11.85 21.27
N GLN A 3 3.84 -11.41 20.95
CA GLN A 3 3.62 -10.32 19.98
C GLN A 3 4.21 -10.66 18.59
N ILE A 4 3.78 -11.80 18.05
CA ILE A 4 4.20 -12.21 16.71
C ILE A 4 3.32 -11.52 15.64
N ILE A 5 3.70 -10.31 15.27
CA ILE A 5 2.86 -9.45 14.42
C ILE A 5 2.77 -9.95 12.96
N PHE A 6 1.62 -10.53 12.62
CA PHE A 6 1.29 -10.85 11.24
C PHE A 6 -0.16 -10.44 10.93
N ASN A 7 -0.30 -9.39 10.13
CA ASN A 7 -1.62 -8.82 9.83
C ASN A 7 -1.58 -8.10 8.46
N GLU A 8 -0.95 -8.76 7.49
CA GLU A 8 -0.76 -8.18 6.16
C GLU A 8 -2.05 -8.20 5.34
N GLU A 9 -2.76 -7.08 5.36
CA GLU A 9 -3.98 -6.90 4.56
C GLU A 9 -3.65 -6.67 3.08
N TRP A 10 -4.09 -7.57 2.21
CA TRP A 10 -3.89 -7.44 0.77
C TRP A 10 -5.15 -6.90 0.10
N MET A 11 -5.04 -5.78 -0.62
CA MET A 11 -6.20 -5.16 -1.28
C MET A 11 -5.80 -4.22 -2.43
N VAL A 12 -6.72 -4.00 -3.37
CA VAL A 12 -6.49 -3.07 -4.49
C VAL A 12 -6.73 -1.62 -4.07
N GLU A 13 -6.48 -0.67 -4.98
CA GLU A 13 -6.57 0.76 -4.67
C GLU A 13 -7.96 1.16 -4.12
N LYS A 14 -9.03 0.71 -4.77
CA LYS A 14 -10.40 1.06 -4.35
C LYS A 14 -10.69 0.54 -2.93
N ALA A 15 -10.22 -0.66 -2.61
CA ALA A 15 -10.38 -1.22 -1.27
C ALA A 15 -9.42 -0.54 -0.27
N LEU A 16 -8.24 -0.17 -0.76
CA LEU A 16 -7.19 0.42 0.06
C LEU A 16 -7.57 1.82 0.56
N MET A 17 -8.07 2.66 -0.37
CA MET A 17 -8.47 4.04 -0.02
C MET A 17 -9.52 4.06 1.11
N VAL A 18 -10.38 3.05 1.13
CA VAL A 18 -11.42 2.95 2.16
C VAL A 18 -10.82 2.57 3.54
N ARG A 19 -9.76 1.76 3.52
CA ARG A 19 -9.12 1.28 4.76
C ARG A 19 -8.05 2.27 5.27
N THR A 20 -7.63 3.20 4.43
CA THR A 20 -6.59 4.19 4.80
C THR A 20 -7.14 5.61 4.98
N GLY A 21 -8.22 5.93 4.28
CA GLY A 21 -8.76 7.29 4.33
C GLY A 21 -8.16 8.20 3.26
N LEU A 22 -7.40 7.61 2.33
CA LEU A 22 -6.82 8.36 1.20
C LEU A 22 -7.76 8.31 -0.02
N GLY A 23 -7.53 9.21 -0.96
CA GLY A 23 -8.26 9.17 -2.23
C GLY A 23 -7.39 8.66 -3.37
N ALA A 24 -8.02 8.26 -4.47
CA ALA A 24 -7.28 7.75 -5.65
C ALA A 24 -6.17 8.72 -6.07
N ARG A 25 -6.46 10.02 -6.05
CA ARG A 25 -5.48 11.07 -6.37
C ARG A 25 -4.23 10.98 -5.47
N GLN A 26 -4.43 10.65 -4.20
CA GLN A 26 -3.33 10.51 -3.24
C GLN A 26 -2.54 9.22 -3.50
N ILE A 27 -3.25 8.11 -3.68
CA ILE A 27 -2.62 6.80 -3.85
C ILE A 27 -1.79 6.74 -5.16
N GLU A 28 -2.36 7.21 -6.26
CA GLU A 28 -1.63 7.27 -7.54
C GLU A 28 -0.39 8.15 -7.42
N SER A 29 -0.50 9.24 -6.66
CA SER A 29 0.65 10.12 -6.39
C SER A 29 1.80 9.35 -5.75
N TYR A 30 1.47 8.43 -4.85
CA TYR A 30 2.47 7.58 -4.20
C TYR A 30 2.87 6.40 -5.11
N ARG A 31 1.96 5.99 -6.00
CA ARG A 31 2.29 4.94 -6.98
C ARG A 31 3.34 5.44 -8.00
N GLN A 32 3.51 6.76 -8.07
CA GLN A 32 4.52 7.36 -8.95
C GLN A 32 5.96 7.04 -8.50
N GLY A 33 6.14 6.72 -7.21
CA GLY A 33 7.48 6.45 -6.70
C GLY A 33 7.51 5.74 -5.35
N ALA A 34 6.79 6.27 -4.36
CA ALA A 34 6.77 5.73 -3.00
C ALA A 34 6.49 4.21 -2.97
N TRP A 35 5.62 3.75 -3.87
CA TRP A 35 5.33 2.33 -3.99
C TRP A 35 6.51 1.57 -4.63
N ILE A 36 7.26 0.85 -3.80
CA ILE A 36 8.39 0.04 -4.27
C ILE A 36 7.95 -1.42 -4.51
N GLU A 37 8.43 -2.01 -5.61
CA GLU A 37 8.07 -3.40 -5.96
C GLU A 37 8.45 -4.39 -4.86
N GLY A 38 7.53 -5.30 -4.53
CA GLY A 38 7.78 -6.28 -3.48
C GLY A 38 7.61 -5.72 -2.06
N VAL A 39 7.99 -4.46 -1.86
CA VAL A 39 7.97 -3.84 -0.54
C VAL A 39 6.58 -3.25 -0.20
N HIS A 40 6.04 -2.40 -1.08
CA HIS A 40 4.73 -1.76 -0.85
C HIS A 40 3.63 -2.30 -1.76
N PHE A 41 4.01 -3.00 -2.82
CA PHE A 41 3.03 -3.70 -3.69
C PHE A 41 3.65 -4.96 -4.28
N LYS A 42 2.81 -5.95 -4.59
CA LYS A 42 3.29 -7.23 -5.14
C LYS A 42 2.58 -7.58 -6.46
N ARG A 43 3.34 -8.14 -7.41
CA ARG A 43 2.82 -8.55 -8.72
C ARG A 43 2.20 -9.96 -8.66
N VAL A 44 0.90 -10.05 -8.81
CA VAL A 44 0.20 -11.34 -8.76
C VAL A 44 -0.28 -11.80 -10.14
N SER A 45 0.21 -12.95 -10.58
CA SER A 45 -0.16 -13.51 -11.89
C SER A 45 -1.48 -14.32 -11.79
N PRO A 46 -2.35 -14.22 -12.82
CA PRO A 46 -3.62 -14.98 -12.86
C PRO A 46 -3.41 -16.49 -13.06
N SER A 47 -2.18 -16.91 -13.31
CA SER A 47 -1.84 -18.34 -13.44
C SER A 47 -0.54 -18.66 -12.69
N GLY A 48 0.57 -18.02 -13.08
CA GLY A 48 1.85 -18.24 -12.39
C GLY A 48 3.05 -17.61 -13.08
N GLU A 49 3.10 -17.72 -14.40
CA GLU A 49 4.23 -17.18 -15.19
C GLU A 49 4.07 -15.67 -15.46
N LYS A 50 5.02 -15.11 -16.19
CA LYS A 50 5.02 -13.67 -16.49
C LYS A 50 3.80 -13.29 -17.36
N THR A 51 2.98 -12.38 -16.83
CA THR A 51 1.73 -11.99 -17.48
C THR A 51 1.71 -10.49 -17.78
N LEU A 52 0.88 -10.08 -18.74
CA LEU A 52 0.67 -8.67 -19.04
C LEU A 52 -0.35 -8.07 -18.07
N ARG A 53 -1.50 -8.72 -17.95
CA ARG A 53 -2.51 -8.33 -16.96
C ARG A 53 -2.17 -8.87 -15.56
N GLY A 54 -1.16 -8.29 -14.94
CA GLY A 54 -0.76 -8.68 -13.59
C GLY A 54 -1.55 -7.94 -12.51
N THR A 55 -2.16 -8.69 -11.59
CA THR A 55 -2.94 -8.09 -10.51
C THR A 55 -2.04 -7.52 -9.42
N THR A 56 -2.09 -6.20 -9.22
CA THR A 56 -1.22 -5.53 -8.26
C THR A 56 -1.91 -5.29 -6.92
N TRP A 57 -1.63 -6.13 -5.94
CA TRP A 57 -2.18 -5.96 -4.58
C TRP A 57 -1.24 -5.08 -3.74
N TYR A 58 -1.83 -4.17 -2.96
CA TYR A 58 -1.04 -3.20 -2.18
C TYR A 58 -0.92 -3.61 -0.70
N ASN A 59 0.28 -3.51 -0.16
CA ASN A 59 0.57 -3.91 1.22
C ASN A 59 0.07 -2.88 2.24
N TYR A 60 -1.14 -3.09 2.75
CA TYR A 60 -1.76 -2.16 3.72
C TYR A 60 -0.86 -1.85 4.93
N PRO A 61 -0.26 -2.87 5.61
CA PRO A 61 0.63 -2.63 6.77
C PRO A 61 1.79 -1.67 6.44
N GLU A 62 2.39 -1.87 5.26
CA GLU A 62 3.47 -0.99 4.79
C GLU A 62 2.97 0.45 4.56
N ILE A 63 1.78 0.57 3.99
CA ILE A 63 1.16 1.88 3.74
C ILE A 63 0.81 2.60 5.06
N ASN A 64 0.21 1.86 5.99
CA ASN A 64 -0.13 2.38 7.33
C ASN A 64 1.13 2.89 8.04
N LYS A 65 2.20 2.11 7.96
CA LYS A 65 3.51 2.49 8.49
C LYS A 65 3.98 3.85 7.93
N PHE A 66 3.71 4.07 6.64
CA PHE A 66 4.00 5.35 5.98
C PHE A 66 3.05 6.47 6.47
N ILE A 67 1.76 6.14 6.57
CA ILE A 67 0.75 7.09 7.06
C ILE A 67 1.13 7.66 8.43
N ARG A 68 1.52 6.77 9.35
CA ARG A 68 1.99 7.18 10.68
C ARG A 68 3.07 8.28 10.60
N ASP A 69 4.13 8.00 9.85
CA ASP A 69 5.24 8.94 9.68
C ASP A 69 4.74 10.29 9.11
N SER A 70 3.94 10.23 8.06
CA SER A 70 3.43 11.44 7.39
C SER A 70 2.37 12.17 8.24
N LEU A 71 1.71 11.45 9.12
CA LEU A 71 0.61 12.01 9.94
C LEU A 71 1.13 12.69 11.22
N GLU A 72 1.94 11.98 12.01
CA GLU A 72 2.37 12.46 13.33
C GLU A 72 3.49 13.52 13.23
N HIS A 73 4.28 13.49 12.15
CA HIS A 73 5.31 14.50 11.93
C HIS A 73 4.69 15.88 11.67
N HIS A 74 5.32 16.93 12.20
CA HIS A 74 4.80 18.30 12.07
C HIS A 74 4.96 18.84 10.63
N HIS A 75 4.16 18.31 9.72
CA HIS A 75 4.08 18.79 8.33
C HIS A 75 2.66 18.55 7.78
N HIS A 76 1.81 19.57 7.86
CA HIS A 76 0.42 19.42 7.43
C HIS A 76 0.20 19.94 6.00
N HIS A 77 -0.34 19.10 5.14
CA HIS A 77 -0.75 19.52 3.79
C HIS A 77 -1.82 20.61 3.88
N HIS A 78 -1.53 21.77 3.29
CA HIS A 78 -2.48 22.89 3.26
C HIS A 78 -3.78 22.49 2.51
N MET A 1 10.99 -8.38 19.99
CA MET A 1 10.34 -9.61 20.55
C MET A 1 9.12 -9.27 21.44
N ALA A 2 8.94 -7.99 21.75
CA ALA A 2 7.80 -7.55 22.58
C ALA A 2 6.45 -7.96 21.96
N GLN A 3 6.20 -7.50 20.74
CA GLN A 3 5.03 -7.92 19.97
C GLN A 3 5.45 -8.35 18.57
N ILE A 4 4.81 -9.39 18.04
CA ILE A 4 5.07 -9.86 16.68
C ILE A 4 4.31 -9.01 15.65
N ILE A 5 4.98 -8.00 15.10
CA ILE A 5 4.39 -7.17 14.03
C ILE A 5 4.50 -7.91 12.69
N PHE A 6 3.34 -8.28 12.13
CA PHE A 6 3.29 -9.14 10.94
C PHE A 6 3.80 -8.44 9.68
N ASN A 7 3.28 -7.24 9.39
CA ASN A 7 3.64 -6.49 8.18
C ASN A 7 3.18 -7.22 6.89
N GLU A 8 2.20 -8.09 7.04
CA GLU A 8 1.63 -8.82 5.90
C GLU A 8 0.27 -8.24 5.51
N GLU A 9 0.04 -6.97 5.86
CA GLU A 9 -1.17 -6.25 5.50
C GLU A 9 -1.19 -5.91 4.01
N TRP A 10 -1.59 -6.88 3.18
CA TRP A 10 -1.70 -6.67 1.73
C TRP A 10 -3.16 -6.47 1.32
N MET A 11 -3.42 -5.42 0.55
CA MET A 11 -4.77 -5.20 -0.02
C MET A 11 -4.68 -4.54 -1.40
N VAL A 12 -5.77 -4.61 -2.16
CA VAL A 12 -5.85 -3.96 -3.48
C VAL A 12 -5.96 -2.44 -3.34
N GLU A 13 -5.68 -1.72 -4.43
CA GLU A 13 -5.72 -0.25 -4.44
C GLU A 13 -7.04 0.31 -3.88
N LYS A 14 -8.16 -0.29 -4.30
CA LYS A 14 -9.49 0.14 -3.83
C LYS A 14 -9.61 0.05 -2.30
N ALA A 15 -9.13 -1.04 -1.72
CA ALA A 15 -9.14 -1.21 -0.26
C ALA A 15 -8.07 -0.33 0.41
N LEU A 16 -6.95 -0.14 -0.28
CA LEU A 16 -5.83 0.66 0.23
C LEU A 16 -6.27 2.11 0.48
N MET A 17 -6.90 2.72 -0.52
CA MET A 17 -7.36 4.12 -0.40
C MET A 17 -8.37 4.29 0.75
N VAL A 18 -9.12 3.23 1.04
CA VAL A 18 -10.08 3.25 2.16
C VAL A 18 -9.36 3.18 3.52
N ARG A 19 -8.30 2.40 3.59
CA ARG A 19 -7.52 2.24 4.83
C ARG A 19 -6.58 3.43 5.07
N THR A 20 -6.21 4.14 4.01
CA THR A 20 -5.26 5.26 4.11
C THR A 20 -5.94 6.64 4.00
N GLY A 21 -7.05 6.71 3.26
CA GLY A 21 -7.75 7.97 3.06
C GLY A 21 -7.30 8.72 1.81
N LEU A 22 -6.52 8.05 0.96
CA LEU A 22 -6.03 8.67 -0.29
C LEU A 22 -7.05 8.56 -1.43
N GLY A 23 -6.80 9.29 -2.52
CA GLY A 23 -7.67 9.24 -3.69
C GLY A 23 -7.04 8.51 -4.87
N ALA A 24 -7.87 8.04 -5.79
CA ALA A 24 -7.42 7.28 -6.96
C ALA A 24 -6.26 7.98 -7.71
N ARG A 25 -6.40 9.29 -7.97
CA ARG A 25 -5.39 10.05 -8.69
C ARG A 25 -4.17 10.35 -7.81
N GLN A 26 -4.39 10.57 -6.52
CA GLN A 26 -3.29 10.82 -5.59
C GLN A 26 -2.37 9.59 -5.51
N ILE A 27 -2.97 8.40 -5.49
CA ILE A 27 -2.22 7.14 -5.47
C ILE A 27 -1.42 6.92 -6.75
N GLU A 28 -2.06 7.08 -7.91
CA GLU A 28 -1.38 6.87 -9.20
C GLU A 28 -0.23 7.88 -9.40
N SER A 29 -0.31 9.03 -8.71
CA SER A 29 0.79 9.99 -8.68
C SER A 29 2.00 9.40 -7.94
N TYR A 30 1.75 8.86 -6.75
CA TYR A 30 2.80 8.18 -5.98
C TYR A 30 3.34 6.94 -6.71
N ARG A 31 2.45 6.28 -7.46
CA ARG A 31 2.81 5.13 -8.30
C ARG A 31 3.82 5.53 -9.40
N GLN A 32 3.99 6.83 -9.61
CA GLN A 32 4.96 7.34 -10.60
C GLN A 32 6.26 7.82 -9.93
N GLY A 33 6.45 7.49 -8.65
CA GLY A 33 7.66 7.92 -7.93
C GLY A 33 7.93 7.14 -6.64
N ALA A 34 7.21 7.48 -5.57
CA ALA A 34 7.42 6.87 -4.25
C ALA A 34 7.24 5.34 -4.24
N TRP A 35 6.39 4.84 -5.13
CA TRP A 35 6.11 3.39 -5.18
C TRP A 35 7.31 2.60 -5.77
N ILE A 36 7.93 1.80 -4.90
CA ILE A 36 9.07 0.95 -5.28
C ILE A 36 8.64 -0.52 -5.38
N GLU A 37 9.06 -1.20 -6.44
CA GLU A 37 8.71 -2.63 -6.61
C GLU A 37 9.32 -3.49 -5.49
N GLY A 38 8.51 -4.36 -4.91
CA GLY A 38 8.96 -5.21 -3.80
C GLY A 38 8.87 -4.52 -2.43
N VAL A 39 9.05 -3.21 -2.40
CA VAL A 39 9.07 -2.45 -1.14
C VAL A 39 7.71 -1.80 -0.82
N HIS A 40 7.06 -1.24 -1.84
CA HIS A 40 5.73 -0.61 -1.65
C HIS A 40 4.61 -1.39 -2.35
N PHE A 41 4.98 -2.44 -3.11
CA PHE A 41 3.99 -3.28 -3.80
C PHE A 41 4.65 -4.53 -4.41
N LYS A 42 3.82 -5.51 -4.79
CA LYS A 42 4.31 -6.69 -5.51
C LYS A 42 3.24 -7.26 -6.45
N ARG A 43 3.66 -8.06 -7.42
CA ARG A 43 2.74 -8.62 -8.42
C ARG A 43 2.11 -9.94 -7.93
N VAL A 44 0.79 -9.97 -7.80
CA VAL A 44 0.07 -11.18 -7.40
C VAL A 44 -0.43 -11.96 -8.63
N SER A 45 -0.23 -13.28 -8.62
CA SER A 45 -0.56 -14.13 -9.77
C SER A 45 -2.07 -14.40 -9.87
N PRO A 46 -2.73 -13.98 -10.97
CA PRO A 46 -4.15 -14.28 -11.21
C PRO A 46 -4.35 -15.74 -11.64
N SER A 47 -4.89 -16.56 -10.73
CA SER A 47 -5.04 -18.01 -10.94
C SER A 47 -5.69 -18.36 -12.29
N GLY A 48 -6.69 -17.56 -12.70
CA GLY A 48 -7.37 -17.81 -13.97
C GLY A 48 -6.53 -17.41 -15.19
N GLU A 49 -6.57 -16.13 -15.55
CA GLU A 49 -5.81 -15.63 -16.69
C GLU A 49 -4.35 -15.36 -16.31
N LYS A 50 -3.50 -16.39 -16.41
CA LYS A 50 -2.10 -16.27 -16.05
C LYS A 50 -1.31 -15.42 -17.06
N THR A 51 -1.40 -14.11 -16.92
CA THR A 51 -0.67 -13.16 -17.79
C THR A 51 0.31 -12.33 -16.97
N LEU A 52 0.92 -11.34 -17.61
CA LEU A 52 1.84 -10.41 -16.92
C LEU A 52 1.05 -9.24 -16.30
N ARG A 53 -0.27 -9.29 -16.42
CA ARG A 53 -1.15 -8.25 -15.86
C ARG A 53 -1.49 -8.55 -14.39
N GLY A 54 -0.63 -9.35 -13.74
CA GLY A 54 -0.86 -9.75 -12.35
C GLY A 54 -1.27 -8.59 -11.44
N THR A 55 -2.37 -8.77 -10.72
CA THR A 55 -2.91 -7.73 -9.82
C THR A 55 -1.86 -7.26 -8.81
N THR A 56 -1.52 -5.97 -8.89
CA THR A 56 -0.50 -5.40 -8.02
C THR A 56 -1.06 -4.98 -6.66
N TRP A 57 -0.75 -5.76 -5.62
CA TRP A 57 -1.14 -5.42 -4.25
C TRP A 57 -0.06 -4.57 -3.57
N TYR A 58 -0.45 -3.74 -2.60
CA TYR A 58 0.45 -2.74 -2.03
C TYR A 58 0.79 -3.02 -0.55
N ASN A 59 2.00 -2.61 -0.14
CA ASN A 59 2.46 -2.75 1.24
C ASN A 59 1.83 -1.68 2.16
N TYR A 60 0.72 -2.02 2.81
CA TYR A 60 0.08 -1.11 3.76
C TYR A 60 1.04 -0.63 4.86
N PRO A 61 1.81 -1.55 5.52
CA PRO A 61 2.79 -1.16 6.56
C PRO A 61 3.71 0.00 6.13
N GLU A 62 4.29 -0.10 4.94
CA GLU A 62 5.21 0.93 4.42
C GLU A 62 4.46 2.20 3.96
N ILE A 63 3.26 2.05 3.41
CA ILE A 63 2.44 3.21 3.01
C ILE A 63 1.99 3.99 4.25
N ASN A 64 1.55 3.27 5.28
CA ASN A 64 1.21 3.86 6.57
C ASN A 64 2.44 4.52 7.21
N LYS A 65 3.58 3.84 7.11
CA LYS A 65 4.87 4.37 7.56
C LYS A 65 5.18 5.72 6.88
N PHE A 66 4.98 5.77 5.57
CA PHE A 66 5.17 7.00 4.79
C PHE A 66 4.24 8.13 5.30
N ILE A 67 2.95 7.82 5.41
CA ILE A 67 1.95 8.78 5.89
C ILE A 67 2.21 9.18 7.35
N ARG A 68 2.79 8.26 8.13
CA ARG A 68 3.10 8.51 9.54
C ARG A 68 4.04 9.72 9.71
N ASP A 69 5.13 9.75 8.95
CA ASP A 69 6.10 10.85 9.02
C ASP A 69 5.59 12.11 8.31
N SER A 70 4.74 11.92 7.30
CA SER A 70 4.14 13.06 6.57
C SER A 70 3.09 13.78 7.42
N LEU A 71 2.27 13.01 8.14
CA LEU A 71 1.18 13.56 8.94
C LEU A 71 1.72 14.29 10.19
N GLU A 72 2.51 13.58 11.00
CA GLU A 72 3.11 14.15 12.22
C GLU A 72 2.07 14.50 13.31
N HIS A 73 1.29 15.56 13.06
CA HIS A 73 0.30 16.06 14.02
C HIS A 73 -0.72 14.97 14.39
N HIS A 74 -0.51 14.32 15.53
CA HIS A 74 -1.33 13.17 15.97
C HIS A 74 -2.85 13.43 15.83
N HIS A 75 -3.43 12.90 14.75
CA HIS A 75 -4.87 13.00 14.49
C HIS A 75 -5.62 11.74 14.95
N HIS A 76 -6.69 11.93 15.72
CA HIS A 76 -7.48 10.81 16.24
C HIS A 76 -8.54 10.32 15.23
N HIS A 77 -9.27 9.27 15.63
CA HIS A 77 -10.32 8.66 14.78
C HIS A 77 -11.49 9.63 14.53
N HIS A 78 -12.17 9.43 13.39
CA HIS A 78 -13.36 10.23 13.05
C HIS A 78 -14.58 9.33 12.69
N MET A 1 9.80 -23.90 22.38
CA MET A 1 8.74 -23.31 21.53
C MET A 1 9.32 -22.23 20.60
N ALA A 2 8.46 -21.69 19.72
CA ALA A 2 8.87 -20.63 18.80
C ALA A 2 7.71 -19.66 18.53
N GLN A 3 8.03 -18.42 18.16
CA GLN A 3 7.01 -17.39 17.91
C GLN A 3 7.52 -16.32 16.94
N ILE A 4 6.83 -16.17 15.80
CA ILE A 4 7.18 -15.17 14.80
C ILE A 4 6.20 -13.97 14.86
N ILE A 5 6.68 -12.84 15.41
CA ILE A 5 5.84 -11.65 15.58
C ILE A 5 5.92 -10.72 14.35
N PHE A 6 4.95 -10.84 13.45
CA PHE A 6 4.85 -9.99 12.26
C PHE A 6 3.39 -9.79 11.83
N ASN A 7 3.13 -8.65 11.18
CA ASN A 7 1.79 -8.36 10.64
C ASN A 7 1.89 -7.66 9.27
N GLU A 8 1.26 -8.25 8.25
CA GLU A 8 1.27 -7.66 6.91
C GLU A 8 -0.17 -7.42 6.41
N GLU A 9 -0.37 -6.29 5.72
CA GLU A 9 -1.65 -5.96 5.11
C GLU A 9 -1.47 -5.51 3.66
N TRP A 10 -1.64 -6.43 2.71
CA TRP A 10 -1.47 -6.14 1.29
C TRP A 10 -2.83 -5.96 0.60
N MET A 11 -3.12 -4.76 0.12
CA MET A 11 -4.42 -4.44 -0.48
C MET A 11 -4.29 -3.64 -1.79
N VAL A 12 -5.27 -3.76 -2.68
CA VAL A 12 -5.24 -3.06 -3.98
C VAL A 12 -5.69 -1.60 -3.86
N GLU A 13 -5.58 -0.85 -4.97
CA GLU A 13 -5.91 0.58 -5.02
C GLU A 13 -7.30 0.90 -4.45
N LYS A 14 -8.33 0.27 -5.01
CA LYS A 14 -9.72 0.52 -4.60
C LYS A 14 -9.94 0.29 -3.09
N ALA A 15 -9.32 -0.76 -2.55
CA ALA A 15 -9.40 -1.05 -1.11
C ALA A 15 -8.57 -0.04 -0.30
N LEU A 16 -7.41 0.32 -0.85
CA LEU A 16 -6.48 1.21 -0.17
C LEU A 16 -7.09 2.61 0.05
N MET A 17 -7.72 3.17 -0.98
CA MET A 17 -8.33 4.50 -0.88
C MET A 17 -9.37 4.56 0.25
N VAL A 18 -10.10 3.46 0.44
CA VAL A 18 -11.12 3.38 1.49
C VAL A 18 -10.48 3.20 2.88
N ARG A 19 -9.44 2.38 2.96
CA ARG A 19 -8.75 2.10 4.23
C ARG A 19 -7.87 3.27 4.70
N THR A 20 -7.48 4.15 3.78
CA THR A 20 -6.61 5.30 4.13
C THR A 20 -7.37 6.63 4.09
N GLY A 21 -8.38 6.75 3.23
CA GLY A 21 -9.09 8.00 3.06
C GLY A 21 -8.62 8.80 1.84
N LEU A 22 -7.66 8.24 1.10
CA LEU A 22 -7.14 8.87 -0.13
C LEU A 22 -8.09 8.67 -1.31
N GLY A 23 -7.79 9.33 -2.44
CA GLY A 23 -8.56 9.15 -3.65
C GLY A 23 -7.73 8.48 -4.76
N ALA A 24 -8.41 7.91 -5.75
CA ALA A 24 -7.74 7.22 -6.87
C ALA A 24 -6.66 8.09 -7.50
N ARG A 25 -7.00 9.35 -7.81
CA ARG A 25 -6.06 10.28 -8.45
C ARG A 25 -4.84 10.58 -7.56
N GLN A 26 -5.02 10.42 -6.25
CA GLN A 26 -3.96 10.71 -5.28
C GLN A 26 -3.02 9.50 -5.12
N ILE A 27 -3.61 8.30 -5.09
CA ILE A 27 -2.84 7.05 -4.98
C ILE A 27 -1.90 6.87 -6.18
N GLU A 28 -2.46 6.97 -7.38
CA GLU A 28 -1.69 6.80 -8.62
C GLU A 28 -0.54 7.83 -8.70
N SER A 29 -0.76 9.01 -8.13
CA SER A 29 0.29 10.03 -8.05
C SER A 29 1.49 9.52 -7.24
N TYR A 30 1.21 8.88 -6.11
CA TYR A 30 2.26 8.33 -5.25
C TYR A 30 2.96 7.11 -5.89
N ARG A 31 2.22 6.39 -6.74
CA ARG A 31 2.78 5.24 -7.47
C ARG A 31 3.87 5.66 -8.47
N GLN A 32 3.99 6.96 -8.70
CA GLN A 32 5.00 7.49 -9.62
C GLN A 32 6.36 7.70 -8.93
N GLY A 33 6.42 7.57 -7.60
CA GLY A 33 7.67 7.80 -6.88
C GLY A 33 7.68 7.29 -5.44
N ALA A 34 6.63 7.62 -4.68
CA ALA A 34 6.56 7.26 -3.25
C ALA A 34 6.46 5.75 -3.03
N TRP A 35 5.80 5.06 -3.95
CA TRP A 35 5.68 3.59 -3.89
C TRP A 35 7.02 2.92 -4.25
N ILE A 36 7.30 1.78 -3.61
CA ILE A 36 8.60 1.09 -3.75
C ILE A 36 8.41 -0.43 -3.83
N GLU A 37 9.07 -1.07 -4.80
CA GLU A 37 8.98 -2.52 -5.02
C GLU A 37 9.36 -3.31 -3.75
N GLY A 38 8.55 -4.31 -3.41
CA GLY A 38 8.83 -5.15 -2.25
C GLY A 38 8.45 -4.48 -0.91
N VAL A 39 8.99 -3.29 -0.68
CA VAL A 39 8.77 -2.56 0.57
C VAL A 39 7.32 -2.04 0.69
N HIS A 40 6.93 -1.15 -0.22
CA HIS A 40 5.61 -0.50 -0.17
C HIS A 40 4.56 -1.21 -1.04
N PHE A 41 4.98 -2.18 -1.84
CA PHE A 41 4.04 -3.01 -2.62
C PHE A 41 4.71 -4.29 -3.15
N LYS A 42 3.92 -5.32 -3.42
CA LYS A 42 4.44 -6.58 -3.98
C LYS A 42 3.75 -6.95 -5.30
N ARG A 43 4.42 -7.77 -6.11
CA ARG A 43 3.89 -8.17 -7.42
C ARG A 43 3.37 -9.63 -7.38
N VAL A 44 2.06 -9.81 -7.60
CA VAL A 44 1.45 -11.14 -7.59
C VAL A 44 0.87 -11.50 -8.97
N SER A 45 1.14 -12.72 -9.42
CA SER A 45 0.64 -13.21 -10.71
C SER A 45 -0.79 -13.74 -10.60
N PRO A 46 -1.56 -13.74 -11.73
CA PRO A 46 -2.94 -14.28 -11.74
C PRO A 46 -3.00 -15.77 -11.35
N SER A 47 -4.18 -16.25 -10.97
CA SER A 47 -4.35 -17.65 -10.53
C SER A 47 -4.18 -18.61 -11.70
N GLY A 48 -3.12 -19.43 -11.65
CA GLY A 48 -2.85 -20.41 -12.69
C GLY A 48 -2.29 -19.79 -13.98
N GLU A 49 -3.13 -19.04 -14.69
CA GLU A 49 -2.73 -18.45 -15.97
C GLU A 49 -1.73 -17.30 -15.78
N LYS A 50 -0.49 -17.52 -16.20
CA LYS A 50 0.56 -16.51 -16.08
C LYS A 50 0.46 -15.43 -17.18
N THR A 51 -0.42 -14.45 -16.95
CA THR A 51 -0.57 -13.30 -17.85
C THR A 51 0.30 -12.13 -17.37
N LEU A 52 0.67 -11.23 -18.29
CA LEU A 52 1.54 -10.09 -17.95
C LEU A 52 0.88 -9.15 -16.93
N ARG A 53 -0.45 -9.02 -17.01
CA ARG A 53 -1.20 -8.21 -16.05
C ARG A 53 -1.09 -8.76 -14.61
N GLY A 54 -0.01 -8.42 -13.95
CA GLY A 54 0.21 -8.85 -12.57
C GLY A 54 -0.50 -7.96 -11.55
N THR A 55 -1.16 -8.59 -10.58
CA THR A 55 -1.88 -7.86 -9.53
C THR A 55 -0.90 -7.32 -8.47
N THR A 56 -0.88 -6.00 -8.29
CA THR A 56 0.05 -5.37 -7.35
C THR A 56 -0.64 -4.97 -6.05
N TRP A 57 -0.25 -5.60 -4.95
CA TRP A 57 -0.84 -5.32 -3.63
C TRP A 57 0.04 -4.35 -2.81
N TYR A 58 -0.57 -3.30 -2.27
CA TYR A 58 0.17 -2.28 -1.52
C TYR A 58 0.31 -2.64 -0.03
N ASN A 59 1.44 -2.26 0.56
CA ASN A 59 1.72 -2.52 1.98
C ASN A 59 1.12 -1.42 2.86
N TYR A 60 -0.06 -1.70 3.43
CA TYR A 60 -0.80 -0.72 4.24
C TYR A 60 0.06 -0.15 5.41
N PRO A 61 0.70 -1.00 6.26
CA PRO A 61 1.61 -0.53 7.32
C PRO A 61 2.65 0.49 6.82
N GLU A 62 3.24 0.23 5.65
CA GLU A 62 4.21 1.16 5.05
C GLU A 62 3.54 2.47 4.63
N ILE A 63 2.34 2.39 4.07
CA ILE A 63 1.58 3.57 3.67
C ILE A 63 1.18 4.41 4.90
N ASN A 64 0.93 3.72 6.02
CA ASN A 64 0.70 4.40 7.30
C ASN A 64 1.93 5.23 7.70
N LYS A 65 3.11 4.64 7.52
CA LYS A 65 4.38 5.34 7.79
C LYS A 65 4.59 6.51 6.80
N PHE A 66 3.98 6.42 5.62
CA PHE A 66 3.97 7.54 4.67
C PHE A 66 3.04 8.66 5.17
N ILE A 67 1.80 8.30 5.49
CA ILE A 67 0.81 9.25 6.02
C ILE A 67 1.33 9.92 7.31
N ARG A 68 2.20 9.21 8.04
CA ARG A 68 2.86 9.75 9.23
C ARG A 68 3.44 11.14 8.96
N ASP A 69 4.32 11.24 7.96
CA ASP A 69 4.98 12.50 7.61
C ASP A 69 3.96 13.62 7.39
N SER A 70 2.93 13.34 6.59
CA SER A 70 1.89 14.32 6.29
C SER A 70 1.14 14.77 7.55
N LEU A 71 0.55 13.81 8.25
CA LEU A 71 -0.33 14.10 9.40
C LEU A 71 0.38 14.92 10.49
N GLU A 72 1.68 14.69 10.70
CA GLU A 72 2.43 15.39 11.75
C GLU A 72 2.57 16.90 11.47
N HIS A 73 3.16 17.26 10.32
CA HIS A 73 3.35 18.69 9.97
C HIS A 73 2.24 19.21 9.03
N HIS A 74 1.13 18.49 8.98
CA HIS A 74 -0.11 19.00 8.36
C HIS A 74 -1.28 18.82 9.34
N HIS A 75 -2.47 19.29 8.97
CA HIS A 75 -3.65 19.12 9.83
C HIS A 75 -4.85 18.60 9.03
N HIS A 76 -5.06 17.29 9.07
CA HIS A 76 -6.15 16.64 8.35
C HIS A 76 -7.48 16.82 9.10
N HIS A 77 -8.05 18.00 8.99
CA HIS A 77 -9.34 18.30 9.62
C HIS A 77 -10.50 17.62 8.89
N HIS A 78 -10.89 16.43 9.38
CA HIS A 78 -12.03 15.67 8.83
C HIS A 78 -11.74 15.14 7.40
N MET A 1 0.11 -18.75 26.77
CA MET A 1 0.12 -17.36 27.34
C MET A 1 0.54 -16.31 26.31
N ALA A 2 0.69 -16.72 25.05
CA ALA A 2 1.13 -15.82 23.98
C ALA A 2 0.55 -16.23 22.62
N GLN A 3 0.39 -15.24 21.73
CA GLN A 3 -0.14 -15.50 20.38
C GLN A 3 0.18 -14.32 19.44
N ILE A 4 0.69 -14.64 18.25
CA ILE A 4 1.06 -13.62 17.26
C ILE A 4 -0.13 -13.20 16.39
N ILE A 5 -0.28 -11.89 16.17
CA ILE A 5 -1.38 -11.36 15.35
C ILE A 5 -0.88 -10.85 13.99
N PHE A 6 -1.28 -11.51 12.91
CA PHE A 6 -1.01 -11.03 11.56
C PHE A 6 -2.29 -10.62 10.83
N ASN A 7 -2.66 -9.36 10.97
CA ASN A 7 -3.83 -8.83 10.28
C ASN A 7 -3.51 -8.51 8.81
N GLU A 8 -3.18 -9.57 8.06
CA GLU A 8 -2.75 -9.44 6.66
C GLU A 8 -3.92 -9.16 5.73
N GLU A 9 -4.35 -7.89 5.68
CA GLU A 9 -5.41 -7.48 4.77
C GLU A 9 -4.84 -7.16 3.37
N TRP A 10 -4.57 -8.21 2.60
CA TRP A 10 -4.12 -8.05 1.21
C TRP A 10 -5.33 -7.76 0.30
N MET A 11 -5.27 -6.64 -0.43
CA MET A 11 -6.43 -6.20 -1.22
C MET A 11 -6.03 -5.39 -2.46
N VAL A 12 -6.98 -5.21 -3.38
CA VAL A 12 -6.78 -4.35 -4.56
C VAL A 12 -7.04 -2.88 -4.20
N GLU A 13 -6.83 -1.98 -5.17
CA GLU A 13 -6.97 -0.54 -4.93
C GLU A 13 -8.41 -0.14 -4.60
N LYS A 14 -9.37 -0.77 -5.28
CA LYS A 14 -10.80 -0.51 -5.04
C LYS A 14 -11.14 -0.77 -3.55
N ALA A 15 -10.66 -1.89 -3.03
CA ALA A 15 -10.86 -2.23 -1.61
C ALA A 15 -10.06 -1.27 -0.70
N LEU A 16 -8.82 -0.99 -1.11
CA LEU A 16 -7.93 -0.12 -0.34
C LEU A 16 -8.56 1.25 -0.07
N MET A 17 -9.13 1.87 -1.12
CA MET A 17 -9.78 3.18 -0.98
C MET A 17 -11.02 3.10 -0.07
N VAL A 18 -11.67 1.93 -0.04
CA VAL A 18 -12.83 1.69 0.83
C VAL A 18 -12.40 1.54 2.31
N ARG A 19 -11.29 0.84 2.53
CA ARG A 19 -10.76 0.61 3.88
C ARG A 19 -10.15 1.89 4.48
N THR A 20 -9.44 2.66 3.65
CA THR A 20 -8.70 3.85 4.11
C THR A 20 -9.52 5.14 4.02
N GLY A 21 -10.43 5.20 3.06
CA GLY A 21 -11.20 6.42 2.83
C GLY A 21 -10.56 7.36 1.80
N LEU A 22 -9.41 6.96 1.27
CA LEU A 22 -8.71 7.73 0.24
C LEU A 22 -9.43 7.63 -1.12
N GLY A 23 -9.22 8.62 -1.97
CA GLY A 23 -9.77 8.58 -3.33
C GLY A 23 -8.73 8.20 -4.37
N ALA A 24 -9.20 7.79 -5.55
CA ALA A 24 -8.29 7.36 -6.63
C ALA A 24 -7.31 8.47 -7.01
N ARG A 25 -7.81 9.71 -7.08
CA ARG A 25 -6.98 10.88 -7.37
C ARG A 25 -5.81 11.02 -6.36
N GLN A 26 -6.06 10.58 -5.14
CA GLN A 26 -5.06 10.69 -4.07
C GLN A 26 -4.07 9.51 -4.13
N ILE A 27 -4.60 8.31 -4.34
CA ILE A 27 -3.78 7.10 -4.42
C ILE A 27 -2.80 7.15 -5.59
N GLU A 28 -3.28 7.54 -6.78
CA GLU A 28 -2.41 7.64 -7.96
C GLU A 28 -1.26 8.64 -7.72
N SER A 29 -1.54 9.70 -6.96
CA SER A 29 -0.51 10.68 -6.59
C SER A 29 0.55 10.04 -5.67
N TYR A 30 0.10 9.11 -4.82
CA TYR A 30 1.01 8.37 -3.93
C TYR A 30 1.79 7.27 -4.68
N ARG A 31 1.17 6.66 -5.69
CA ARG A 31 1.83 5.58 -6.45
C ARG A 31 3.17 6.05 -7.06
N GLN A 32 3.21 7.32 -7.45
CA GLN A 32 4.36 7.87 -8.17
C GLN A 32 5.56 8.19 -7.25
N GLY A 33 5.41 7.94 -5.95
CA GLY A 33 6.49 8.23 -5.01
C GLY A 33 6.39 7.45 -3.70
N ALA A 34 5.27 7.61 -3.00
CA ALA A 34 5.06 6.99 -1.68
C ALA A 34 4.94 5.46 -1.75
N TRP A 35 4.29 4.95 -2.79
CA TRP A 35 4.12 3.50 -2.97
C TRP A 35 5.43 2.82 -3.37
N ILE A 36 6.01 2.06 -2.44
CA ILE A 36 7.22 1.29 -2.70
C ILE A 36 6.92 -0.22 -2.78
N GLU A 37 7.27 -0.85 -3.89
CA GLU A 37 7.02 -2.31 -4.07
C GLU A 37 7.83 -3.13 -3.06
N GLY A 38 7.32 -4.31 -2.71
CA GLY A 38 7.97 -5.15 -1.71
C GLY A 38 7.73 -4.67 -0.27
N VAL A 39 7.71 -3.35 -0.08
CA VAL A 39 7.46 -2.76 1.23
C VAL A 39 5.95 -2.50 1.46
N HIS A 40 5.36 -1.59 0.68
CA HIS A 40 3.96 -1.19 0.88
C HIS A 40 2.99 -1.91 -0.06
N PHE A 41 3.49 -2.56 -1.13
CA PHE A 41 2.63 -3.32 -2.04
C PHE A 41 3.43 -4.34 -2.85
N LYS A 42 2.73 -5.21 -3.59
CA LYS A 42 3.37 -6.18 -4.48
C LYS A 42 2.48 -6.53 -5.69
N ARG A 43 3.12 -6.74 -6.84
CA ARG A 43 2.41 -7.04 -8.09
C ARG A 43 2.19 -8.57 -8.26
N VAL A 44 1.01 -8.95 -8.74
CA VAL A 44 0.68 -10.38 -8.91
C VAL A 44 0.51 -10.77 -10.39
N SER A 45 1.36 -11.68 -10.86
CA SER A 45 1.25 -12.24 -12.21
C SER A 45 0.40 -13.52 -12.23
N PRO A 46 -0.31 -13.79 -13.35
CA PRO A 46 -1.02 -15.07 -13.54
C PRO A 46 -0.05 -16.24 -13.79
N SER A 47 1.25 -15.94 -13.77
CA SER A 47 2.30 -16.95 -13.93
C SER A 47 3.42 -16.73 -12.91
N GLY A 48 4.58 -17.37 -13.12
CA GLY A 48 5.71 -17.20 -12.22
C GLY A 48 6.40 -15.85 -12.34
N GLU A 49 7.66 -15.85 -12.77
CA GLU A 49 8.44 -14.60 -12.93
C GLU A 49 8.31 -14.03 -14.34
N LYS A 50 7.25 -14.41 -15.06
CA LYS A 50 6.98 -13.88 -16.40
C LYS A 50 6.33 -12.48 -16.30
N THR A 51 5.88 -11.94 -17.43
CA THR A 51 5.26 -10.60 -17.43
C THR A 51 3.98 -10.58 -16.57
N LEU A 52 3.70 -9.41 -15.99
CA LEU A 52 2.54 -9.25 -15.09
C LEU A 52 1.21 -9.36 -15.84
N ARG A 53 0.78 -8.26 -16.47
CA ARG A 53 -0.50 -8.22 -17.20
C ARG A 53 -1.71 -8.48 -16.27
N GLY A 54 -1.46 -8.41 -14.96
CA GLY A 54 -2.50 -8.72 -13.97
C GLY A 54 -2.77 -7.57 -13.00
N THR A 55 -3.03 -7.91 -11.74
CA THR A 55 -3.43 -6.92 -10.73
C THR A 55 -2.35 -6.69 -9.66
N THR A 56 -2.10 -5.43 -9.32
CA THR A 56 -1.17 -5.07 -8.24
C THR A 56 -1.91 -4.93 -6.90
N TRP A 57 -1.55 -5.78 -5.93
CA TRP A 57 -2.19 -5.77 -4.61
C TRP A 57 -1.41 -4.90 -3.61
N TYR A 58 -2.13 -4.22 -2.72
CA TYR A 58 -1.52 -3.30 -1.77
C TYR A 58 -1.60 -3.81 -0.32
N ASN A 59 -0.54 -3.57 0.45
CA ASN A 59 -0.50 -3.97 1.87
C ASN A 59 -1.22 -2.92 2.74
N TYR A 60 -2.48 -3.19 3.07
CA TYR A 60 -3.29 -2.27 3.89
C TYR A 60 -2.55 -1.81 5.18
N PRO A 61 -2.00 -2.75 6.00
CA PRO A 61 -1.22 -2.38 7.21
C PRO A 61 -0.10 -1.36 6.91
N GLU A 62 0.66 -1.62 5.84
CA GLU A 62 1.75 -0.73 5.44
C GLU A 62 1.26 0.67 5.03
N ILE A 63 0.15 0.72 4.30
CA ILE A 63 -0.44 1.99 3.87
C ILE A 63 -0.99 2.78 5.07
N ASN A 64 -1.72 2.11 5.95
CA ASN A 64 -2.21 2.72 7.20
C ASN A 64 -1.02 3.23 8.05
N LYS A 65 0.08 2.47 8.02
CA LYS A 65 1.33 2.84 8.70
C LYS A 65 1.93 4.13 8.10
N PHE A 66 1.74 4.32 6.79
CA PHE A 66 2.25 5.51 6.09
C PHE A 66 1.31 6.72 6.29
N ILE A 67 0.00 6.49 6.16
CA ILE A 67 -1.00 7.57 6.26
C ILE A 67 -0.77 8.49 7.46
N ARG A 68 -0.39 7.90 8.60
CA ARG A 68 -0.08 8.68 9.81
C ARG A 68 0.94 9.80 9.52
N ASP A 69 2.03 9.44 8.84
CA ASP A 69 3.10 10.38 8.55
C ASP A 69 2.60 11.57 7.71
N SER A 70 1.62 11.31 6.85
CA SER A 70 1.02 12.36 6.00
C SER A 70 0.49 13.54 6.84
N LEU A 71 0.11 13.25 8.09
CA LEU A 71 -0.42 14.28 9.00
C LEU A 71 0.69 15.03 9.75
N GLU A 72 1.72 14.31 10.19
CA GLU A 72 2.75 14.88 11.07
C GLU A 72 4.13 15.01 10.39
N HIS A 73 4.20 14.72 9.09
CA HIS A 73 5.47 14.77 8.35
C HIS A 73 6.18 16.11 8.52
N HIS A 74 7.38 16.09 9.09
CA HIS A 74 8.15 17.32 9.35
C HIS A 74 8.52 18.05 8.04
N HIS A 75 8.99 19.30 8.18
CA HIS A 75 9.31 20.14 7.02
C HIS A 75 10.50 19.60 6.22
N HIS A 76 10.23 19.09 5.03
CA HIS A 76 11.27 18.60 4.12
C HIS A 76 11.69 19.67 3.12
N HIS A 77 12.81 20.35 3.38
CA HIS A 77 13.28 21.43 2.51
C HIS A 77 14.81 21.49 2.48
N HIS A 78 15.39 21.32 1.29
CA HIS A 78 16.84 21.46 1.09
C HIS A 78 17.16 22.74 0.29
N MET A 1 5.51 -23.71 12.18
CA MET A 1 4.66 -24.16 13.31
C MET A 1 4.64 -23.14 14.45
N ALA A 2 5.80 -22.86 15.04
CA ALA A 2 5.90 -21.93 16.16
C ALA A 2 5.60 -20.48 15.76
N GLN A 3 6.46 -19.90 14.91
CA GLN A 3 6.28 -18.51 14.47
C GLN A 3 5.18 -18.38 13.40
N ILE A 4 4.12 -17.65 13.72
CA ILE A 4 3.00 -17.45 12.79
C ILE A 4 3.08 -16.06 12.13
N ILE A 5 3.56 -16.01 10.90
CA ILE A 5 3.65 -14.74 10.16
C ILE A 5 2.40 -14.54 9.27
N PHE A 6 1.50 -13.68 9.73
CA PHE A 6 0.25 -13.41 8.99
C PHE A 6 -0.45 -12.13 9.49
N ASN A 7 0.24 -11.36 10.35
CA ASN A 7 -0.31 -10.09 10.86
C ASN A 7 -0.12 -8.97 9.82
N GLU A 8 -0.64 -9.19 8.62
CA GLU A 8 -0.46 -8.27 7.50
C GLU A 8 -1.59 -8.42 6.47
N GLU A 9 -2.10 -7.29 5.97
CA GLU A 9 -3.19 -7.30 4.99
C GLU A 9 -2.76 -6.71 3.65
N TRP A 10 -2.63 -7.57 2.63
CA TRP A 10 -2.38 -7.11 1.26
C TRP A 10 -3.69 -6.96 0.51
N MET A 11 -3.97 -5.76 -0.01
CA MET A 11 -5.25 -5.46 -0.63
C MET A 11 -5.10 -4.61 -1.91
N VAL A 12 -5.99 -4.83 -2.87
CA VAL A 12 -5.96 -4.08 -4.14
C VAL A 12 -6.24 -2.58 -3.92
N GLU A 13 -5.94 -1.78 -4.94
CA GLU A 13 -6.03 -0.31 -4.86
C GLU A 13 -7.45 0.14 -4.46
N LYS A 14 -8.46 -0.49 -5.05
CA LYS A 14 -9.87 -0.20 -4.73
C LYS A 14 -10.16 -0.45 -3.24
N ALA A 15 -9.63 -1.55 -2.70
CA ALA A 15 -9.83 -1.89 -1.29
C ALA A 15 -9.02 -0.97 -0.36
N LEU A 16 -7.82 -0.62 -0.81
CA LEU A 16 -6.89 0.20 -0.02
C LEU A 16 -7.46 1.61 0.22
N MET A 17 -7.99 2.24 -0.83
CA MET A 17 -8.57 3.59 -0.70
C MET A 17 -9.74 3.60 0.31
N VAL A 18 -10.47 2.49 0.38
CA VAL A 18 -11.58 2.35 1.34
C VAL A 18 -11.07 2.19 2.78
N ARG A 19 -9.91 1.55 2.93
CA ARG A 19 -9.29 1.33 4.24
C ARG A 19 -8.62 2.60 4.79
N THR A 20 -7.90 3.31 3.93
CA THR A 20 -7.09 4.46 4.36
C THR A 20 -7.82 5.80 4.25
N GLY A 21 -8.79 5.89 3.35
CA GLY A 21 -9.55 7.12 3.16
C GLY A 21 -8.99 8.00 2.04
N LEU A 22 -7.91 7.55 1.41
CA LEU A 22 -7.31 8.28 0.28
C LEU A 22 -8.09 8.05 -1.02
N GLY A 23 -7.79 8.86 -2.03
CA GLY A 23 -8.37 8.67 -3.36
C GLY A 23 -7.38 8.09 -4.35
N ALA A 24 -7.89 7.57 -5.47
CA ALA A 24 -7.04 6.94 -6.50
C ALA A 24 -5.90 7.87 -6.96
N ARG A 25 -6.23 9.15 -7.16
CA ARG A 25 -5.24 10.14 -7.61
C ARG A 25 -4.10 10.30 -6.59
N GLN A 26 -4.44 10.18 -5.31
CA GLN A 26 -3.45 10.30 -4.23
C GLN A 26 -2.51 9.09 -4.19
N ILE A 27 -3.10 7.89 -4.22
CA ILE A 27 -2.31 6.65 -4.16
C ILE A 27 -1.27 6.59 -5.29
N GLU A 28 -1.72 6.81 -6.53
CA GLU A 28 -0.82 6.81 -7.69
C GLU A 28 0.25 7.91 -7.57
N SER A 29 -0.12 9.04 -6.96
CA SER A 29 0.83 10.14 -6.73
C SER A 29 1.95 9.72 -5.79
N TYR A 30 1.61 8.93 -4.77
CA TYR A 30 2.62 8.41 -3.83
C TYR A 30 3.36 7.19 -4.40
N ARG A 31 2.80 6.59 -5.46
CA ARG A 31 3.47 5.49 -6.17
C ARG A 31 4.70 5.98 -6.93
N GLN A 32 4.87 7.30 -7.04
CA GLN A 32 6.02 7.88 -7.73
C GLN A 32 7.25 7.96 -6.82
N GLY A 33 7.14 7.44 -5.59
CA GLY A 33 8.28 7.47 -4.67
C GLY A 33 8.06 6.63 -3.40
N ALA A 34 7.06 7.00 -2.60
CA ALA A 34 6.82 6.36 -1.30
C ALA A 34 6.50 4.86 -1.42
N TRP A 35 5.64 4.49 -2.36
CA TRP A 35 5.29 3.07 -2.57
C TRP A 35 6.47 2.31 -3.21
N ILE A 36 7.16 1.50 -2.41
CA ILE A 36 8.28 0.69 -2.90
C ILE A 36 7.80 -0.69 -3.37
N GLU A 37 8.06 -1.01 -4.65
CA GLU A 37 7.67 -2.32 -5.21
C GLU A 37 8.34 -3.47 -4.43
N GLY A 38 7.56 -4.46 -4.04
CA GLY A 38 8.06 -5.55 -3.22
C GLY A 38 7.87 -5.31 -1.72
N VAL A 39 7.93 -4.04 -1.31
CA VAL A 39 7.81 -3.68 0.11
C VAL A 39 6.39 -3.15 0.43
N HIS A 40 6.09 -1.93 -0.01
CA HIS A 40 4.79 -1.31 0.27
C HIS A 40 3.68 -1.87 -0.64
N PHE A 41 4.06 -2.69 -1.61
CA PHE A 41 3.10 -3.37 -2.49
C PHE A 41 3.81 -4.40 -3.38
N LYS A 42 3.04 -5.25 -4.03
CA LYS A 42 3.60 -6.24 -4.94
C LYS A 42 2.59 -6.66 -6.01
N ARG A 43 3.08 -6.75 -7.25
CA ARG A 43 2.27 -7.19 -8.38
C ARG A 43 2.16 -8.73 -8.40
N VAL A 44 1.02 -9.23 -7.96
CA VAL A 44 0.81 -10.67 -7.78
C VAL A 44 0.05 -11.31 -8.96
N SER A 45 0.42 -12.52 -9.32
CA SER A 45 -0.26 -13.29 -10.37
C SER A 45 -1.55 -13.95 -9.85
N PRO A 46 -2.63 -13.96 -10.65
CA PRO A 46 -3.88 -14.63 -10.29
C PRO A 46 -3.69 -16.15 -10.11
N SER A 47 -2.82 -16.75 -10.92
CA SER A 47 -2.56 -18.20 -10.87
C SER A 47 -1.31 -18.52 -10.04
N GLY A 48 -0.22 -17.78 -10.30
CA GLY A 48 1.04 -18.04 -9.61
C GLY A 48 2.25 -17.75 -10.49
N GLU A 49 2.18 -18.18 -11.74
CA GLU A 49 3.23 -17.89 -12.71
C GLU A 49 3.20 -16.42 -13.15
N LYS A 50 4.37 -15.81 -13.25
CA LYS A 50 4.50 -14.36 -13.47
C LYS A 50 3.67 -13.86 -14.67
N THR A 51 2.63 -13.09 -14.36
CA THR A 51 1.75 -12.50 -15.38
C THR A 51 2.36 -11.20 -15.93
N LEU A 52 1.98 -10.82 -17.16
CA LEU A 52 2.53 -9.62 -17.81
C LEU A 52 2.12 -8.34 -17.05
N ARG A 53 0.85 -8.25 -16.69
CA ARG A 53 0.34 -7.11 -15.90
C ARG A 53 0.53 -7.33 -14.39
N GLY A 54 -0.19 -8.30 -13.84
CA GLY A 54 -0.06 -8.65 -12.42
C GLY A 54 -0.98 -7.83 -11.51
N THR A 55 -1.86 -8.53 -10.79
CA THR A 55 -2.78 -7.88 -9.84
C THR A 55 -1.99 -7.27 -8.68
N THR A 56 -1.99 -5.95 -8.57
CA THR A 56 -1.17 -5.26 -7.58
C THR A 56 -1.85 -5.19 -6.20
N TRP A 57 -1.32 -5.94 -5.24
CA TRP A 57 -1.79 -5.89 -3.86
C TRP A 57 -0.89 -4.98 -3.01
N TYR A 58 -1.48 -4.01 -2.32
CA TYR A 58 -0.75 -3.05 -1.50
C TYR A 58 -0.65 -3.51 -0.03
N ASN A 59 0.50 -3.21 0.61
CA ASN A 59 0.72 -3.58 2.01
C ASN A 59 0.08 -2.54 2.96
N TYR A 60 -1.15 -2.85 3.39
CA TYR A 60 -1.95 -1.95 4.25
C TYR A 60 -1.18 -1.45 5.50
N PRO A 61 -0.61 -2.37 6.32
CA PRO A 61 0.13 -1.97 7.55
C PRO A 61 1.17 -0.87 7.30
N GLU A 62 1.83 -0.93 6.15
CA GLU A 62 2.88 0.04 5.80
C GLU A 62 2.30 1.36 5.26
N ILE A 63 1.15 1.31 4.60
CA ILE A 63 0.51 2.53 4.11
C ILE A 63 -0.04 3.36 5.28
N ASN A 64 -0.59 2.69 6.30
CA ASN A 64 -0.93 3.37 7.56
C ASN A 64 0.34 3.93 8.24
N LYS A 65 1.42 3.16 8.16
CA LYS A 65 2.74 3.59 8.64
C LYS A 65 3.18 4.90 7.94
N PHE A 66 2.84 5.02 6.65
CA PHE A 66 3.08 6.26 5.90
C PHE A 66 2.11 7.37 6.34
N ILE A 67 0.84 7.01 6.55
CA ILE A 67 -0.18 7.95 7.03
C ILE A 67 0.29 8.67 8.31
N ARG A 68 0.96 7.93 9.20
CA ARG A 68 1.50 8.51 10.44
C ARG A 68 2.41 9.71 10.15
N ASP A 69 3.16 9.65 9.04
CA ASP A 69 4.02 10.76 8.63
C ASP A 69 3.24 11.80 7.80
N SER A 70 2.16 11.35 7.15
CA SER A 70 1.30 12.24 6.37
C SER A 70 0.69 13.36 7.24
N LEU A 71 0.35 13.02 8.48
CA LEU A 71 -0.22 13.99 9.42
C LEU A 71 0.84 14.98 9.95
N GLU A 72 2.11 14.61 9.87
CA GLU A 72 3.20 15.45 10.35
C GLU A 72 3.26 16.79 9.61
N HIS A 73 2.83 17.85 10.29
CA HIS A 73 2.92 19.21 9.74
C HIS A 73 4.39 19.60 9.44
N HIS A 74 4.63 20.16 8.25
CA HIS A 74 5.97 20.57 7.86
C HIS A 74 6.39 21.87 8.59
N HIS A 75 5.71 22.97 8.28
CA HIS A 75 5.92 24.25 8.96
C HIS A 75 4.58 24.99 9.13
N HIS A 76 4.12 25.12 10.37
CA HIS A 76 2.85 25.78 10.66
C HIS A 76 2.97 27.31 10.47
N HIS A 77 2.60 27.79 9.28
CA HIS A 77 2.82 29.19 8.90
C HIS A 77 1.78 30.17 9.50
N HIS A 78 0.86 29.67 10.33
CA HIS A 78 -0.11 30.55 11.02
C HIS A 78 -0.27 30.18 12.50
N MET A 1 10.64 -15.45 22.96
CA MET A 1 10.61 -15.22 21.49
C MET A 1 9.50 -14.25 21.08
N ALA A 2 9.76 -12.95 21.21
CA ALA A 2 8.78 -11.92 20.82
C ALA A 2 9.12 -11.33 19.44
N GLN A 3 8.41 -11.79 18.42
CA GLN A 3 8.64 -11.32 17.04
C GLN A 3 7.34 -10.87 16.37
N ILE A 4 7.47 -10.07 15.31
CA ILE A 4 6.30 -9.56 14.56
C ILE A 4 5.84 -10.55 13.48
N ILE A 5 4.90 -11.43 13.82
CA ILE A 5 4.33 -12.38 12.85
C ILE A 5 2.97 -11.90 12.30
N PHE A 6 2.95 -11.56 11.01
CA PHE A 6 1.72 -11.20 10.29
C PHE A 6 1.00 -9.96 10.88
N ASN A 7 1.62 -9.28 11.84
CA ASN A 7 1.04 -8.03 12.36
C ASN A 7 1.20 -6.91 11.32
N GLU A 8 0.42 -7.01 10.24
CA GLU A 8 0.53 -6.08 9.11
C GLU A 8 -0.86 -5.61 8.64
N GLU A 9 -0.89 -4.92 7.51
CA GLU A 9 -2.13 -4.41 6.93
C GLU A 9 -2.00 -4.31 5.40
N TRP A 10 -2.75 -5.16 4.68
CA TRP A 10 -2.66 -5.21 3.21
C TRP A 10 -4.02 -4.88 2.56
N MET A 11 -4.00 -4.19 1.42
CA MET A 11 -5.25 -3.76 0.77
C MET A 11 -5.03 -3.31 -0.69
N VAL A 12 -6.13 -3.07 -1.40
CA VAL A 12 -6.08 -2.54 -2.77
C VAL A 12 -6.15 -1.00 -2.78
N GLU A 13 -6.12 -0.40 -3.96
CA GLU A 13 -6.14 1.06 -4.11
C GLU A 13 -7.37 1.71 -3.44
N LYS A 14 -8.56 1.30 -3.86
CA LYS A 14 -9.80 1.91 -3.38
C LYS A 14 -9.97 1.73 -1.87
N ALA A 15 -9.42 0.65 -1.31
CA ALA A 15 -9.43 0.45 0.15
C ALA A 15 -8.34 1.29 0.83
N LEU A 16 -7.20 1.42 0.17
CA LEU A 16 -6.05 2.18 0.68
C LEU A 16 -6.41 3.66 0.87
N MET A 17 -7.01 4.26 -0.16
CA MET A 17 -7.38 5.68 -0.12
C MET A 17 -8.30 6.02 1.07
N VAL A 18 -9.18 5.08 1.41
CA VAL A 18 -10.16 5.28 2.50
C VAL A 18 -9.48 5.40 3.87
N ARG A 19 -8.50 4.53 4.13
CA ARG A 19 -7.84 4.49 5.45
C ARG A 19 -6.69 5.51 5.56
N THR A 20 -6.20 5.99 4.42
CA THR A 20 -5.08 6.94 4.37
C THR A 20 -5.55 8.39 4.16
N GLY A 21 -6.70 8.55 3.51
CA GLY A 21 -7.21 9.89 3.21
C GLY A 21 -6.72 10.44 1.87
N LEU A 22 -6.38 9.53 0.95
CA LEU A 22 -5.92 9.90 -0.39
C LEU A 22 -7.02 9.71 -1.45
N GLY A 23 -6.69 10.01 -2.70
CA GLY A 23 -7.60 9.75 -3.81
C GLY A 23 -6.92 8.95 -4.93
N ALA A 24 -7.72 8.37 -5.83
CA ALA A 24 -7.19 7.52 -6.91
C ALA A 24 -6.14 8.25 -7.76
N ARG A 25 -6.45 9.49 -8.14
CA ARG A 25 -5.53 10.31 -8.96
C ARG A 25 -4.23 10.60 -8.19
N GLN A 26 -4.33 10.77 -6.87
CA GLN A 26 -3.15 11.02 -6.03
C GLN A 26 -2.29 9.76 -5.91
N ILE A 27 -2.94 8.60 -5.72
CA ILE A 27 -2.22 7.33 -5.58
C ILE A 27 -1.48 6.94 -6.87
N GLU A 28 -2.19 6.97 -8.01
CA GLU A 28 -1.56 6.63 -9.30
C GLU A 28 -0.35 7.53 -9.59
N SER A 29 -0.40 8.76 -9.09
CA SER A 29 0.73 9.70 -9.20
C SER A 29 1.97 9.16 -8.46
N TYR A 30 1.75 8.55 -7.31
CA TYR A 30 2.84 7.96 -6.52
C TYR A 30 3.35 6.64 -7.13
N ARG A 31 2.45 5.90 -7.79
CA ARG A 31 2.81 4.63 -8.43
C ARG A 31 3.81 4.83 -9.59
N GLN A 32 4.00 6.08 -9.99
CA GLN A 32 4.91 6.41 -11.09
C GLN A 32 6.34 6.70 -10.60
N GLY A 33 6.62 6.39 -9.33
CA GLY A 33 7.96 6.61 -8.79
C GLY A 33 8.13 6.24 -7.32
N ALA A 34 7.22 6.73 -6.47
CA ALA A 34 7.32 6.49 -5.01
C ALA A 34 7.07 5.03 -4.64
N TRP A 35 6.08 4.40 -5.29
CA TRP A 35 5.78 2.98 -5.05
C TRP A 35 6.88 2.08 -5.67
N ILE A 36 7.47 1.22 -4.84
CA ILE A 36 8.53 0.30 -5.28
C ILE A 36 8.07 -1.17 -5.16
N GLU A 37 8.28 -1.97 -6.20
CA GLU A 37 7.88 -3.38 -6.19
C GLU A 37 8.61 -4.16 -5.08
N GLY A 38 7.92 -5.16 -4.52
CA GLY A 38 8.47 -5.93 -3.40
C GLY A 38 8.43 -5.16 -2.08
N VAL A 39 8.99 -3.96 -2.09
CA VAL A 39 9.07 -3.11 -0.90
C VAL A 39 7.69 -2.55 -0.50
N HIS A 40 7.10 -1.69 -1.33
CA HIS A 40 5.83 -1.02 -0.99
C HIS A 40 4.60 -1.74 -1.59
N PHE A 41 4.81 -2.61 -2.58
CA PHE A 41 3.70 -3.36 -3.21
C PHE A 41 4.22 -4.59 -3.96
N LYS A 42 3.31 -5.42 -4.48
CA LYS A 42 3.71 -6.55 -5.34
C LYS A 42 2.54 -7.03 -6.23
N ARG A 43 2.88 -7.65 -7.37
CA ARG A 43 1.89 -8.15 -8.33
C ARG A 43 1.29 -9.49 -7.88
N VAL A 44 -0.04 -9.53 -7.75
CA VAL A 44 -0.75 -10.78 -7.44
C VAL A 44 -1.46 -11.33 -8.70
N SER A 45 -0.88 -12.37 -9.28
CA SER A 45 -1.45 -13.02 -10.47
C SER A 45 -2.47 -14.10 -10.08
N PRO A 46 -3.41 -14.43 -10.99
CA PRO A 46 -4.49 -15.41 -10.72
C PRO A 46 -4.02 -16.68 -9.96
N SER A 47 -2.95 -17.30 -10.45
CA SER A 47 -2.43 -18.55 -9.86
C SER A 47 -1.14 -18.33 -9.05
N GLY A 48 -0.81 -17.08 -8.76
CA GLY A 48 0.48 -16.78 -8.13
C GLY A 48 1.67 -17.12 -9.02
N GLU A 49 1.43 -17.01 -10.33
CA GLU A 49 2.40 -17.43 -11.35
C GLU A 49 3.43 -16.35 -11.66
N LYS A 50 3.37 -15.23 -10.92
CA LYS A 50 4.32 -14.11 -11.07
C LYS A 50 4.21 -13.40 -12.43
N THR A 51 3.27 -13.83 -13.28
CA THR A 51 3.06 -13.19 -14.59
C THR A 51 2.61 -11.74 -14.44
N LEU A 52 2.94 -10.90 -15.42
CA LEU A 52 2.66 -9.46 -15.36
C LEU A 52 1.15 -9.17 -15.23
N ARG A 53 0.33 -10.00 -15.86
CA ARG A 53 -1.12 -9.80 -15.87
C ARG A 53 -1.75 -10.24 -14.55
N GLY A 54 -1.76 -9.32 -13.59
CA GLY A 54 -2.37 -9.59 -12.28
C GLY A 54 -2.68 -8.31 -11.50
N THR A 55 -3.43 -8.45 -10.40
CA THR A 55 -3.84 -7.29 -9.59
C THR A 55 -2.74 -6.85 -8.63
N THR A 56 -2.51 -5.54 -8.53
CA THR A 56 -1.44 -5.00 -7.69
C THR A 56 -1.94 -4.56 -6.30
N TRP A 57 -1.63 -5.35 -5.29
CA TRP A 57 -1.97 -5.00 -3.90
C TRP A 57 -0.87 -4.12 -3.27
N TYR A 58 -1.27 -3.29 -2.31
CA TYR A 58 -0.34 -2.32 -1.69
C TYR A 58 -0.15 -2.60 -0.19
N ASN A 59 1.06 -2.34 0.30
CA ASN A 59 1.39 -2.53 1.72
C ASN A 59 1.11 -1.26 2.54
N TYR A 60 0.05 -1.30 3.37
CA TYR A 60 -0.36 -0.13 4.16
C TYR A 60 0.77 0.42 5.05
N PRO A 61 1.48 -0.42 5.84
CA PRO A 61 2.58 0.05 6.71
C PRO A 61 3.69 0.77 5.92
N GLU A 62 3.93 0.32 4.70
CA GLU A 62 4.92 0.93 3.80
C GLU A 62 4.45 2.32 3.34
N ILE A 63 3.20 2.41 2.88
CA ILE A 63 2.62 3.67 2.44
C ILE A 63 2.46 4.65 3.62
N ASN A 64 2.13 4.12 4.79
CA ASN A 64 2.03 4.92 6.01
C ASN A 64 3.40 5.53 6.36
N LYS A 65 4.47 4.77 6.11
CA LYS A 65 5.85 5.26 6.30
C LYS A 65 6.13 6.47 5.39
N PHE A 66 5.58 6.43 4.17
CA PHE A 66 5.67 7.56 3.22
C PHE A 66 4.85 8.76 3.74
N ILE A 67 3.57 8.53 4.06
CA ILE A 67 2.69 9.59 4.57
C ILE A 67 3.26 10.23 5.84
N ARG A 68 3.85 9.40 6.71
CA ARG A 68 4.50 9.89 7.94
C ARG A 68 5.60 10.93 7.61
N ASP A 69 6.30 10.72 6.50
CA ASP A 69 7.40 11.60 6.08
C ASP A 69 6.87 12.85 5.34
N SER A 70 5.91 12.63 4.44
CA SER A 70 5.34 13.74 3.63
C SER A 70 4.39 14.63 4.45
N LEU A 71 3.41 14.02 5.09
CA LEU A 71 2.40 14.78 5.86
C LEU A 71 2.94 15.28 7.20
N GLU A 72 3.68 14.41 7.90
CA GLU A 72 4.23 14.70 9.24
C GLU A 72 3.14 14.76 10.34
N HIS A 73 2.10 15.56 10.12
CA HIS A 73 1.03 15.75 11.11
C HIS A 73 0.44 14.40 11.60
N HIS A 74 0.74 14.07 12.86
CA HIS A 74 0.24 12.83 13.47
C HIS A 74 -1.30 12.89 13.65
N HIS A 75 -1.98 11.79 13.39
CA HIS A 75 -3.45 11.78 13.39
C HIS A 75 -4.02 10.40 13.72
N HIS A 76 -5.22 10.37 14.31
CA HIS A 76 -5.92 9.11 14.61
C HIS A 76 -7.36 9.14 14.08
N HIS A 77 -7.88 7.99 13.66
CA HIS A 77 -9.27 7.88 13.23
C HIS A 77 -10.21 7.80 14.44
N HIS A 78 -9.74 7.16 15.52
CA HIS A 78 -10.53 7.03 16.75
C HIS A 78 -9.64 7.12 18.00
N MET A 1 -2.09 -10.51 28.32
CA MET A 1 -1.25 -9.27 28.25
C MET A 1 -0.38 -9.27 26.98
N ALA A 2 0.47 -10.28 26.83
CA ALA A 2 1.33 -10.41 25.64
C ALA A 2 0.52 -10.84 24.40
N GLN A 3 1.03 -10.57 23.20
CA GLN A 3 0.31 -10.86 21.96
C GLN A 3 1.25 -11.11 20.78
N ILE A 4 0.82 -11.97 19.85
CA ILE A 4 1.54 -12.18 18.58
C ILE A 4 0.68 -11.68 17.41
N ILE A 5 0.87 -10.41 17.05
CA ILE A 5 0.07 -9.77 15.99
C ILE A 5 0.95 -9.00 15.00
N PHE A 6 1.17 -9.60 13.84
CA PHE A 6 1.90 -8.95 12.74
C PHE A 6 1.60 -9.63 11.41
N ASN A 7 0.69 -9.05 10.63
CA ASN A 7 0.29 -9.64 9.36
C ASN A 7 0.28 -8.61 8.22
N GLU A 8 1.21 -8.77 7.27
CA GLU A 8 1.26 -7.88 6.11
C GLU A 8 0.13 -8.20 5.13
N GLU A 9 -1.06 -7.68 5.43
CA GLU A 9 -2.24 -7.88 4.59
C GLU A 9 -2.05 -7.31 3.18
N TRP A 10 -1.91 -8.19 2.19
CA TRP A 10 -1.88 -7.77 0.79
C TRP A 10 -3.30 -7.64 0.23
N MET A 11 -3.55 -6.56 -0.53
CA MET A 11 -4.87 -6.32 -1.11
C MET A 11 -4.78 -5.47 -2.39
N VAL A 12 -5.77 -5.61 -3.27
CA VAL A 12 -5.82 -4.82 -4.50
C VAL A 12 -6.16 -3.34 -4.21
N GLU A 13 -5.96 -2.49 -5.20
CA GLU A 13 -6.15 -1.04 -5.05
C GLU A 13 -7.58 -0.71 -4.60
N LYS A 14 -8.57 -1.36 -5.23
CA LYS A 14 -9.98 -1.14 -4.90
C LYS A 14 -10.30 -1.57 -3.45
N ALA A 15 -9.60 -2.59 -2.96
CA ALA A 15 -9.78 -3.05 -1.58
C ALA A 15 -9.04 -2.13 -0.59
N LEU A 16 -7.87 -1.64 -1.02
CA LEU A 16 -7.05 -0.76 -0.19
C LEU A 16 -7.79 0.56 0.11
N MET A 17 -8.38 1.17 -0.92
CA MET A 17 -9.13 2.42 -0.73
C MET A 17 -10.30 2.23 0.25
N VAL A 18 -10.91 1.05 0.26
CA VAL A 18 -12.00 0.75 1.20
C VAL A 18 -11.48 0.63 2.64
N ARG A 19 -10.31 0.01 2.80
CA ARG A 19 -9.66 -0.12 4.13
C ARG A 19 -9.22 1.24 4.69
N THR A 20 -8.61 2.07 3.84
CA THR A 20 -7.98 3.32 4.27
C THR A 20 -8.91 4.53 4.16
N GLY A 21 -9.88 4.46 3.26
CA GLY A 21 -10.80 5.57 3.04
C GLY A 21 -10.37 6.50 1.90
N LEU A 22 -9.27 6.15 1.24
CA LEU A 22 -8.73 6.94 0.13
C LEU A 22 -9.56 6.78 -1.16
N GLY A 23 -9.23 7.57 -2.17
CA GLY A 23 -9.89 7.46 -3.47
C GLY A 23 -8.90 7.27 -4.62
N ALA A 24 -9.41 6.96 -5.81
CA ALA A 24 -8.55 6.68 -6.97
C ALA A 24 -7.55 7.81 -7.25
N ARG A 25 -8.05 9.05 -7.32
CA ARG A 25 -7.20 10.21 -7.62
C ARG A 25 -6.17 10.46 -6.51
N GLN A 26 -6.51 10.10 -5.28
CA GLN A 26 -5.58 10.25 -4.16
C GLN A 26 -4.51 9.14 -4.18
N ILE A 27 -4.93 7.91 -4.46
CA ILE A 27 -4.01 6.77 -4.50
C ILE A 27 -2.97 6.92 -5.62
N GLU A 28 -3.41 7.25 -6.84
CA GLU A 28 -2.49 7.44 -7.98
C GLU A 28 -1.38 8.45 -7.63
N SER A 29 -1.72 9.46 -6.84
CA SER A 29 -0.74 10.43 -6.34
C SER A 29 0.29 9.74 -5.44
N TYR A 30 -0.20 8.98 -4.47
CA TYR A 30 0.67 8.22 -3.55
C TYR A 30 1.56 7.22 -4.32
N ARG A 31 1.02 6.64 -5.39
CA ARG A 31 1.76 5.67 -6.21
C ARG A 31 3.00 6.30 -6.86
N GLN A 32 3.00 7.64 -6.95
CA GLN A 32 4.14 8.38 -7.50
C GLN A 32 4.90 9.17 -6.42
N GLY A 33 4.35 9.23 -5.21
CA GLY A 33 4.97 10.01 -4.14
C GLY A 33 4.79 9.42 -2.75
N ALA A 34 4.93 8.09 -2.64
CA ALA A 34 4.81 7.38 -1.36
C ALA A 34 5.06 5.88 -1.52
N TRP A 35 4.66 5.34 -2.67
CA TRP A 35 4.83 3.91 -2.96
C TRP A 35 6.29 3.54 -3.25
N ILE A 36 6.69 2.36 -2.76
CA ILE A 36 8.06 1.85 -2.93
C ILE A 36 8.02 0.35 -3.27
N GLU A 37 8.81 -0.07 -4.25
CA GLU A 37 8.85 -1.48 -4.69
C GLU A 37 9.19 -2.43 -3.52
N GLY A 38 8.38 -3.49 -3.37
CA GLY A 38 8.63 -4.49 -2.33
C GLY A 38 8.22 -4.04 -0.93
N VAL A 39 8.22 -2.73 -0.69
CA VAL A 39 7.91 -2.19 0.64
C VAL A 39 6.43 -1.78 0.77
N HIS A 40 5.86 -1.19 -0.29
CA HIS A 40 4.46 -0.76 -0.26
C HIS A 40 3.63 -1.41 -1.40
N PHE A 41 4.29 -2.09 -2.33
CA PHE A 41 3.59 -2.78 -3.43
C PHE A 41 4.49 -3.78 -4.15
N LYS A 42 3.87 -4.75 -4.84
CA LYS A 42 4.62 -5.69 -5.67
C LYS A 42 3.74 -6.24 -6.82
N ARG A 43 4.39 -6.64 -7.91
CA ARG A 43 3.70 -7.36 -8.99
C ARG A 43 3.41 -8.82 -8.57
N VAL A 44 2.25 -9.32 -8.96
CA VAL A 44 1.86 -10.71 -8.70
C VAL A 44 1.90 -11.56 -9.97
N SER A 45 2.28 -12.83 -9.82
CA SER A 45 2.43 -13.77 -10.94
C SER A 45 1.17 -13.82 -11.83
N PRO A 46 1.33 -13.68 -13.17
CA PRO A 46 0.19 -13.75 -14.12
C PRO A 46 -0.67 -15.02 -13.95
N SER A 47 -0.03 -16.12 -13.55
CA SER A 47 -0.72 -17.37 -13.19
C SER A 47 -1.40 -18.07 -14.37
N GLY A 48 -1.39 -17.46 -15.56
CA GLY A 48 -2.04 -18.06 -16.71
C GLY A 48 -2.32 -17.08 -17.87
N GLU A 49 -3.60 -16.92 -18.20
CA GLU A 49 -4.01 -16.10 -19.36
C GLU A 49 -3.68 -14.61 -19.19
N LYS A 50 -3.31 -14.20 -17.98
CA LYS A 50 -2.95 -12.80 -17.71
C LYS A 50 -1.73 -12.38 -18.57
N THR A 51 -1.82 -11.22 -19.19
CA THR A 51 -0.74 -10.70 -20.04
C THR A 51 0.47 -10.22 -19.23
N LEU A 52 1.44 -9.59 -19.91
CA LEU A 52 2.66 -9.12 -19.25
C LEU A 52 2.37 -8.04 -18.18
N ARG A 53 1.15 -7.50 -18.21
CA ARG A 53 0.72 -6.48 -17.22
C ARG A 53 0.78 -7.03 -15.78
N GLY A 54 0.25 -8.24 -15.58
CA GLY A 54 0.18 -8.83 -14.24
C GLY A 54 -0.87 -8.16 -13.36
N THR A 55 -0.64 -8.17 -12.04
CA THR A 55 -1.53 -7.52 -11.08
C THR A 55 -0.73 -6.99 -9.88
N THR A 56 -0.99 -5.75 -9.47
CA THR A 56 -0.23 -5.12 -8.37
C THR A 56 -1.03 -5.09 -7.06
N TRP A 57 -0.47 -5.70 -6.02
CA TRP A 57 -1.09 -5.69 -4.68
C TRP A 57 -0.28 -4.78 -3.73
N TYR A 58 -0.99 -4.13 -2.80
CA TYR A 58 -0.36 -3.15 -1.90
C TYR A 58 -0.21 -3.67 -0.45
N ASN A 59 0.79 -3.11 0.26
CA ASN A 59 1.04 -3.45 1.67
C ASN A 59 0.16 -2.61 2.62
N TYR A 60 -0.90 -3.23 3.13
CA TYR A 60 -1.81 -2.56 4.09
C TYR A 60 -1.06 -1.92 5.28
N PRO A 61 -0.17 -2.67 5.99
CA PRO A 61 0.56 -2.12 7.15
C PRO A 61 1.38 -0.86 6.81
N GLU A 62 2.22 -0.93 5.77
CA GLU A 62 3.07 0.20 5.38
C GLU A 62 2.25 1.41 4.88
N ILE A 63 1.03 1.17 4.41
CA ILE A 63 0.15 2.26 3.97
C ILE A 63 -0.57 2.92 5.15
N ASN A 64 -1.12 2.10 6.04
CA ASN A 64 -1.73 2.60 7.29
C ASN A 64 -0.67 3.38 8.09
N LYS A 65 0.54 2.84 8.12
CA LYS A 65 1.71 3.52 8.66
C LYS A 65 1.90 4.92 8.04
N PHE A 66 1.83 4.98 6.70
CA PHE A 66 1.96 6.25 5.99
C PHE A 66 0.87 7.24 6.41
N ILE A 67 -0.34 6.73 6.64
CA ILE A 67 -1.46 7.57 7.13
C ILE A 67 -1.12 8.16 8.51
N ARG A 68 -0.50 7.36 9.37
CA ARG A 68 -0.06 7.82 10.69
C ARG A 68 0.87 9.02 10.55
N ASP A 69 1.98 8.82 9.83
CA ASP A 69 2.96 9.89 9.60
C ASP A 69 2.37 11.02 8.72
N SER A 70 1.30 10.73 8.00
CA SER A 70 0.57 11.77 7.26
C SER A 70 -0.35 12.58 8.19
N LEU A 71 -0.72 11.98 9.32
CA LEU A 71 -1.59 12.62 10.30
C LEU A 71 -0.80 13.49 11.30
N GLU A 72 0.12 12.86 12.04
CA GLU A 72 0.99 13.58 12.98
C GLU A 72 2.06 14.39 12.21
N HIS A 73 1.69 15.61 11.80
CA HIS A 73 2.59 16.47 10.99
C HIS A 73 3.91 16.80 11.71
N HIS A 74 4.95 16.05 11.37
CA HIS A 74 6.31 16.28 11.89
C HIS A 74 7.38 15.89 10.85
N HIS A 75 7.01 14.99 9.94
CA HIS A 75 7.92 14.53 8.87
C HIS A 75 7.74 15.37 7.60
N HIS A 76 8.83 15.98 7.12
CA HIS A 76 8.77 16.78 5.90
C HIS A 76 8.90 15.92 4.64
N HIS A 77 8.20 16.34 3.57
CA HIS A 77 8.22 15.60 2.30
C HIS A 77 9.59 15.68 1.61
N HIS A 78 10.28 14.55 1.52
CA HIS A 78 11.54 14.46 0.78
C HIS A 78 11.30 14.19 -0.71
N MET A 1 6.43 -10.43 26.01
CA MET A 1 5.43 -9.34 26.18
C MET A 1 5.00 -8.75 24.82
N ALA A 2 5.98 -8.37 23.99
CA ALA A 2 5.70 -7.74 22.69
C ALA A 2 5.10 -8.73 21.68
N GLN A 3 3.78 -8.87 21.69
CA GLN A 3 3.08 -9.70 20.69
C GLN A 3 2.70 -8.86 19.47
N ILE A 4 3.18 -9.26 18.30
CA ILE A 4 2.95 -8.50 17.07
C ILE A 4 1.52 -8.68 16.55
N ILE A 5 0.61 -7.84 17.00
CA ILE A 5 -0.77 -7.84 16.49
C ILE A 5 -0.88 -6.92 15.27
N PHE A 6 -0.17 -7.32 14.20
CA PHE A 6 -0.08 -6.53 12.97
C PHE A 6 0.08 -7.46 11.76
N ASN A 7 -0.71 -7.24 10.71
CA ASN A 7 -0.63 -8.04 9.48
C ASN A 7 -0.33 -7.15 8.27
N GLU A 8 -0.28 -7.78 7.09
CA GLU A 8 -0.16 -7.03 5.84
C GLU A 8 -1.43 -7.20 4.99
N GLU A 9 -2.39 -6.29 5.18
CA GLU A 9 -3.63 -6.29 4.38
C GLU A 9 -3.36 -5.86 2.92
N TRP A 10 -3.37 -6.83 2.01
CA TRP A 10 -3.20 -6.55 0.58
C TRP A 10 -4.56 -6.52 -0.13
N MET A 11 -4.91 -5.37 -0.71
CA MET A 11 -6.15 -5.26 -1.49
C MET A 11 -5.91 -4.54 -2.83
N VAL A 12 -6.95 -4.53 -3.69
CA VAL A 12 -6.88 -3.84 -4.97
C VAL A 12 -6.91 -2.31 -4.79
N GLU A 13 -6.51 -1.59 -5.83
CA GLU A 13 -6.38 -0.13 -5.77
C GLU A 13 -7.70 0.56 -5.37
N LYS A 14 -8.81 0.10 -5.94
CA LYS A 14 -10.14 0.63 -5.62
C LYS A 14 -10.47 0.46 -4.13
N ALA A 15 -10.05 -0.66 -3.55
CA ALA A 15 -10.27 -0.92 -2.13
C ALA A 15 -9.25 -0.16 -1.26
N LEU A 16 -8.03 0.00 -1.77
CA LEU A 16 -6.95 0.70 -1.06
C LEU A 16 -7.36 2.15 -0.75
N MET A 17 -7.84 2.87 -1.76
CA MET A 17 -8.28 4.25 -1.57
C MET A 17 -9.39 4.38 -0.53
N VAL A 18 -10.29 3.39 -0.49
CA VAL A 18 -11.42 3.40 0.46
C VAL A 18 -10.95 3.18 1.91
N ARG A 19 -10.11 2.16 2.12
CA ARG A 19 -9.62 1.82 3.46
C ARG A 19 -8.67 2.88 4.04
N THR A 20 -7.96 3.59 3.16
CA THR A 20 -6.98 4.60 3.58
C THR A 20 -7.57 6.01 3.63
N GLY A 21 -8.57 6.27 2.80
CA GLY A 21 -9.15 7.61 2.71
C GLY A 21 -8.61 8.40 1.53
N LEU A 22 -7.74 7.76 0.73
CA LEU A 22 -7.16 8.38 -0.46
C LEU A 22 -8.12 8.29 -1.68
N GLY A 23 -7.66 8.78 -2.82
CA GLY A 23 -8.42 8.68 -4.06
C GLY A 23 -7.54 8.22 -5.22
N ALA A 24 -8.16 7.90 -6.36
CA ALA A 24 -7.42 7.41 -7.54
C ALA A 24 -6.28 8.36 -7.96
N ARG A 25 -6.61 9.64 -8.12
CA ARG A 25 -5.62 10.64 -8.54
C ARG A 25 -4.54 10.86 -7.46
N GLN A 26 -4.92 10.67 -6.20
CA GLN A 26 -3.98 10.73 -5.09
C GLN A 26 -2.97 9.56 -5.14
N ILE A 27 -3.49 8.35 -5.34
CA ILE A 27 -2.65 7.15 -5.39
C ILE A 27 -1.65 7.23 -6.54
N GLU A 28 -2.13 7.51 -7.77
CA GLU A 28 -1.23 7.65 -8.92
C GLU A 28 -0.18 8.76 -8.70
N SER A 29 -0.56 9.81 -7.97
CA SER A 29 0.39 10.88 -7.61
C SER A 29 1.54 10.33 -6.76
N TYR A 30 1.22 9.38 -5.88
CA TYR A 30 2.25 8.72 -5.06
C TYR A 30 2.98 7.60 -5.84
N ARG A 31 2.28 6.98 -6.78
CA ARG A 31 2.86 5.90 -7.60
C ARG A 31 4.02 6.40 -8.48
N GLN A 32 4.12 7.72 -8.62
CA GLN A 32 5.19 8.33 -9.41
C GLN A 32 6.57 8.14 -8.75
N GLY A 33 6.58 7.92 -7.43
CA GLY A 33 7.85 7.75 -6.71
C GLY A 33 7.71 7.14 -5.31
N ALA A 34 6.74 7.63 -4.54
CA ALA A 34 6.55 7.20 -3.13
C ALA A 34 6.24 5.70 -2.99
N TRP A 35 5.58 5.12 -3.98
CA TRP A 35 5.24 3.70 -3.95
C TRP A 35 6.48 2.82 -4.18
N ILE A 36 6.96 2.21 -3.10
CA ILE A 36 8.10 1.29 -3.15
C ILE A 36 7.66 -0.11 -3.62
N GLU A 37 8.28 -0.61 -4.70
CA GLU A 37 7.95 -1.93 -5.23
C GLU A 37 8.25 -3.05 -4.21
N GLY A 38 7.44 -4.10 -4.24
CA GLY A 38 7.58 -5.20 -3.29
C GLY A 38 7.00 -4.87 -1.91
N VAL A 39 7.52 -3.81 -1.29
CA VAL A 39 7.09 -3.40 0.06
C VAL A 39 5.67 -2.81 0.08
N HIS A 40 5.44 -1.77 -0.73
CA HIS A 40 4.14 -1.08 -0.74
C HIS A 40 3.17 -1.64 -1.79
N PHE A 41 3.71 -2.29 -2.83
CA PHE A 41 2.88 -2.93 -3.86
C PHE A 41 3.72 -3.91 -4.69
N LYS A 42 3.09 -4.97 -5.20
CA LYS A 42 3.82 -5.97 -6.01
C LYS A 42 2.94 -6.59 -7.10
N ARG A 43 3.56 -6.92 -8.24
CA ARG A 43 2.84 -7.48 -9.40
C ARG A 43 2.54 -8.98 -9.22
N VAL A 44 1.26 -9.34 -9.19
CA VAL A 44 0.84 -10.74 -9.11
C VAL A 44 0.34 -11.26 -10.47
N SER A 45 0.87 -12.39 -10.92
CA SER A 45 0.53 -12.94 -12.24
C SER A 45 -0.93 -13.43 -12.31
N PRO A 46 -1.53 -13.47 -13.53
CA PRO A 46 -2.88 -14.02 -13.73
C PRO A 46 -2.99 -15.48 -13.28
N SER A 47 -2.01 -16.30 -13.64
CA SER A 47 -1.99 -17.72 -13.26
C SER A 47 -0.61 -18.35 -13.44
N GLY A 48 -0.05 -18.90 -12.36
CA GLY A 48 1.18 -19.68 -12.45
C GLY A 48 2.43 -18.88 -12.81
N GLU A 49 2.76 -18.85 -14.10
CA GLU A 49 4.04 -18.28 -14.58
C GLU A 49 4.14 -16.76 -14.38
N LYS A 50 5.37 -16.26 -14.36
CA LYS A 50 5.65 -14.84 -14.17
C LYS A 50 5.36 -14.03 -15.44
N THR A 51 4.12 -13.60 -15.61
CA THR A 51 3.72 -12.80 -16.78
C THR A 51 3.82 -11.30 -16.50
N LEU A 52 4.14 -10.52 -17.53
CA LEU A 52 4.38 -9.07 -17.41
C LEU A 52 3.09 -8.28 -17.13
N ARG A 53 1.94 -8.91 -17.31
CA ARG A 53 0.64 -8.26 -17.12
C ARG A 53 -0.21 -9.03 -16.10
N GLY A 54 -0.35 -8.48 -14.91
CA GLY A 54 -1.12 -9.14 -13.86
C GLY A 54 -1.78 -8.16 -12.88
N THR A 55 -2.30 -8.69 -11.78
CA THR A 55 -3.01 -7.87 -10.77
C THR A 55 -2.03 -7.27 -9.76
N THR A 56 -2.05 -5.95 -9.62
CA THR A 56 -1.20 -5.24 -8.64
C THR A 56 -1.93 -5.05 -7.31
N TRP A 57 -1.43 -5.68 -6.25
CA TRP A 57 -2.01 -5.55 -4.91
C TRP A 57 -1.19 -4.55 -4.05
N TYR A 58 -1.87 -3.78 -3.21
CA TYR A 58 -1.21 -2.76 -2.39
C TYR A 58 -1.22 -3.13 -0.89
N ASN A 59 -0.13 -2.78 -0.21
CA ASN A 59 0.06 -3.10 1.21
C ASN A 59 -0.56 -2.01 2.11
N TYR A 60 -1.83 -2.20 2.49
CA TYR A 60 -2.58 -1.22 3.30
C TYR A 60 -1.78 -0.71 4.52
N PRO A 61 -1.24 -1.60 5.38
CA PRO A 61 -0.41 -1.18 6.53
C PRO A 61 0.74 -0.24 6.14
N GLU A 62 1.39 -0.50 5.00
CA GLU A 62 2.50 0.33 4.51
C GLU A 62 2.03 1.71 4.01
N ILE A 63 0.83 1.77 3.41
CA ILE A 63 0.25 3.06 3.01
C ILE A 63 -0.19 3.85 4.25
N ASN A 64 -0.96 3.20 5.13
CA ASN A 64 -1.39 3.80 6.40
C ASN A 64 -0.18 4.32 7.19
N LYS A 65 0.84 3.49 7.29
CA LYS A 65 2.12 3.85 7.93
C LYS A 65 2.70 5.15 7.33
N PHE A 66 2.69 5.25 6.00
CA PHE A 66 3.20 6.43 5.29
C PHE A 66 2.46 7.71 5.74
N ILE A 67 1.13 7.66 5.72
CA ILE A 67 0.30 8.79 6.17
C ILE A 67 0.56 9.13 7.66
N ARG A 68 0.37 8.13 8.52
CA ARG A 68 0.52 8.33 9.98
C ARG A 68 1.90 8.92 10.34
N ASP A 69 2.96 8.36 9.77
CA ASP A 69 4.31 8.85 10.04
C ASP A 69 4.51 10.30 9.54
N SER A 70 3.70 10.70 8.56
CA SER A 70 3.71 12.09 8.07
C SER A 70 3.02 13.04 9.06
N LEU A 71 2.04 12.52 9.81
CA LEU A 71 1.37 13.29 10.87
C LEU A 71 2.32 13.54 12.05
N GLU A 72 3.08 12.52 12.42
CA GLU A 72 4.08 12.65 13.50
C GLU A 72 5.19 13.63 13.10
N HIS A 73 5.20 14.79 13.72
CA HIS A 73 6.25 15.79 13.49
C HIS A 73 7.62 15.23 13.89
N HIS A 74 7.61 14.42 14.95
CA HIS A 74 8.75 13.60 15.33
C HIS A 74 8.28 12.23 15.85
N HIS A 75 8.57 11.18 15.09
CA HIS A 75 8.07 9.82 15.36
C HIS A 75 8.25 9.42 16.84
N HIS A 76 7.17 9.49 17.61
CA HIS A 76 7.22 9.27 19.05
C HIS A 76 7.19 7.76 19.41
N HIS A 77 6.55 6.96 18.56
CA HIS A 77 6.45 5.50 18.81
C HIS A 77 7.79 4.77 18.57
N HIS A 78 8.41 4.31 19.65
CA HIS A 78 9.68 3.57 19.55
C HIS A 78 9.88 2.59 20.74
N MET A 1 -1.20 -21.31 24.12
CA MET A 1 -0.22 -21.09 23.02
C MET A 1 0.01 -19.60 22.78
N ALA A 2 1.13 -19.08 23.28
CA ALA A 2 1.47 -17.66 23.12
C ALA A 2 2.60 -17.44 22.10
N GLN A 3 2.23 -17.17 20.86
CA GLN A 3 3.20 -16.91 19.78
C GLN A 3 2.80 -15.69 18.96
N ILE A 4 3.79 -14.98 18.42
CA ILE A 4 3.55 -13.83 17.54
C ILE A 4 3.46 -14.28 16.07
N ILE A 5 2.24 -14.33 15.53
CA ILE A 5 2.03 -14.71 14.13
C ILE A 5 2.41 -13.55 13.20
N PHE A 6 3.43 -13.76 12.37
CA PHE A 6 3.92 -12.72 11.46
C PHE A 6 2.90 -12.40 10.36
N ASN A 7 2.06 -11.40 10.61
CA ASN A 7 0.99 -11.02 9.68
C ASN A 7 1.48 -10.01 8.63
N GLU A 8 0.92 -10.11 7.43
CA GLU A 8 1.25 -9.18 6.34
C GLU A 8 -0.04 -8.62 5.72
N GLU A 9 -0.28 -7.32 5.94
CA GLU A 9 -1.55 -6.69 5.58
C GLU A 9 -1.51 -6.08 4.17
N TRP A 10 -1.73 -6.91 3.16
CA TRP A 10 -1.80 -6.47 1.76
C TRP A 10 -3.26 -6.23 1.35
N MET A 11 -3.48 -5.28 0.43
CA MET A 11 -4.82 -5.02 -0.11
C MET A 11 -4.76 -4.30 -1.47
N VAL A 12 -5.78 -4.53 -2.31
CA VAL A 12 -5.82 -3.94 -3.65
C VAL A 12 -6.12 -2.43 -3.61
N GLU A 13 -5.93 -1.76 -4.75
CA GLU A 13 -6.06 -0.30 -4.85
C GLU A 13 -7.45 0.19 -4.39
N LYS A 14 -8.50 -0.35 -4.99
CA LYS A 14 -9.88 0.07 -4.70
C LYS A 14 -10.22 -0.14 -3.21
N ALA A 15 -9.69 -1.20 -2.62
CA ALA A 15 -9.91 -1.48 -1.19
C ALA A 15 -9.07 -0.54 -0.31
N LEU A 16 -7.83 -0.30 -0.73
CA LEU A 16 -6.90 0.56 0.01
C LEU A 16 -7.48 1.97 0.18
N MET A 17 -7.88 2.60 -0.91
CA MET A 17 -8.43 3.97 -0.87
C MET A 17 -9.59 4.08 0.12
N VAL A 18 -10.46 3.07 0.15
CA VAL A 18 -11.64 3.07 1.05
C VAL A 18 -11.24 2.90 2.53
N ARG A 19 -10.29 2.01 2.80
CA ARG A 19 -9.87 1.71 4.19
C ARG A 19 -8.89 2.76 4.74
N THR A 20 -8.37 3.62 3.87
CA THR A 20 -7.46 4.70 4.30
C THR A 20 -8.15 6.07 4.23
N GLY A 21 -9.11 6.21 3.32
CA GLY A 21 -9.79 7.49 3.11
C GLY A 21 -9.19 8.30 1.98
N LEU A 22 -8.23 7.71 1.27
CA LEU A 22 -7.59 8.36 0.12
C LEU A 22 -8.42 8.21 -1.16
N GLY A 23 -8.16 9.07 -2.13
CA GLY A 23 -8.83 8.97 -3.42
C GLY A 23 -7.89 8.48 -4.53
N ALA A 24 -8.46 7.99 -5.62
CA ALA A 24 -7.66 7.50 -6.76
C ALA A 24 -6.64 8.55 -7.22
N ARG A 25 -7.05 9.82 -7.26
CA ARG A 25 -6.16 10.93 -7.65
C ARG A 25 -4.97 11.07 -6.68
N GLN A 26 -5.21 10.75 -5.41
CA GLN A 26 -4.19 10.92 -4.37
C GLN A 26 -3.18 9.77 -4.39
N ILE A 27 -3.67 8.55 -4.66
CA ILE A 27 -2.80 7.37 -4.76
C ILE A 27 -1.81 7.51 -5.93
N GLU A 28 -2.33 7.86 -7.11
CA GLU A 28 -1.48 8.06 -8.30
C GLU A 28 -0.47 9.19 -8.06
N SER A 29 -0.89 10.23 -7.32
CA SER A 29 0.00 11.33 -6.95
C SER A 29 1.20 10.84 -6.12
N TYR A 30 0.96 9.87 -5.25
CA TYR A 30 2.02 9.26 -4.45
C TYR A 30 2.92 8.35 -5.32
N ARG A 31 2.29 7.62 -6.25
CA ARG A 31 3.02 6.70 -7.13
C ARG A 31 4.00 7.43 -8.06
N GLN A 32 3.91 8.76 -8.11
CA GLN A 32 4.87 9.57 -8.87
C GLN A 32 6.31 9.38 -8.36
N GLY A 33 6.46 9.11 -7.06
CA GLY A 33 7.81 8.89 -6.50
C GLY A 33 7.84 8.63 -5.00
N ALA A 34 6.79 8.01 -4.46
CA ALA A 34 6.77 7.65 -3.03
C ALA A 34 6.54 6.14 -2.84
N TRP A 35 5.92 5.51 -3.83
CA TRP A 35 5.60 4.08 -3.80
C TRP A 35 6.79 3.22 -4.23
N ILE A 36 7.14 2.22 -3.41
CA ILE A 36 8.27 1.32 -3.68
C ILE A 36 7.86 -0.15 -3.53
N GLU A 37 8.29 -1.01 -4.44
CA GLU A 37 7.99 -2.44 -4.35
C GLU A 37 8.73 -3.10 -3.18
N GLY A 38 8.17 -4.19 -2.63
CA GLY A 38 8.72 -4.82 -1.44
C GLY A 38 8.32 -4.09 -0.15
N VAL A 39 8.50 -2.77 -0.14
CA VAL A 39 8.17 -1.94 1.03
C VAL A 39 6.69 -1.56 1.06
N HIS A 40 6.21 -0.90 -0.01
CA HIS A 40 4.84 -0.37 -0.05
C HIS A 40 3.88 -1.25 -0.88
N PHE A 41 4.42 -2.04 -1.82
CA PHE A 41 3.58 -2.93 -2.65
C PHE A 41 4.41 -4.03 -3.31
N LYS A 42 3.75 -5.00 -3.95
CA LYS A 42 4.46 -6.03 -4.72
C LYS A 42 3.58 -6.61 -5.84
N ARG A 43 4.22 -7.24 -6.83
CA ARG A 43 3.49 -7.84 -7.95
C ARG A 43 3.06 -9.29 -7.65
N VAL A 44 1.83 -9.63 -8.02
CA VAL A 44 1.29 -10.98 -7.79
C VAL A 44 1.17 -11.78 -9.09
N SER A 45 1.73 -12.99 -9.10
CA SER A 45 1.72 -13.86 -10.29
C SER A 45 0.48 -14.77 -10.28
N PRO A 46 -0.45 -14.62 -11.24
CA PRO A 46 -1.65 -15.46 -11.34
C PRO A 46 -1.34 -16.89 -11.84
N SER A 47 -0.87 -17.75 -10.94
CA SER A 47 -0.49 -19.13 -11.28
C SER A 47 0.55 -19.16 -12.41
N GLY A 48 1.42 -18.16 -12.44
CA GLY A 48 2.36 -17.99 -13.54
C GLY A 48 2.04 -16.76 -14.38
N GLU A 49 3.00 -15.85 -14.52
CA GLU A 49 2.76 -14.58 -15.21
C GLU A 49 2.60 -14.75 -16.73
N LYS A 50 1.40 -15.15 -17.16
CA LYS A 50 1.06 -15.19 -18.58
C LYS A 50 0.01 -14.12 -18.93
N THR A 51 -0.21 -13.21 -17.98
CA THR A 51 -1.12 -12.07 -18.18
C THR A 51 -0.33 -10.76 -18.22
N LEU A 52 -0.79 -9.82 -19.03
CA LEU A 52 -0.15 -8.50 -19.11
C LEU A 52 -0.78 -7.52 -18.11
N ARG A 53 -1.72 -8.02 -17.30
CA ARG A 53 -2.42 -7.19 -16.31
C ARG A 53 -2.20 -7.72 -14.88
N GLY A 54 -1.05 -7.38 -14.31
CA GLY A 54 -0.74 -7.84 -12.95
C GLY A 54 -1.51 -7.06 -11.87
N THR A 55 -2.12 -7.80 -10.93
CA THR A 55 -2.83 -7.17 -9.80
C THR A 55 -1.85 -6.83 -8.67
N THR A 56 -1.70 -5.53 -8.40
CA THR A 56 -0.76 -5.06 -7.39
C THR A 56 -1.42 -4.94 -6.01
N TRP A 57 -0.81 -5.56 -5.01
CA TRP A 57 -1.28 -5.47 -3.62
C TRP A 57 -0.40 -4.53 -2.80
N TYR A 58 -1.02 -3.62 -2.05
CA TYR A 58 -0.30 -2.61 -1.27
C TYR A 58 -0.28 -2.95 0.23
N ASN A 59 0.80 -2.58 0.92
CA ASN A 59 0.92 -2.73 2.38
C ASN A 59 0.16 -1.62 3.11
N TYR A 60 -0.99 -1.97 3.70
CA TYR A 60 -1.80 -1.02 4.47
C TYR A 60 -1.00 -0.30 5.56
N PRO A 61 -0.24 -1.03 6.43
CA PRO A 61 0.53 -0.39 7.52
C PRO A 61 1.57 0.63 7.03
N GLU A 62 2.27 0.28 5.96
CA GLU A 62 3.30 1.17 5.39
C GLU A 62 2.68 2.44 4.79
N ILE A 63 1.55 2.30 4.13
CA ILE A 63 0.84 3.46 3.59
C ILE A 63 0.27 4.33 4.72
N ASN A 64 -0.28 3.68 5.75
CA ASN A 64 -0.78 4.39 6.94
C ASN A 64 0.36 5.16 7.63
N LYS A 65 1.53 4.53 7.72
CA LYS A 65 2.72 5.19 8.26
C LYS A 65 3.08 6.43 7.44
N PHE A 66 2.99 6.31 6.11
CA PHE A 66 3.21 7.46 5.21
C PHE A 66 2.16 8.56 5.45
N ILE A 67 0.91 8.14 5.71
CA ILE A 67 -0.16 9.09 6.05
C ILE A 67 0.21 9.89 7.31
N ARG A 68 0.72 9.20 8.33
CA ARG A 68 1.20 9.87 9.56
C ARG A 68 2.28 10.90 9.21
N ASP A 69 3.28 10.46 8.46
CA ASP A 69 4.41 11.28 8.05
C ASP A 69 3.96 12.55 7.30
N SER A 70 2.88 12.41 6.52
CA SER A 70 2.35 13.53 5.71
C SER A 70 1.41 14.45 6.50
N LEU A 71 0.49 13.87 7.27
CA LEU A 71 -0.59 14.62 7.91
C LEU A 71 -0.13 15.41 9.14
N GLU A 72 0.78 14.84 9.93
CA GLU A 72 1.28 15.51 11.14
C GLU A 72 1.89 16.88 10.80
N HIS A 73 1.13 17.95 11.02
CA HIS A 73 1.55 19.31 10.64
C HIS A 73 2.54 19.90 11.66
N HIS A 74 3.81 19.52 11.56
CA HIS A 74 4.85 20.05 12.46
C HIS A 74 5.83 20.96 11.71
N HIS A 75 5.61 21.15 10.41
CA HIS A 75 6.50 21.99 9.58
C HIS A 75 5.83 22.35 8.25
N HIS A 76 5.61 23.64 8.01
CA HIS A 76 4.96 24.11 6.77
C HIS A 76 5.97 24.62 5.73
N HIS A 77 5.83 24.17 4.49
CA HIS A 77 6.60 24.73 3.37
C HIS A 77 5.65 25.46 2.39
N HIS A 78 4.37 25.51 2.77
CA HIS A 78 3.34 26.24 2.01
C HIS A 78 2.63 27.27 2.91
#